data_8QYK
#
_entry.id   8QYK
#
_cell.length_a   1.00
_cell.length_b   1.00
_cell.length_c   1.00
_cell.angle_alpha   90.00
_cell.angle_beta   90.00
_cell.angle_gamma   90.00
#
_symmetry.space_group_name_H-M   'P 1'
#
loop_
_entity.id
_entity.type
_entity.pdbx_description
1 polymer 'Anti-phage defense ZorAB system ZorA'
2 polymer 'Membrane protein'
3 non-polymer CARDIOLIPIN
4 non-polymer 1,2-dioleoyl-sn-glycero-3-phosphoethanolamine
5 non-polymer 'CALCIUM ION'
6 water water
#
loop_
_entity_poly.entity_id
_entity_poly.type
_entity_poly.pdbx_seq_one_letter_code
_entity_poly.pdbx_strand_id
1 'polypeptide(L)'
;MSWLNSILVTLTSVEPYKVPVTVIVTVTFAFVCFIFFYLLRSIRIIYGLKKYTRSINSIEKSAPEVQLEHLKSLFQRSEL
KHAWNEFEESLHSQYELENGEEKIVRIRATAPSASFFSEQQLVDIPLNTEFFKHLPGILTGMGIIGTFYGLMIGLNHFDP
STPEQVSSSVNNLLRDVLYAFLGSAFAIFASILVTWLEKLSIAKSYKYLEKFTAALDSLYDSGVGEEYLASLVKSSNESA
TQARHLKESLVTDLRDMLLHLAESQKIENERLANTLSATYRESGSQFADQVSGAIENSLKSPLDKIAGAVQTASGDQSGM
VQNMLQNVLTAFMAKLDTTFGQQFTNLNEMMGQTVGAIQSAGSSLSLATSELTSVVADYRNNREAVSKSIAMLELLAANT
QSEQTTRNQFIADLKQHGERLQSYNREAQVFMENVSDVLGKGFEDFSEGVSRSLDKTLGKLDVEMAKASNLLAGSVEQLG
ESVSELDDVLSRVRT
;
A,B,C,D,E
2 'polypeptide(L)'
;MFGNAFGVKKRRSDEAEKPFWISYADLMTAMMVLFLVVMVASLSSVTQRIQRAEQGEKARGQDISRLCERLELHARNVNK
NIVVDCHDNRISFGEAGRFAHNQFFLNAEGQKALQDVVPLVLEASNSEEGKKWFKQIVIEGFTDTDGSYLYNLHLSLQRS
EWVMCSLLDSRSPLQKNISAEQQLQIRKLFLAGGVSFNNAKESKEASRRVELRMQFFGLKDKRDKADEVDFPPVVNKEVC
QLVMPL
;
F,G
#
# COMPACT_ATOMS: atom_id res chain seq x y z
N MET A 1 9.94 30.45 -19.37
CA MET A 1 9.30 31.45 -18.54
C MET A 1 10.29 32.00 -17.51
N SER A 2 10.40 33.33 -17.44
CA SER A 2 11.32 33.95 -16.50
C SER A 2 10.87 33.71 -15.06
N TRP A 3 9.55 33.69 -14.83
CA TRP A 3 9.02 33.49 -13.49
C TRP A 3 9.41 32.13 -12.94
N LEU A 4 9.29 31.09 -13.78
CA LEU A 4 9.61 29.74 -13.32
C LEU A 4 11.11 29.60 -13.05
N ASN A 5 11.95 30.19 -13.90
CA ASN A 5 13.39 30.15 -13.67
C ASN A 5 13.76 30.89 -12.39
N SER A 6 13.11 32.03 -12.13
CA SER A 6 13.34 32.75 -10.89
C SER A 6 12.93 31.91 -9.68
N ILE A 7 11.79 31.23 -9.78
CA ILE A 7 11.36 30.34 -8.71
C ILE A 7 12.38 29.24 -8.47
N LEU A 8 12.89 28.63 -9.54
CA LEU A 8 13.86 27.56 -9.39
C LEU A 8 15.17 28.06 -8.78
N VAL A 9 15.66 29.21 -9.24
CA VAL A 9 16.91 29.69 -8.67
C VAL A 9 16.72 30.10 -7.22
N THR A 10 15.51 30.56 -6.85
CA THR A 10 15.24 30.83 -5.44
C THR A 10 15.24 29.54 -4.62
N LEU A 11 14.56 28.51 -5.10
CA LEU A 11 14.47 27.26 -4.34
C LEU A 11 15.83 26.59 -4.21
N THR A 12 16.60 26.56 -5.29
CA THR A 12 17.86 25.84 -5.30
C THR A 12 19.01 26.64 -4.70
N SER A 13 18.83 27.93 -4.43
CA SER A 13 19.89 28.74 -3.85
C SER A 13 20.05 28.51 -2.36
N VAL A 14 19.06 27.90 -1.70
CA VAL A 14 19.14 27.71 -0.26
C VAL A 14 20.25 26.72 0.06
N GLU A 15 20.91 26.92 1.19
CA GLU A 15 21.96 26.00 1.61
C GLU A 15 21.37 24.61 1.84
N PRO A 16 22.02 23.56 1.34
CA PRO A 16 21.39 22.23 1.39
C PRO A 16 21.17 21.70 2.79
N TYR A 17 21.90 22.18 3.80
CA TYR A 17 21.68 21.67 5.14
C TYR A 17 20.35 22.17 5.71
N LYS A 18 19.84 23.26 5.18
CA LYS A 18 18.60 23.85 5.69
C LYS A 18 17.37 23.01 5.40
N VAL A 19 17.45 22.10 4.42
CA VAL A 19 16.31 21.24 4.11
C VAL A 19 16.13 20.19 5.19
N PRO A 20 17.14 19.34 5.49
CA PRO A 20 16.96 18.41 6.61
C PRO A 20 16.76 19.10 7.94
N VAL A 21 17.37 20.27 8.14
CA VAL A 21 17.16 21.01 9.39
C VAL A 21 15.69 21.42 9.52
N THR A 22 15.12 21.94 8.43
CA THR A 22 13.71 22.31 8.45
C THR A 22 12.82 21.09 8.66
N VAL A 23 13.11 19.99 7.98
CA VAL A 23 12.33 18.78 8.16
C VAL A 23 12.38 18.32 9.62
N ILE A 24 13.59 18.29 10.20
CA ILE A 24 13.75 17.82 11.56
C ILE A 24 13.03 18.74 12.53
N VAL A 25 13.16 20.05 12.35
CA VAL A 25 12.54 21.00 13.27
C VAL A 25 11.02 20.93 13.19
N THR A 26 10.47 20.89 11.98
CA THR A 26 9.02 20.83 11.85
C THR A 26 8.46 19.51 12.36
N VAL A 27 9.17 18.41 12.11
CA VAL A 27 8.74 17.11 12.61
C VAL A 27 8.81 17.08 14.14
N THR A 28 9.86 17.66 14.72
CA THR A 28 9.99 17.74 16.16
C THR A 28 8.90 18.61 16.76
N PHE A 29 8.56 19.72 16.11
CA PHE A 29 7.47 20.56 16.58
C PHE A 29 6.14 19.80 16.56
N ALA A 30 5.87 19.07 15.47
CA ALA A 30 4.67 18.26 15.41
C ALA A 30 4.67 17.19 16.50
N PHE A 31 5.83 16.58 16.75
CA PHE A 31 5.92 15.58 17.80
C PHE A 31 5.65 16.17 19.17
N VAL A 32 6.21 17.35 19.45
CA VAL A 32 6.01 17.98 20.75
C VAL A 32 4.56 18.38 20.93
N CYS A 33 3.92 18.87 19.85
CA CYS A 33 2.50 19.17 19.92
C CYS A 33 1.69 17.90 20.17
N PHE A 34 2.09 16.79 19.55
CA PHE A 34 1.41 15.52 19.82
C PHE A 34 1.57 15.12 21.28
N ILE A 35 2.78 15.24 21.82
CA ILE A 35 3.02 14.87 23.22
C ILE A 35 2.16 15.72 24.14
N PHE A 36 2.12 17.02 23.89
CA PHE A 36 1.45 17.93 24.82
C PHE A 36 -0.07 17.85 24.71
N PHE A 37 -0.60 17.84 23.48
CA PHE A 37 -2.04 17.90 23.28
C PHE A 37 -2.72 16.55 23.24
N TYR A 38 -1.99 15.47 22.97
CA TYR A 38 -2.58 14.14 22.87
C TYR A 38 -2.09 13.21 23.96
N LEU A 39 -0.77 13.02 24.08
CA LEU A 39 -0.24 11.98 24.96
C LEU A 39 -0.44 12.34 26.43
N LEU A 40 -0.02 13.54 26.84
CA LEU A 40 -0.21 13.94 28.22
C LEU A 40 -1.70 14.05 28.55
N ARG A 41 -2.48 14.55 27.60
CA ARG A 41 -3.93 14.64 27.79
C ARG A 41 -4.55 13.26 27.95
N SER A 42 -4.12 12.29 27.13
CA SER A 42 -4.64 10.94 27.25
C SER A 42 -4.24 10.30 28.58
N ILE A 43 -3.01 10.57 29.04
CA ILE A 43 -2.57 10.04 30.33
C ILE A 43 -3.41 10.62 31.46
N ARG A 44 -3.70 11.92 31.40
CA ARG A 44 -4.56 12.54 32.40
C ARG A 44 -5.96 11.93 32.37
N ILE A 45 -6.49 11.70 31.16
CA ILE A 45 -7.82 11.11 31.02
C ILE A 45 -7.84 9.72 31.64
N ILE A 46 -6.80 8.91 31.38
CA ILE A 46 -6.75 7.56 31.92
C ILE A 46 -6.66 7.59 33.45
N TYR A 47 -5.81 8.47 33.98
CA TYR A 47 -5.68 8.59 35.43
C TYR A 47 -6.99 8.99 36.09
N GLY A 48 -7.68 9.99 35.49
CA GLY A 48 -8.97 10.39 36.01
C GLY A 48 -10.01 9.29 35.91
N LEU A 49 -10.00 8.54 34.82
CA LEU A 49 -10.94 7.42 34.68
C LEU A 49 -10.70 6.37 35.75
N LYS A 50 -9.43 6.06 36.05
CA LYS A 50 -9.13 5.11 37.11
C LYS A 50 -9.62 5.61 38.46
N LYS A 51 -9.39 6.89 38.75
CA LYS A 51 -9.82 7.42 40.04
C LYS A 51 -11.35 7.43 40.15
N TYR A 52 -12.04 7.78 39.07
CA TYR A 52 -13.50 7.75 39.07
C TYR A 52 -14.02 6.33 39.24
N THR A 53 -13.37 5.36 38.59
CA THR A 53 -13.79 3.96 38.75
C THR A 53 -13.60 3.51 40.19
N ARG A 54 -12.51 3.92 40.84
CA ARG A 54 -12.34 3.60 42.24
C ARG A 54 -13.43 4.23 43.10
N SER A 55 -13.77 5.49 42.83
CA SER A 55 -14.80 6.16 43.61
C SER A 55 -16.16 5.49 43.44
N ILE A 56 -16.50 5.08 42.21
CA ILE A 56 -17.76 4.40 41.95
C ILE A 56 -17.82 3.06 42.68
N ASN A 57 -16.71 2.31 42.65
CA ASN A 57 -16.67 1.03 43.34
C ASN A 57 -16.77 1.18 44.86
N SER A 58 -16.51 2.38 45.39
CA SER A 58 -16.60 2.60 46.83
C SER A 58 -18.03 2.78 47.32
N ILE A 59 -19.01 2.93 46.42
CA ILE A 59 -20.39 3.15 46.83
C ILE A 59 -21.30 2.06 46.28
N GLU A 60 -20.74 0.87 46.04
CA GLU A 60 -21.55 -0.22 45.52
C GLU A 60 -22.66 -0.62 46.50
N LYS A 61 -22.35 -0.65 47.78
CA LYS A 61 -23.28 -1.12 48.81
C LYS A 61 -23.87 0.04 49.61
N SER A 62 -24.08 1.18 48.96
CA SER A 62 -24.69 2.34 49.59
C SER A 62 -26.14 2.46 49.17
N ALA A 63 -26.88 3.30 49.90
CA ALA A 63 -28.27 3.56 49.59
C ALA A 63 -28.38 4.31 48.25
N PRO A 64 -29.50 4.15 47.53
CA PRO A 64 -29.60 4.81 46.21
C PRO A 64 -29.46 6.32 46.26
N GLU A 65 -30.02 6.98 47.28
CA GLU A 65 -29.89 8.43 47.33
C GLU A 65 -28.47 8.84 47.75
N VAL A 66 -27.85 8.07 48.63
CA VAL A 66 -26.46 8.31 49.00
C VAL A 66 -25.56 8.13 47.79
N GLN A 67 -25.78 7.05 47.02
CA GLN A 67 -25.04 6.83 45.79
C GLN A 67 -25.25 7.98 44.82
N LEU A 68 -26.48 8.44 44.68
CA LEU A 68 -26.80 9.49 43.72
C LEU A 68 -26.12 10.79 44.09
N GLU A 69 -26.13 11.15 45.37
CA GLU A 69 -25.43 12.35 45.82
C GLU A 69 -23.92 12.22 45.65
N HIS A 70 -23.37 11.05 45.96
CA HIS A 70 -21.93 10.84 45.79
C HIS A 70 -21.53 10.98 44.34
N LEU A 71 -22.31 10.42 43.42
CA LEU A 71 -21.98 10.50 42.00
C LEU A 71 -22.18 11.92 41.47
N LYS A 72 -23.19 12.63 41.98
CA LYS A 72 -23.36 14.02 41.57
C LYS A 72 -22.19 14.89 42.01
N SER A 73 -21.75 14.72 43.26
CA SER A 73 -20.61 15.50 43.72
C SER A 73 -19.30 15.06 43.07
N LEU A 74 -19.23 13.81 42.60
CA LEU A 74 -17.99 13.30 42.03
C LEU A 74 -17.73 13.88 40.64
N PHE A 75 -18.76 13.98 39.81
CA PHE A 75 -18.58 14.35 38.40
C PHE A 75 -18.70 15.87 38.27
N GLN A 76 -17.57 16.52 38.01
CA GLN A 76 -17.53 17.97 37.91
C GLN A 76 -16.81 18.50 36.67
N ARG A 77 -15.95 17.71 36.02
CA ARG A 77 -15.43 18.11 34.73
C ARG A 77 -16.57 18.26 33.73
N SER A 78 -16.47 19.29 32.89
CA SER A 78 -17.62 19.76 32.12
C SER A 78 -18.24 18.63 31.31
N GLU A 79 -17.43 17.88 30.56
CA GLU A 79 -17.97 16.81 29.74
C GLU A 79 -18.52 15.68 30.60
N LEU A 80 -17.82 15.31 31.68
CA LEU A 80 -18.37 14.29 32.57
C LEU A 80 -19.52 14.81 33.42
N LYS A 81 -19.53 16.10 33.75
CA LYS A 81 -20.69 16.67 34.43
C LYS A 81 -21.93 16.57 33.55
N HIS A 82 -21.79 16.93 32.26
CA HIS A 82 -22.91 16.81 31.34
C HIS A 82 -23.31 15.35 31.13
N ALA A 83 -22.33 14.46 30.98
CA ALA A 83 -22.62 13.06 30.81
C ALA A 83 -23.35 12.50 32.02
N TRP A 84 -22.94 12.91 33.22
CA TRP A 84 -23.63 12.46 34.43
C TRP A 84 -25.05 12.99 34.49
N ASN A 85 -25.26 14.26 34.12
CA ASN A 85 -26.61 14.81 34.14
C ASN A 85 -27.53 14.05 33.19
N GLU A 86 -27.04 13.77 31.98
CA GLU A 86 -27.85 13.03 31.02
C GLU A 86 -28.11 11.61 31.48
N PHE A 87 -27.08 10.95 32.02
CA PHE A 87 -27.23 9.59 32.53
C PHE A 87 -28.22 9.55 33.68
N GLU A 88 -28.17 10.55 34.57
CA GLU A 88 -29.11 10.60 35.68
C GLU A 88 -30.53 10.81 35.19
N GLU A 89 -30.70 11.57 34.10
CA GLU A 89 -32.02 11.61 33.45
C GLU A 89 -32.43 10.21 32.99
N SER A 90 -31.47 9.43 32.48
CA SER A 90 -31.83 8.09 31.99
C SER A 90 -32.16 7.13 33.13
N LEU A 91 -31.73 7.43 34.36
CA LEU A 91 -32.06 6.57 35.49
C LEU A 91 -33.51 6.75 35.90
N HIS A 92 -34.17 5.63 36.22
CA HIS A 92 -35.56 5.64 36.65
C HIS A 92 -35.61 5.33 38.14
N SER A 93 -36.10 6.28 38.92
CA SER A 93 -36.24 6.09 40.36
C SER A 93 -37.61 5.49 40.65
N GLN A 94 -37.61 4.36 41.36
CA GLN A 94 -38.86 3.69 41.72
C GLN A 94 -39.26 4.14 43.12
N TYR A 95 -40.47 4.67 43.25
CA TYR A 95 -40.96 5.24 44.49
C TYR A 95 -41.93 4.30 45.20
N GLU A 96 -41.89 4.32 46.52
CA GLU A 96 -42.87 3.62 47.34
C GLU A 96 -43.32 4.54 48.47
N LEU A 97 -44.60 4.46 48.80
CA LEU A 97 -45.18 5.28 49.87
C LEU A 97 -44.84 4.64 51.20
N GLU A 98 -43.83 5.19 51.88
CA GLU A 98 -43.39 4.67 53.17
C GLU A 98 -43.53 5.76 54.22
N ASN A 99 -44.21 5.42 55.32
CA ASN A 99 -44.41 6.34 56.45
C ASN A 99 -45.06 7.64 55.99
N GLY A 100 -46.01 7.55 55.07
CA GLY A 100 -46.75 8.70 54.61
C GLY A 100 -46.04 9.56 53.57
N GLU A 101 -44.84 9.18 53.15
CA GLU A 101 -44.10 9.96 52.17
C GLU A 101 -43.58 9.03 51.07
N GLU A 102 -43.31 9.63 49.91
CA GLU A 102 -42.72 8.89 48.81
C GLU A 102 -41.21 8.90 48.93
N LYS A 103 -40.62 7.71 49.03
CA LYS A 103 -39.19 7.54 49.18
C LYS A 103 -38.65 6.69 48.04
N ILE A 104 -37.46 7.06 47.56
CA ILE A 104 -36.79 6.27 46.54
C ILE A 104 -36.31 4.98 47.18
N VAL A 105 -36.85 3.85 46.72
CA VAL A 105 -36.43 2.55 47.22
C VAL A 105 -35.48 1.85 46.25
N ARG A 106 -35.41 2.30 45.01
CA ARG A 106 -34.61 1.63 43.99
C ARG A 106 -34.44 2.59 42.82
N ILE A 107 -33.26 2.54 42.19
CA ILE A 107 -32.99 3.31 40.98
C ILE A 107 -32.67 2.33 39.87
N ARG A 108 -33.39 2.45 38.75
CA ARG A 108 -33.31 1.50 37.66
C ARG A 108 -32.66 2.15 36.45
N ALA A 109 -31.82 1.38 35.76
CA ALA A 109 -31.16 1.84 34.56
C ALA A 109 -32.05 1.60 33.34
N THR A 110 -32.10 2.58 32.45
CA THR A 110 -32.82 2.43 31.19
C THR A 110 -31.90 2.39 29.98
N ALA A 111 -30.67 2.86 30.11
CA ALA A 111 -29.70 2.89 29.02
C ALA A 111 -28.34 2.49 29.55
N PRO A 112 -27.47 1.95 28.71
CA PRO A 112 -26.08 1.73 29.12
C PRO A 112 -25.40 3.06 29.42
N SER A 113 -24.54 3.05 30.43
CA SER A 113 -23.82 4.26 30.81
C SER A 113 -22.92 4.76 29.68
N ALA A 114 -22.53 3.86 28.77
CA ALA A 114 -21.67 4.25 27.65
C ALA A 114 -22.39 5.17 26.66
N SER A 115 -23.73 5.16 26.66
CA SER A 115 -24.47 6.07 25.80
C SER A 115 -24.21 7.53 26.14
N PHE A 116 -23.80 7.82 27.36
CA PHE A 116 -23.53 9.18 27.79
C PHE A 116 -22.07 9.42 28.10
N PHE A 117 -21.41 8.48 28.79
CA PHE A 117 -19.96 8.51 28.96
C PHE A 117 -19.31 7.80 27.77
N SER A 118 -19.53 8.38 26.59
CA SER A 118 -19.15 7.74 25.34
C SER A 118 -17.66 7.90 25.05
N GLU A 119 -17.16 7.05 24.17
CA GLU A 119 -15.77 7.17 23.74
C GLU A 119 -15.54 8.48 23.00
N GLN A 120 -16.52 8.90 22.19
CA GLN A 120 -16.40 10.19 21.51
C GLN A 120 -16.20 11.32 22.50
N GLN A 121 -17.20 11.56 23.35
CA GLN A 121 -17.23 12.75 24.20
C GLN A 121 -16.10 12.76 25.22
N LEU A 122 -15.69 11.58 25.70
CA LEU A 122 -14.71 11.52 26.77
C LEU A 122 -13.29 11.25 26.29
N VAL A 123 -13.11 10.80 25.04
CA VAL A 123 -11.77 10.48 24.56
C VAL A 123 -11.49 11.18 23.24
N ASP A 124 -12.34 10.96 22.25
CA ASP A 124 -11.98 11.29 20.87
C ASP A 124 -11.95 12.79 20.64
N ILE A 125 -12.88 13.52 21.24
CA ILE A 125 -12.94 14.97 21.08
C ILE A 125 -11.90 15.64 21.97
N PRO A 126 -11.77 15.29 23.27
CA PRO A 126 -10.69 15.90 24.05
C PRO A 126 -9.31 15.63 23.49
N LEU A 127 -9.09 14.45 22.90
CA LEU A 127 -7.80 14.14 22.30
C LEU A 127 -7.68 14.61 20.85
N ASN A 128 -8.78 15.11 20.27
CA ASN A 128 -8.79 15.54 18.87
C ASN A 128 -8.28 14.43 17.95
N THR A 129 -8.78 13.21 18.18
CA THR A 129 -8.33 12.07 17.39
C THR A 129 -8.65 12.25 15.91
N GLU A 130 -9.70 13.00 15.58
CA GLU A 130 -10.02 13.26 14.18
C GLU A 130 -8.91 14.01 13.45
N PHE A 131 -8.00 14.66 14.19
CA PHE A 131 -6.80 15.22 13.60
C PHE A 131 -5.57 14.33 13.79
N PHE A 132 -5.33 13.88 15.02
CA PHE A 132 -4.06 13.24 15.35
C PHE A 132 -3.90 11.87 14.73
N LYS A 133 -4.99 11.17 14.40
CA LYS A 133 -4.85 9.91 13.69
C LYS A 133 -4.25 10.11 12.30
N HIS A 134 -4.27 11.32 11.76
CA HIS A 134 -3.69 11.61 10.46
C HIS A 134 -2.32 12.26 10.56
N LEU A 135 -1.81 12.49 11.77
CA LEU A 135 -0.50 13.12 11.92
C LEU A 135 0.65 12.28 11.38
N PRO A 136 0.72 10.96 11.58
CA PRO A 136 1.85 10.21 10.98
C PRO A 136 1.93 10.34 9.48
N GLY A 137 0.79 10.38 8.79
CA GLY A 137 0.81 10.62 7.35
C GLY A 137 1.37 11.98 7.01
N ILE A 138 1.03 13.00 7.81
CA ILE A 138 1.58 14.33 7.60
C ILE A 138 3.09 14.34 7.79
N LEU A 139 3.57 13.63 8.82
CA LEU A 139 5.01 13.56 9.07
C LEU A 139 5.73 12.88 7.91
N THR A 140 5.18 11.77 7.42
CA THR A 140 5.81 11.08 6.28
C THR A 140 5.78 11.95 5.04
N GLY A 141 4.69 12.71 4.84
CA GLY A 141 4.64 13.62 3.72
C GLY A 141 5.68 14.72 3.82
N MET A 142 5.93 15.21 5.04
CA MET A 142 6.98 16.21 5.23
C MET A 142 8.35 15.63 4.91
N GLY A 143 8.60 14.39 5.32
CA GLY A 143 9.83 13.71 4.93
C GLY A 143 9.96 13.55 3.42
N ILE A 144 8.85 13.25 2.76
CA ILE A 144 8.85 13.10 1.31
C ILE A 144 9.14 14.45 0.63
N ILE A 145 8.57 15.53 1.14
CA ILE A 145 8.87 16.86 0.61
C ILE A 145 10.36 17.15 0.76
N GLY A 146 10.92 16.84 1.93
CA GLY A 146 12.35 17.04 2.12
C GLY A 146 13.18 16.23 1.15
N THR A 147 12.78 14.98 0.91
CA THR A 147 13.52 14.13 -0.04
C THR A 147 13.46 14.70 -1.45
N PHE A 148 12.26 15.09 -1.90
CA PHE A 148 12.10 15.67 -3.23
C PHE A 148 12.95 16.93 -3.38
N TYR A 149 12.90 17.80 -2.38
CA TYR A 149 13.55 19.10 -2.53
C TYR A 149 15.06 18.98 -2.40
N GLY A 150 15.53 18.06 -1.57
CA GLY A 150 16.96 17.77 -1.52
C GLY A 150 17.48 17.13 -2.79
N LEU A 151 16.69 16.24 -3.40
CA LEU A 151 17.09 15.69 -4.70
C LEU A 151 17.12 16.78 -5.76
N MET A 152 16.16 17.71 -5.74
CA MET A 152 16.21 18.84 -6.64
C MET A 152 17.48 19.65 -6.46
N ILE A 153 17.86 19.93 -5.22
CA ILE A 153 19.09 20.69 -4.97
C ILE A 153 20.31 19.91 -5.47
N GLY A 154 20.35 18.61 -5.21
CA GLY A 154 21.47 17.80 -5.67
C GLY A 154 21.57 17.76 -7.18
N LEU A 155 20.44 17.66 -7.87
CA LEU A 155 20.45 17.69 -9.33
C LEU A 155 20.81 19.05 -9.87
N ASN A 156 20.43 20.13 -9.17
CA ASN A 156 20.81 21.46 -9.62
C ASN A 156 22.31 21.68 -9.51
N HIS A 157 22.91 21.24 -8.39
CA HIS A 157 24.35 21.40 -8.24
C HIS A 157 25.12 20.58 -9.25
N PHE A 158 24.54 19.50 -9.76
CA PHE A 158 25.24 18.61 -10.67
C PHE A 158 25.24 19.22 -12.06
N ASP A 159 26.29 19.98 -12.36
CA ASP A 159 26.53 20.53 -13.69
C ASP A 159 28.03 20.74 -13.85
N PRO A 160 28.82 19.66 -13.91
CA PRO A 160 30.28 19.83 -13.93
C PRO A 160 30.80 20.48 -15.20
N SER A 161 30.36 19.98 -16.36
CA SER A 161 30.74 20.52 -17.67
C SER A 161 32.24 20.54 -17.88
N THR A 162 32.99 19.79 -17.07
CA THR A 162 34.45 19.73 -17.14
C THR A 162 34.92 18.47 -16.44
N PRO A 163 35.76 17.65 -17.08
CA PRO A 163 36.19 16.40 -16.43
C PRO A 163 36.94 16.60 -15.14
N GLU A 164 37.57 17.77 -14.96
CA GLU A 164 38.30 18.04 -13.72
C GLU A 164 37.36 18.15 -12.53
N GLN A 165 36.21 18.80 -12.70
CA GLN A 165 35.32 19.12 -11.59
C GLN A 165 34.15 18.15 -11.48
N VAL A 166 34.26 16.96 -12.08
CA VAL A 166 33.20 15.97 -11.92
C VAL A 166 33.17 15.44 -10.49
N SER A 167 34.34 15.28 -9.87
CA SER A 167 34.40 14.73 -8.52
C SER A 167 33.71 15.65 -7.52
N SER A 168 33.93 16.97 -7.65
CA SER A 168 33.26 17.91 -6.75
C SER A 168 31.75 17.86 -6.92
N SER A 169 31.28 17.76 -8.17
CA SER A 169 29.85 17.69 -8.44
C SER A 169 29.25 16.44 -7.82
N VAL A 170 29.93 15.30 -7.95
CA VAL A 170 29.45 14.06 -7.36
C VAL A 170 29.44 14.15 -5.84
N ASN A 171 30.47 14.77 -5.26
CA ASN A 171 30.50 14.97 -3.81
C ASN A 171 29.31 15.79 -3.34
N ASN A 172 29.02 16.88 -4.04
CA ASN A 172 27.89 17.73 -3.67
C ASN A 172 26.57 16.98 -3.81
N LEU A 173 26.44 16.18 -4.87
CA LEU A 173 25.24 15.36 -5.05
C LEU A 173 25.08 14.38 -3.89
N LEU A 174 26.18 13.70 -3.51
CA LEU A 174 26.10 12.75 -2.41
C LEU A 174 25.71 13.44 -1.12
N ARG A 175 26.27 14.63 -0.87
N ARG A 175 26.27 14.62 -0.86
CA ARG A 175 25.93 15.37 0.34
CA ARG A 175 25.93 15.37 0.34
C ARG A 175 24.45 15.73 0.37
N ASP A 176 23.92 16.23 -0.76
CA ASP A 176 22.52 16.63 -0.79
C ASP A 176 21.59 15.43 -0.63
N VAL A 177 21.92 14.30 -1.28
CA VAL A 177 21.11 13.10 -1.13
C VAL A 177 21.17 12.59 0.30
N LEU A 178 22.34 12.68 0.94
CA LEU A 178 22.46 12.31 2.34
C LEU A 178 21.55 13.15 3.21
N TYR A 179 21.52 14.46 2.97
CA TYR A 179 20.63 15.34 3.73
C TYR A 179 19.17 14.95 3.53
N ALA A 180 18.79 14.68 2.28
CA ALA A 180 17.41 14.31 1.99
C ALA A 180 17.01 13.05 2.73
N PHE A 181 17.87 12.03 2.72
CA PHE A 181 17.51 10.79 3.38
C PHE A 181 17.57 10.91 4.90
N LEU A 182 18.43 11.78 5.43
CA LEU A 182 18.40 12.04 6.87
C LEU A 182 17.06 12.62 7.28
N GLY A 183 16.58 13.63 6.54
CA GLY A 183 15.28 14.20 6.84
C GLY A 183 14.16 13.18 6.73
N SER A 184 14.17 12.38 5.66
CA SER A 184 13.11 11.39 5.47
C SER A 184 13.13 10.33 6.55
N ALA A 185 14.32 9.83 6.91
CA ALA A 185 14.43 8.82 7.95
C ALA A 185 13.94 9.35 9.29
N PHE A 186 14.31 10.59 9.64
CA PHE A 186 13.82 11.16 10.88
C PHE A 186 12.30 11.31 10.86
N ALA A 187 11.74 11.75 9.73
CA ALA A 187 10.30 11.90 9.64
C ALA A 187 9.58 10.57 9.79
N ILE A 188 10.10 9.52 9.16
CA ILE A 188 9.48 8.20 9.27
C ILE A 188 9.58 7.67 10.70
N PHE A 189 10.75 7.85 11.33
CA PHE A 189 10.92 7.41 12.70
C PHE A 189 9.94 8.12 13.62
N ALA A 190 9.79 9.43 13.45
CA ALA A 190 8.82 10.16 14.25
C ALA A 190 7.39 9.70 13.96
N SER A 191 7.09 9.38 12.70
CA SER A 191 5.74 8.93 12.37
C SER A 191 5.43 7.61 13.06
N ILE A 192 6.36 6.66 13.04
CA ILE A 192 6.07 5.38 13.67
C ILE A 192 6.06 5.51 15.19
N LEU A 193 6.90 6.37 15.76
CA LEU A 193 6.85 6.62 17.19
C LEU A 193 5.50 7.23 17.58
N VAL A 194 5.01 8.18 16.79
CA VAL A 194 3.71 8.79 17.06
C VAL A 194 2.60 7.77 16.92
N THR A 195 2.66 6.92 15.89
CA THR A 195 1.66 5.87 15.72
C THR A 195 1.64 4.95 16.93
N TRP A 196 2.82 4.46 17.34
CA TRP A 196 2.92 3.62 18.53
C TRP A 196 2.27 4.28 19.74
N LEU A 197 2.69 5.52 20.04
CA LEU A 197 2.21 6.19 21.24
C LEU A 197 0.71 6.42 21.20
N GLU A 198 0.18 6.90 20.08
CA GLU A 198 -1.23 7.29 20.07
C GLU A 198 -2.16 6.08 19.95
N LYS A 199 -1.77 5.02 19.24
CA LYS A 199 -2.57 3.80 19.28
C LYS A 199 -2.54 3.15 20.65
N LEU A 200 -1.36 3.10 21.29
CA LEU A 200 -1.31 2.53 22.64
C LEU A 200 -2.17 3.34 23.60
N SER A 201 -2.07 4.67 23.53
CA SER A 201 -2.87 5.52 24.40
C SER A 201 -4.36 5.37 24.15
N ILE A 202 -4.77 5.26 22.88
CA ILE A 202 -6.20 5.15 22.59
C ILE A 202 -6.72 3.80 23.06
N ALA A 203 -5.92 2.74 22.91
CA ALA A 203 -6.34 1.42 23.41
C ALA A 203 -6.51 1.45 24.93
N LYS A 204 -5.54 2.04 25.64
CA LYS A 204 -5.65 2.11 27.09
C LYS A 204 -6.84 2.98 27.51
N SER A 205 -7.06 4.10 26.82
CA SER A 205 -8.15 4.98 27.16
C SER A 205 -9.50 4.29 26.99
N TYR A 206 -9.66 3.53 25.89
CA TYR A 206 -10.89 2.79 25.70
C TYR A 206 -11.06 1.71 26.76
N LYS A 207 -9.98 1.01 27.10
CA LYS A 207 -10.06 -0.05 28.11
C LYS A 207 -10.53 0.51 29.45
N TYR A 208 -9.94 1.62 29.89
CA TYR A 208 -10.33 2.17 31.19
C TYR A 208 -11.65 2.92 31.15
N LEU A 209 -12.04 3.47 29.99
CA LEU A 209 -13.39 4.00 29.88
C LEU A 209 -14.42 2.88 29.98
N GLU A 210 -14.10 1.71 29.40
CA GLU A 210 -15.00 0.57 29.53
C GLU A 210 -15.09 0.11 30.98
N LYS A 211 -13.96 0.09 31.69
CA LYS A 211 -14.01 -0.24 33.12
C LYS A 211 -14.87 0.77 33.88
N PHE A 212 -14.73 2.05 33.56
CA PHE A 212 -15.54 3.09 34.22
C PHE A 212 -17.03 2.90 33.95
N THR A 213 -17.40 2.66 32.69
CA THR A 213 -18.81 2.50 32.35
C THR A 213 -19.38 1.19 32.89
N ALA A 214 -18.54 0.17 33.04
CA ALA A 214 -18.98 -1.07 33.67
C ALA A 214 -19.21 -0.87 35.18
N ALA A 215 -18.33 -0.09 35.82
CA ALA A 215 -18.53 0.22 37.23
C ALA A 215 -19.83 1.00 37.43
N LEU A 216 -20.10 1.99 36.56
CA LEU A 216 -21.36 2.71 36.67
C LEU A 216 -22.56 1.81 36.42
N ASP A 217 -22.45 0.92 35.42
CA ASP A 217 -23.57 0.06 35.05
C ASP A 217 -23.92 -0.95 36.14
N SER A 218 -22.95 -1.38 36.95
CA SER A 218 -23.23 -2.35 37.99
C SER A 218 -24.00 -1.77 39.17
N LEU A 219 -24.18 -0.44 39.23
CA LEU A 219 -24.92 0.15 40.33
C LEU A 219 -26.43 -0.04 40.17
N TYR A 220 -26.93 0.02 38.94
CA TYR A 220 -28.36 0.06 38.69
C TYR A 220 -28.79 -1.08 37.77
N ASP A 221 -29.93 -1.68 38.09
CA ASP A 221 -30.48 -2.79 37.32
C ASP A 221 -31.43 -2.27 36.25
N SER A 222 -31.35 -2.88 35.07
CA SER A 222 -32.22 -2.54 33.96
C SER A 222 -33.45 -3.43 33.97
N GLY A 223 -34.30 -3.29 32.95
CA GLY A 223 -35.45 -4.14 32.80
C GLY A 223 -36.71 -3.70 33.51
N VAL A 224 -36.82 -2.42 33.85
CA VAL A 224 -37.98 -1.95 34.60
C VAL A 224 -39.23 -1.82 33.72
N GLY A 225 -39.06 -1.55 32.42
CA GLY A 225 -40.22 -1.40 31.55
C GLY A 225 -40.99 -2.68 31.36
N GLU A 226 -40.28 -3.79 31.16
CA GLU A 226 -40.95 -5.08 31.02
C GLU A 226 -41.61 -5.50 32.32
N GLU A 227 -40.99 -5.17 33.46
CA GLU A 227 -41.63 -5.42 34.75
C GLU A 227 -42.94 -4.63 34.87
N TYR A 228 -42.93 -3.37 34.45
CA TYR A 228 -44.16 -2.57 34.49
C TYR A 228 -45.22 -3.17 33.58
N LEU A 229 -44.84 -3.60 32.38
CA LEU A 229 -45.81 -4.18 31.45
C LEU A 229 -46.39 -5.47 32.00
N ALA A 230 -45.55 -6.33 32.59
CA ALA A 230 -46.05 -7.55 33.21
C ALA A 230 -47.01 -7.24 34.35
N SER A 231 -46.69 -6.22 35.16
CA SER A 231 -47.61 -5.79 36.21
C SER A 231 -48.94 -5.35 35.64
N LEU A 232 -48.92 -4.60 34.53
CA LEU A 232 -50.17 -4.15 33.92
C LEU A 232 -50.99 -5.32 33.40
N VAL A 233 -50.33 -6.30 32.80
CA VAL A 233 -51.05 -7.48 32.28
C VAL A 233 -51.70 -8.24 33.43
N LYS A 234 -50.94 -8.45 34.51
CA LYS A 234 -51.47 -9.12 35.69
C LYS A 234 -52.64 -8.33 36.27
N SER A 235 -52.51 -7.01 36.33
CA SER A 235 -53.57 -6.18 36.88
C SER A 235 -54.84 -6.26 36.04
N SER A 236 -54.70 -6.32 34.72
CA SER A 236 -55.89 -6.45 33.87
C SER A 236 -56.60 -7.77 34.10
N ASN A 237 -55.84 -8.87 34.17
CA ASN A 237 -56.47 -10.16 34.44
C ASN A 237 -57.17 -10.17 35.80
N GLU A 238 -56.46 -9.75 36.84
CA GLU A 238 -57.06 -9.69 38.17
C GLU A 238 -58.18 -8.66 38.24
N SER A 239 -58.19 -7.68 37.33
CA SER A 239 -59.29 -6.71 37.30
C SER A 239 -60.56 -7.35 36.78
N ALA A 240 -60.45 -8.18 35.74
CA ALA A 240 -61.62 -8.93 35.30
C ALA A 240 -62.12 -9.85 36.42
N THR A 241 -61.19 -10.54 37.08
CA THR A 241 -61.58 -11.44 38.17
C THR A 241 -62.26 -10.67 39.30
N GLN A 242 -61.70 -9.51 39.68
CA GLN A 242 -62.27 -8.70 40.74
C GLN A 242 -63.63 -8.14 40.36
N ALA A 243 -63.82 -7.77 39.09
CA ALA A 243 -65.12 -7.29 38.66
C ALA A 243 -66.18 -8.35 38.84
N ARG A 244 -65.89 -9.58 38.38
CA ARG A 244 -66.90 -10.63 38.53
C ARG A 244 -67.16 -10.96 40.01
N HIS A 245 -66.10 -11.01 40.82
CA HIS A 245 -66.28 -11.31 42.24
C HIS A 245 -67.06 -10.22 42.96
N LEU A 246 -66.78 -8.95 42.64
CA LEU A 246 -67.52 -7.86 43.28
C LEU A 246 -68.98 -7.88 42.86
N LYS A 247 -69.27 -8.21 41.60
CA LYS A 247 -70.67 -8.31 41.19
C LYS A 247 -71.39 -9.40 41.97
N GLU A 248 -70.76 -10.57 42.11
CA GLU A 248 -71.40 -11.65 42.86
C GLU A 248 -71.58 -11.28 44.33
N SER A 249 -70.58 -10.63 44.93
CA SER A 249 -70.68 -10.23 46.33
C SER A 249 -71.79 -9.20 46.53
N LEU A 250 -71.91 -8.25 45.61
CA LEU A 250 -72.99 -7.27 45.69
C LEU A 250 -74.35 -7.94 45.57
N VAL A 251 -74.48 -8.92 44.68
CA VAL A 251 -75.74 -9.65 44.54
C VAL A 251 -76.08 -10.36 45.84
N THR A 252 -75.10 -11.03 46.46
CA THR A 252 -75.35 -11.73 47.71
C THR A 252 -75.74 -10.76 48.83
N ASP A 253 -75.05 -9.61 48.90
CA ASP A 253 -75.41 -8.63 49.91
C ASP A 253 -76.82 -8.10 49.71
N LEU A 254 -77.21 -7.85 48.46
CA LEU A 254 -78.57 -7.39 48.19
C LEU A 254 -79.60 -8.45 48.59
N ARG A 255 -79.30 -9.72 48.32
CA ARG A 255 -80.20 -10.78 48.76
C ARG A 255 -80.37 -10.77 50.27
N ASP A 256 -79.27 -10.68 51.01
CA ASP A 256 -79.34 -10.65 52.47
C ASP A 256 -80.14 -9.45 52.95
N MET A 257 -79.91 -8.28 52.34
CA MET A 257 -80.61 -7.07 52.73
C MET A 257 -82.11 -7.19 52.51
N LEU A 258 -82.53 -7.71 51.35
CA LEU A 258 -83.96 -7.75 51.07
C LEU A 258 -84.65 -8.85 51.87
N LEU A 259 -83.93 -9.93 52.21
CA LEU A 259 -84.48 -10.89 53.15
C LEU A 259 -84.66 -10.26 54.54
N HIS A 260 -83.70 -9.44 54.96
CA HIS A 260 -83.87 -8.71 56.22
C HIS A 260 -85.09 -7.79 56.18
N LEU A 261 -85.27 -7.09 55.05
CA LEU A 261 -86.43 -6.21 54.90
C LEU A 261 -87.73 -7.00 54.93
N ALA A 262 -87.74 -8.18 54.30
CA ALA A 262 -88.93 -9.03 54.33
C ALA A 262 -89.23 -9.52 55.75
N GLU A 263 -88.19 -9.87 56.51
CA GLU A 263 -88.41 -10.27 57.89
C GLU A 263 -88.96 -9.12 58.72
N SER A 264 -88.46 -7.90 58.49
CA SER A 264 -89.00 -6.73 59.17
C SER A 264 -90.46 -6.51 58.80
N GLN A 265 -90.80 -6.69 57.52
CA GLN A 265 -92.20 -6.56 57.10
C GLN A 265 -93.07 -7.62 57.75
N MET B 1 1.28 1.49 -32.97
CA MET B 1 1.28 1.83 -34.39
C MET B 1 1.98 3.16 -34.62
N SER B 2 1.77 3.75 -35.80
CA SER B 2 2.25 5.09 -36.05
C SER B 2 1.50 6.13 -35.23
N TRP B 3 0.28 5.80 -34.79
CA TRP B 3 -0.50 6.74 -33.98
C TRP B 3 0.17 6.98 -32.64
N LEU B 4 0.74 5.93 -32.05
CA LEU B 4 1.48 6.08 -30.80
C LEU B 4 2.70 6.97 -31.00
N ASN B 5 3.44 6.77 -32.09
CA ASN B 5 4.58 7.63 -32.39
C ASN B 5 4.15 9.07 -32.56
N SER B 6 3.03 9.30 -33.26
CA SER B 6 2.56 10.66 -33.49
C SER B 6 2.17 11.34 -32.19
N ILE B 7 1.44 10.64 -31.32
CA ILE B 7 1.02 11.27 -30.07
C ILE B 7 2.21 11.48 -29.14
N LEU B 8 3.22 10.61 -29.22
CA LEU B 8 4.42 10.81 -28.42
C LEU B 8 5.23 12.01 -28.92
N VAL B 9 5.27 12.19 -30.23
CA VAL B 9 5.93 13.38 -30.79
C VAL B 9 5.19 14.64 -30.37
N THR B 10 3.86 14.61 -30.42
CA THR B 10 3.06 15.78 -30.06
C THR B 10 3.24 16.13 -28.59
N LEU B 11 3.22 15.12 -27.72
CA LEU B 11 3.27 15.37 -26.28
C LEU B 11 4.62 15.95 -25.86
N THR B 12 5.70 15.41 -26.40
CA THR B 12 7.04 15.82 -26.00
C THR B 12 7.52 17.08 -26.71
N SER B 13 6.68 17.69 -27.55
CA SER B 13 7.06 18.89 -28.28
C SER B 13 6.91 20.16 -27.47
N VAL B 14 6.29 20.10 -26.29
CA VAL B 14 6.09 21.31 -25.48
C VAL B 14 7.37 21.62 -24.69
N GLU B 15 7.52 22.90 -24.36
CA GLU B 15 8.69 23.31 -23.61
C GLU B 15 8.64 22.76 -22.19
N PRO B 16 9.77 22.29 -21.65
CA PRO B 16 9.75 21.66 -20.33
C PRO B 16 9.22 22.57 -19.22
N TYR B 17 9.34 23.89 -19.37
CA TYR B 17 8.89 24.80 -18.33
C TYR B 17 7.38 24.80 -18.16
N LYS B 18 6.62 24.49 -19.22
CA LYS B 18 5.18 24.57 -19.15
C LYS B 18 4.56 23.51 -18.25
N VAL B 19 5.27 22.44 -17.96
CA VAL B 19 4.72 21.35 -17.15
C VAL B 19 4.71 21.75 -15.67
N PRO B 20 5.82 22.21 -15.07
CA PRO B 20 5.72 22.72 -13.71
C PRO B 20 4.75 23.88 -13.58
N VAL B 21 4.67 24.74 -14.58
CA VAL B 21 3.73 25.86 -14.52
C VAL B 21 2.30 25.35 -14.50
N THR B 22 1.97 24.39 -15.36
CA THR B 22 0.63 23.83 -15.38
C THR B 22 0.30 23.15 -14.06
N VAL B 23 1.24 22.38 -13.51
CA VAL B 23 1.01 21.70 -12.24
C VAL B 23 0.79 22.71 -11.13
N ILE B 24 1.63 23.75 -11.07
CA ILE B 24 1.50 24.76 -10.02
C ILE B 24 0.16 25.48 -10.13
N VAL B 25 -0.22 25.86 -11.35
CA VAL B 25 -1.47 26.60 -11.54
C VAL B 25 -2.67 25.74 -11.14
N THR B 26 -2.69 24.49 -11.59
CA THR B 26 -3.85 23.64 -11.30
C THR B 26 -3.91 23.27 -9.83
N VAL B 27 -2.76 23.00 -9.20
CA VAL B 27 -2.74 22.68 -7.78
C VAL B 27 -3.15 23.89 -6.96
N THR B 28 -2.69 25.08 -7.34
CA THR B 28 -3.10 26.30 -6.66
C THR B 28 -4.60 26.52 -6.81
N PHE B 29 -5.15 26.25 -7.99
CA PHE B 29 -6.60 26.41 -8.18
C PHE B 29 -7.38 25.45 -7.30
N ALA B 30 -6.93 24.19 -7.24
CA ALA B 30 -7.59 23.23 -6.36
C ALA B 30 -7.46 23.63 -4.89
N PHE B 31 -6.32 24.21 -4.51
CA PHE B 31 -6.13 24.70 -3.15
C PHE B 31 -7.07 25.87 -2.85
N VAL B 32 -7.24 26.78 -3.81
CA VAL B 32 -8.16 27.89 -3.64
C VAL B 32 -9.59 27.37 -3.51
N CYS B 33 -9.94 26.35 -4.30
CA CYS B 33 -11.26 25.74 -4.18
C CYS B 33 -11.44 25.11 -2.81
N PHE B 34 -10.40 24.45 -2.30
CA PHE B 34 -10.47 23.88 -0.96
C PHE B 34 -10.69 24.97 0.09
N ILE B 35 -9.95 26.08 -0.04
CA ILE B 35 -10.09 27.19 0.90
C ILE B 35 -11.50 27.75 0.87
N PHE B 36 -12.05 27.95 -0.34
CA PHE B 36 -13.36 28.57 -0.45
C PHE B 36 -14.47 27.61 -0.02
N PHE B 37 -14.59 26.48 -0.70
CA PHE B 37 -15.71 25.57 -0.46
C PHE B 37 -15.59 24.77 0.82
N TYR B 38 -14.39 24.63 1.39
CA TYR B 38 -14.23 23.83 2.58
C TYR B 38 -13.79 24.64 3.79
N LEU B 39 -12.63 25.31 3.73
CA LEU B 39 -12.05 25.89 4.94
C LEU B 39 -12.87 27.06 5.46
N LEU B 40 -13.22 28.00 4.58
CA LEU B 40 -14.05 29.13 4.98
C LEU B 40 -15.43 28.65 5.42
N ARG B 41 -15.98 27.66 4.72
CA ARG B 41 -17.27 27.10 5.11
C ARG B 41 -17.21 26.48 6.49
N SER B 42 -16.14 25.74 6.78
CA SER B 42 -16.01 25.12 8.10
C SER B 42 -15.85 26.17 9.19
N ILE B 43 -15.09 27.23 8.91
CA ILE B 43 -14.94 28.31 9.88
C ILE B 43 -16.28 28.96 10.16
N ARG B 44 -17.07 29.22 9.11
CA ARG B 44 -18.40 29.79 9.29
C ARG B 44 -19.30 28.86 10.10
N ILE B 45 -19.26 27.56 9.80
CA ILE B 45 -20.09 26.61 10.53
C ILE B 45 -19.71 26.58 12.00
N ILE B 46 -18.41 26.56 12.30
CA ILE B 46 -17.95 26.54 13.68
C ILE B 46 -18.38 27.80 14.42
N TYR B 47 -18.20 28.96 13.79
CA TYR B 47 -18.59 30.22 14.42
C TYR B 47 -20.09 30.26 14.67
N GLY B 48 -20.89 29.79 13.71
CA GLY B 48 -22.32 29.74 13.90
C GLY B 48 -22.73 28.79 15.02
N LEU B 49 -22.05 27.65 15.11
CA LEU B 49 -22.33 26.71 16.19
C LEU B 49 -22.03 27.33 17.56
N LYS B 50 -20.92 28.08 17.65
CA LYS B 50 -20.59 28.74 18.90
C LYS B 50 -21.64 29.80 19.26
N LYS B 51 -22.08 30.56 18.27
CA LYS B 51 -23.12 31.56 18.50
C LYS B 51 -24.43 30.91 18.95
N TYR B 52 -24.81 29.80 18.28
CA TYR B 52 -26.03 29.08 18.65
C TYR B 52 -25.91 28.52 20.07
N THR B 53 -24.75 27.98 20.42
CA THR B 53 -24.55 27.44 21.76
C THR B 53 -24.68 28.54 22.80
N ARG B 54 -24.13 29.72 22.52
CA ARG B 54 -24.30 30.84 23.44
C ARG B 54 -25.78 31.21 23.57
N SER B 55 -26.51 31.20 22.46
CA SER B 55 -27.94 31.53 22.52
C SER B 55 -28.72 30.50 23.34
N ILE B 56 -28.43 29.22 23.15
CA ILE B 56 -29.12 28.15 23.84
C ILE B 56 -28.85 28.21 25.34
N ASN B 57 -27.60 28.43 25.74
CA ASN B 57 -27.23 28.51 27.14
C ASN B 57 -27.90 29.65 27.87
N SER B 58 -28.34 30.69 27.15
CA SER B 58 -28.97 31.85 27.77
C SER B 58 -30.45 31.65 28.08
N ILE B 59 -31.08 30.60 27.55
CA ILE B 59 -32.47 30.31 27.85
C ILE B 59 -32.60 29.08 28.74
N GLU B 60 -31.50 28.60 29.33
CA GLU B 60 -31.53 27.47 30.25
C GLU B 60 -32.51 27.67 31.41
N LYS B 61 -32.68 28.90 31.89
CA LYS B 61 -33.53 29.18 33.04
C LYS B 61 -34.89 29.75 32.63
N SER B 62 -35.23 29.71 31.34
CA SER B 62 -36.48 30.28 30.87
C SER B 62 -37.62 29.25 30.94
N ALA B 63 -38.84 29.75 30.79
CA ALA B 63 -40.01 28.89 30.79
C ALA B 63 -40.04 28.04 29.52
N PRO B 64 -40.67 26.86 29.58
CA PRO B 64 -40.65 25.97 28.40
C PRO B 64 -41.24 26.59 27.14
N GLU B 65 -42.33 27.35 27.26
CA GLU B 65 -42.89 28.01 26.08
C GLU B 65 -41.93 29.06 25.53
N VAL B 66 -41.32 29.84 26.42
CA VAL B 66 -40.37 30.86 26.00
C VAL B 66 -39.14 30.21 25.38
N GLN B 67 -38.65 29.12 25.99
CA GLN B 67 -37.54 28.39 25.41
C GLN B 67 -37.88 27.90 24.01
N LEU B 68 -39.09 27.35 23.84
CA LEU B 68 -39.47 26.78 22.56
C LEU B 68 -39.58 27.86 21.48
N GLU B 69 -40.18 29.01 21.81
CA GLU B 69 -40.26 30.09 20.84
C GLU B 69 -38.89 30.67 20.53
N HIS B 70 -38.01 30.79 21.52
CA HIS B 70 -36.66 31.29 21.28
C HIS B 70 -35.89 30.36 20.35
N LEU B 71 -36.00 29.05 20.59
CA LEU B 71 -35.31 28.08 19.74
C LEU B 71 -35.90 28.07 18.34
N LYS B 72 -37.22 28.16 18.21
CA LYS B 72 -37.84 28.23 16.89
C LYS B 72 -37.35 29.44 16.11
N SER B 73 -37.35 30.62 16.74
CA SER B 73 -36.89 31.82 16.06
C SER B 73 -35.38 31.78 15.80
N LEU B 74 -34.63 31.02 16.60
CA LEU B 74 -33.18 31.04 16.49
C LEU B 74 -32.69 30.26 15.27
N PHE B 75 -33.34 29.16 14.95
CA PHE B 75 -32.83 28.23 13.93
C PHE B 75 -33.41 28.61 12.58
N GLN B 76 -32.66 29.46 11.84
CA GLN B 76 -33.04 29.90 10.50
C GLN B 76 -31.91 29.52 9.55
N ARG B 77 -31.93 28.27 9.10
CA ARG B 77 -31.01 27.72 8.12
C ARG B 77 -31.55 26.36 7.72
N SER B 78 -31.68 26.11 6.42
CA SER B 78 -32.41 24.96 5.90
C SER B 78 -32.10 23.68 6.67
N GLU B 79 -30.81 23.34 6.78
CA GLU B 79 -30.42 22.14 7.50
C GLU B 79 -30.79 22.23 8.98
N LEU B 80 -30.44 23.33 9.64
CA LEU B 80 -30.80 23.47 11.05
C LEU B 80 -32.28 23.74 11.26
N LYS B 81 -32.95 24.39 10.31
CA LYS B 81 -34.39 24.55 10.45
C LYS B 81 -35.10 23.20 10.44
N HIS B 82 -34.76 22.34 9.47
CA HIS B 82 -35.35 21.01 9.42
C HIS B 82 -34.95 20.16 10.62
N ALA B 83 -33.68 20.25 11.02
CA ALA B 83 -33.21 19.52 12.19
C ALA B 83 -33.96 19.95 13.44
N TRP B 84 -34.16 21.25 13.61
CA TRP B 84 -34.92 21.75 14.75
C TRP B 84 -36.36 21.25 14.72
N ASN B 85 -36.98 21.26 13.53
CA ASN B 85 -38.35 20.78 13.45
C ASN B 85 -38.46 19.32 13.86
N GLU B 86 -37.57 18.47 13.33
CA GLU B 86 -37.59 17.06 13.69
C GLU B 86 -37.32 16.85 15.18
N PHE B 87 -36.33 17.56 15.72
CA PHE B 87 -36.03 17.45 17.15
C PHE B 87 -37.21 17.89 18.00
N GLU B 88 -37.89 18.97 17.60
CA GLU B 88 -39.03 19.45 18.35
C GLU B 88 -40.17 18.43 18.31
N GLU B 89 -40.33 17.75 17.17
CA GLU B 89 -41.25 16.62 17.14
C GLU B 89 -40.84 15.56 18.15
N SER B 90 -39.53 15.30 18.28
CA SER B 90 -39.09 14.33 19.27
C SER B 90 -39.37 14.77 20.71
N LEU B 91 -39.51 16.07 20.95
CA LEU B 91 -39.79 16.55 22.30
C LEU B 91 -41.23 16.30 22.68
N HIS B 92 -41.46 15.89 23.92
CA HIS B 92 -42.78 15.55 24.42
C HIS B 92 -43.25 16.62 25.40
N SER B 93 -44.35 17.27 25.07
CA SER B 93 -44.92 18.28 25.94
C SER B 93 -45.85 17.63 26.95
N GLN B 94 -45.72 18.02 28.21
CA GLN B 94 -46.58 17.53 29.28
C GLN B 94 -47.53 18.62 29.70
N TYR B 95 -48.83 18.36 29.57
CA TYR B 95 -49.87 19.33 29.84
C TYR B 95 -50.53 19.03 31.18
N GLU B 96 -50.70 20.06 32.00
CA GLU B 96 -51.47 19.97 33.23
C GLU B 96 -52.57 21.00 33.21
N LEU B 97 -53.76 20.60 33.66
CA LEU B 97 -54.92 21.50 33.67
C LEU B 97 -54.71 22.56 34.74
N GLU B 98 -54.34 23.77 34.31
CA GLU B 98 -54.15 24.90 35.20
C GLU B 98 -55.04 26.04 34.75
N ASN B 99 -55.79 26.62 35.70
CA ASN B 99 -56.71 27.72 35.43
C ASN B 99 -57.74 27.33 34.36
N GLY B 100 -58.14 26.07 34.37
CA GLY B 100 -59.15 25.59 33.45
C GLY B 100 -58.69 25.36 32.03
N GLU B 101 -57.39 25.36 31.76
CA GLU B 101 -56.88 25.16 30.42
C GLU B 101 -55.63 24.27 30.47
N GLU B 102 -55.34 23.63 29.34
CA GLU B 102 -54.18 22.74 29.22
C GLU B 102 -52.94 23.61 28.95
N LYS B 103 -52.01 23.62 29.90
CA LYS B 103 -50.80 24.41 29.80
C LYS B 103 -49.58 23.51 29.86
N ILE B 104 -48.58 23.84 29.04
CA ILE B 104 -47.32 23.11 29.08
C ILE B 104 -46.56 23.47 30.35
N VAL B 105 -46.39 22.50 31.24
CA VAL B 105 -45.61 22.70 32.44
C VAL B 105 -44.19 22.14 32.30
N ARG B 106 -43.97 21.23 31.35
CA ARG B 106 -42.69 20.57 31.22
C ARG B 106 -42.58 19.96 29.83
N ILE B 107 -41.40 20.08 29.23
CA ILE B 107 -41.11 19.46 27.94
C ILE B 107 -40.04 18.41 28.16
N ARG B 108 -40.28 17.21 27.66
CA ARG B 108 -39.42 16.07 27.87
C ARG B 108 -38.70 15.67 26.59
N ALA B 109 -37.45 15.24 26.72
CA ALA B 109 -36.68 14.73 25.60
C ALA B 109 -36.93 13.23 25.45
N THR B 110 -37.13 12.80 24.21
CA THR B 110 -37.24 11.38 23.92
C THR B 110 -36.10 10.87 23.04
N ALA B 111 -35.31 11.76 22.47
CA ALA B 111 -34.14 11.42 21.68
C ALA B 111 -33.02 12.41 21.99
N PRO B 112 -31.77 11.99 21.87
CA PRO B 112 -30.68 12.95 21.96
C PRO B 112 -30.71 13.91 20.78
N SER B 113 -30.28 15.15 21.03
CA SER B 113 -30.29 16.15 19.97
C SER B 113 -29.34 15.80 18.84
N ALA B 114 -28.29 15.02 19.10
CA ALA B 114 -27.35 14.62 18.07
C ALA B 114 -28.00 13.76 16.99
N SER B 115 -29.11 13.09 17.30
CA SER B 115 -29.82 12.29 16.29
C SER B 115 -30.42 13.15 15.19
N PHE B 116 -30.68 14.42 15.45
CA PHE B 116 -31.23 15.33 14.45
C PHE B 116 -30.24 16.40 14.01
N PHE B 117 -29.44 16.93 14.92
CA PHE B 117 -28.34 17.83 14.57
C PHE B 117 -27.04 17.01 14.45
N SER B 118 -27.05 16.11 13.47
CA SER B 118 -26.01 15.11 13.31
C SER B 118 -24.77 15.70 12.64
N GLU B 119 -23.66 14.97 12.76
CA GLU B 119 -22.43 15.40 12.11
C GLU B 119 -22.56 15.35 10.59
N GLN B 120 -23.23 14.33 10.05
CA GLN B 120 -23.38 14.24 8.60
C GLN B 120 -24.17 15.41 8.04
N GLN B 121 -25.29 15.74 8.67
CA GLN B 121 -26.14 16.80 8.13
C GLN B 121 -25.58 18.19 8.37
N LEU B 122 -24.85 18.40 9.46
CA LEU B 122 -24.40 19.73 9.83
C LEU B 122 -22.95 20.03 9.45
N VAL B 123 -22.14 19.02 9.21
CA VAL B 123 -20.73 19.22 8.89
C VAL B 123 -20.37 18.50 7.59
N ASP B 124 -20.62 17.19 7.55
CA ASP B 124 -20.09 16.35 6.47
C ASP B 124 -20.65 16.75 5.11
N ILE B 125 -21.97 16.84 4.98
CA ILE B 125 -22.61 17.21 3.72
C ILE B 125 -22.33 18.68 3.39
N PRO B 126 -22.51 19.63 4.31
CA PRO B 126 -22.19 21.03 3.96
C PRO B 126 -20.75 21.23 3.53
N LEU B 127 -19.81 20.52 4.15
CA LEU B 127 -18.40 20.63 3.78
C LEU B 127 -18.01 19.72 2.63
N ASN B 128 -18.92 18.84 2.19
CA ASN B 128 -18.64 17.86 1.13
C ASN B 128 -17.41 17.02 1.48
N THR B 129 -17.37 16.54 2.73
CA THR B 129 -16.24 15.73 3.17
C THR B 129 -16.07 14.45 2.36
N GLU B 130 -17.15 13.90 1.81
CA GLU B 130 -17.04 12.70 0.98
C GLU B 130 -16.19 12.94 -0.26
N PHE B 131 -16.02 14.19 -0.67
CA PHE B 131 -15.10 14.55 -1.74
C PHE B 131 -13.77 15.07 -1.21
N PHE B 132 -13.80 16.01 -0.26
CA PHE B 132 -12.60 16.73 0.12
C PHE B 132 -11.60 15.89 0.90
N LYS B 133 -12.02 14.79 1.51
CA LYS B 133 -11.03 13.91 2.14
C LYS B 133 -10.17 13.20 1.12
N HIS B 134 -10.53 13.27 -0.16
CA HIS B 134 -9.75 12.67 -1.23
C HIS B 134 -9.02 13.71 -2.08
N LEU B 135 -9.17 14.99 -1.77
CA LEU B 135 -8.44 16.02 -2.49
C LEU B 135 -6.92 15.90 -2.40
N PRO B 136 -6.31 15.62 -1.23
CA PRO B 136 -4.85 15.50 -1.20
C PRO B 136 -4.31 14.45 -2.16
N GLY B 137 -4.99 13.31 -2.26
CA GLY B 137 -4.58 12.30 -3.22
C GLY B 137 -4.65 12.78 -4.65
N ILE B 138 -5.70 13.55 -4.97
CA ILE B 138 -5.84 14.11 -6.30
C ILE B 138 -4.70 15.08 -6.59
N LEU B 139 -4.36 15.94 -5.62
CA LEU B 139 -3.26 16.87 -5.81
C LEU B 139 -1.93 16.15 -6.04
N THR B 140 -1.66 15.12 -5.23
CA THR B 140 -0.44 14.35 -5.42
C THR B 140 -0.43 13.66 -6.78
N GLY B 141 -1.58 13.15 -7.22
CA GLY B 141 -1.66 12.54 -8.53
C GLY B 141 -1.36 13.51 -9.64
N MET B 142 -1.91 14.72 -9.55
CA MET B 142 -1.60 15.76 -10.55
C MET B 142 -0.12 16.06 -10.59
N GLY B 143 0.51 16.18 -9.43
CA GLY B 143 1.95 16.38 -9.40
C GLY B 143 2.73 15.25 -10.02
N ILE B 144 2.33 14.01 -9.72
CA ILE B 144 3.04 12.85 -10.27
C ILE B 144 2.87 12.78 -11.78
N ILE B 145 1.67 13.13 -12.28
CA ILE B 145 1.46 13.16 -13.72
C ILE B 145 2.35 14.20 -14.37
N GLY B 146 2.44 15.39 -13.77
CA GLY B 146 3.35 16.39 -14.30
C GLY B 146 4.78 15.92 -14.32
N THR B 147 5.20 15.22 -13.27
CA THR B 147 6.57 14.71 -13.22
C THR B 147 6.81 13.66 -14.30
N PHE B 148 5.84 12.77 -14.51
CA PHE B 148 5.98 11.77 -15.58
C PHE B 148 6.09 12.44 -16.94
N TYR B 149 5.29 13.47 -17.18
CA TYR B 149 5.28 14.12 -18.48
C TYR B 149 6.58 14.90 -18.71
N GLY B 150 7.07 15.55 -17.66
CA GLY B 150 8.37 16.20 -17.75
C GLY B 150 9.50 15.21 -17.97
N LEU B 151 9.39 14.03 -17.36
CA LEU B 151 10.36 12.97 -17.65
C LEU B 151 10.29 12.52 -19.09
N MET B 152 9.09 12.43 -19.65
CA MET B 152 8.98 12.12 -21.08
C MET B 152 9.70 13.15 -21.93
N ILE B 153 9.50 14.44 -21.63
CA ILE B 153 10.17 15.48 -22.40
C ILE B 153 11.69 15.35 -22.28
N GLY B 154 12.17 15.19 -21.04
CA GLY B 154 13.60 15.10 -20.82
C GLY B 154 14.22 13.89 -21.51
N LEU B 155 13.57 12.73 -21.38
CA LEU B 155 14.06 11.51 -22.02
C LEU B 155 14.03 11.62 -23.54
N ASN B 156 12.98 12.23 -24.10
CA ASN B 156 12.92 12.40 -25.54
C ASN B 156 14.05 13.31 -26.04
N HIS B 157 14.39 14.33 -25.26
CA HIS B 157 15.51 15.19 -25.65
C HIS B 157 16.87 14.53 -25.43
N PHE B 158 16.91 13.37 -24.78
CA PHE B 158 18.16 12.70 -24.47
C PHE B 158 18.57 11.81 -25.65
N ASP B 159 19.66 12.18 -26.31
CA ASP B 159 20.12 11.44 -27.48
C ASP B 159 21.62 11.65 -27.68
N PRO B 160 22.46 11.00 -26.87
CA PRO B 160 23.92 11.13 -27.03
C PRO B 160 24.48 10.23 -28.12
N SER B 161 24.43 10.73 -29.36
CA SER B 161 24.91 9.96 -30.50
C SER B 161 26.43 10.00 -30.65
N THR B 162 27.12 10.76 -29.81
CA THR B 162 28.56 10.93 -29.88
C THR B 162 29.16 10.79 -28.48
N PRO B 163 30.35 10.21 -28.36
CA PRO B 163 30.98 10.11 -27.03
C PRO B 163 31.17 11.44 -26.34
N GLU B 164 31.42 12.52 -27.09
CA GLU B 164 31.64 13.83 -26.50
C GLU B 164 30.35 14.52 -26.09
N GLN B 165 29.20 14.04 -26.55
CA GLN B 165 27.91 14.62 -26.19
C GLN B 165 27.31 13.99 -24.95
N VAL B 166 28.00 13.05 -24.32
CA VAL B 166 27.40 12.29 -23.21
C VAL B 166 27.19 13.17 -21.99
N SER B 167 28.22 13.93 -21.59
CA SER B 167 28.12 14.73 -20.37
C SER B 167 27.04 15.81 -20.50
N SER B 168 27.00 16.49 -21.64
CA SER B 168 25.98 17.52 -21.87
C SER B 168 24.59 16.91 -21.86
N SER B 169 24.43 15.74 -22.48
CA SER B 169 23.13 15.08 -22.49
C SER B 169 22.69 14.70 -21.10
N VAL B 170 23.61 14.16 -20.29
CA VAL B 170 23.28 13.81 -18.91
C VAL B 170 22.89 15.05 -18.13
N ASN B 171 23.61 16.14 -18.31
CA ASN B 171 23.30 17.38 -17.60
C ASN B 171 21.91 17.91 -17.96
N ASN B 172 21.60 17.95 -19.26
CA ASN B 172 20.28 18.42 -19.67
C ASN B 172 19.18 17.50 -19.15
N LEU B 173 19.40 16.19 -19.16
CA LEU B 173 18.40 15.27 -18.65
C LEU B 173 18.18 15.47 -17.15
N LEU B 174 19.25 15.71 -16.40
CA LEU B 174 19.08 15.96 -14.97
C LEU B 174 18.35 17.27 -14.71
N ARG B 175 18.59 18.29 -15.55
CA ARG B 175 17.81 19.53 -15.44
C ARG B 175 16.32 19.28 -15.67
N ASP B 176 15.98 18.49 -16.69
CA ASP B 176 14.58 18.21 -16.96
C ASP B 176 13.95 17.41 -15.83
N VAL B 177 14.72 16.47 -15.25
CA VAL B 177 14.25 15.77 -14.07
C VAL B 177 13.97 16.75 -12.95
N LEU B 178 14.81 17.78 -12.82
CA LEU B 178 14.60 18.81 -11.81
C LEU B 178 13.28 19.55 -12.02
N TYR B 179 12.97 19.91 -13.27
CA TYR B 179 11.67 20.50 -13.58
C TYR B 179 10.51 19.61 -13.10
N ALA B 180 10.56 18.34 -13.50
CA ALA B 180 9.48 17.42 -13.15
C ALA B 180 9.34 17.27 -11.63
N PHE B 181 10.48 17.17 -10.94
CA PHE B 181 10.46 17.05 -9.49
C PHE B 181 9.94 18.32 -8.84
N LEU B 182 10.17 19.48 -9.45
CA LEU B 182 9.61 20.72 -8.92
C LEU B 182 8.09 20.65 -8.89
N GLY B 183 7.50 20.23 -10.00
CA GLY B 183 6.06 20.07 -10.01
C GLY B 183 5.56 19.12 -8.93
N SER B 184 6.22 17.97 -8.81
CA SER B 184 5.79 16.98 -7.82
C SER B 184 5.93 17.50 -6.39
N ALA B 185 7.04 18.20 -6.11
CA ALA B 185 7.27 18.70 -4.76
C ALA B 185 6.23 19.73 -4.36
N PHE B 186 5.90 20.64 -5.28
CA PHE B 186 4.85 21.62 -4.98
C PHE B 186 3.52 20.91 -4.72
N ALA B 187 3.20 19.90 -5.52
CA ALA B 187 1.93 19.20 -5.33
C ALA B 187 1.89 18.48 -3.98
N ILE B 188 2.99 17.84 -3.58
CA ILE B 188 2.98 17.10 -2.32
C ILE B 188 2.90 18.06 -1.14
N PHE B 189 3.61 19.19 -1.22
CA PHE B 189 3.52 20.19 -0.16
C PHE B 189 2.08 20.69 -0.02
N ALA B 190 1.43 21.00 -1.14
CA ALA B 190 0.05 21.46 -1.08
C ALA B 190 -0.87 20.38 -0.51
N SER B 191 -0.63 19.12 -0.88
CA SER B 191 -1.45 18.04 -0.34
C SER B 191 -1.32 17.93 1.17
N ILE B 192 -0.09 18.03 1.68
CA ILE B 192 0.11 17.95 3.13
C ILE B 192 -0.56 19.13 3.83
N LEU B 193 -0.43 20.33 3.26
CA LEU B 193 -1.09 21.50 3.86
C LEU B 193 -2.60 21.33 3.88
N VAL B 194 -3.17 20.82 2.79
CA VAL B 194 -4.61 20.60 2.72
C VAL B 194 -5.05 19.55 3.73
N THR B 195 -4.27 18.48 3.87
CA THR B 195 -4.59 17.46 4.85
C THR B 195 -4.60 18.03 6.27
N TRP B 196 -3.57 18.82 6.60
CA TRP B 196 -3.51 19.43 7.93
C TRP B 196 -4.73 20.30 8.19
N LEU B 197 -5.01 21.23 7.28
CA LEU B 197 -6.13 22.15 7.47
C LEU B 197 -7.45 21.40 7.54
N GLU B 198 -7.65 20.42 6.66
CA GLU B 198 -8.91 19.69 6.61
C GLU B 198 -9.15 18.90 7.89
N LYS B 199 -8.13 18.16 8.37
CA LYS B 199 -8.33 17.34 9.55
C LYS B 199 -8.52 18.21 10.79
N LEU B 200 -7.78 19.32 10.90
CA LEU B 200 -8.01 20.23 12.02
C LEU B 200 -9.42 20.82 11.97
N SER B 201 -9.89 21.17 10.78
CA SER B 201 -11.24 21.72 10.65
C SER B 201 -12.30 20.71 11.06
N ILE B 202 -12.13 19.45 10.64
CA ILE B 202 -13.07 18.41 11.06
C ILE B 202 -13.06 18.25 12.57
N ALA B 203 -11.87 18.21 13.18
CA ALA B 203 -11.79 18.05 14.63
C ALA B 203 -12.52 19.18 15.34
N LYS B 204 -12.27 20.43 14.93
CA LYS B 204 -12.90 21.56 15.59
C LYS B 204 -14.41 21.58 15.35
N SER B 205 -14.84 21.24 14.13
CA SER B 205 -16.27 21.20 13.83
C SER B 205 -16.99 20.19 14.69
N TYR B 206 -16.42 18.98 14.81
CA TYR B 206 -17.04 17.95 15.62
C TYR B 206 -17.09 18.36 17.08
N LYS B 207 -16.00 18.97 17.59
CA LYS B 207 -15.98 19.41 18.97
C LYS B 207 -17.06 20.45 19.25
N TYR B 208 -17.18 21.44 18.37
CA TYR B 208 -18.15 22.50 18.65
C TYR B 208 -19.58 22.04 18.39
N LEU B 209 -19.78 21.12 17.45
CA LEU B 209 -21.11 20.51 17.30
C LEU B 209 -21.48 19.69 18.52
N GLU B 210 -20.50 19.01 19.14
CA GLU B 210 -20.77 18.31 20.38
C GLU B 210 -21.18 19.28 21.48
N LYS B 211 -20.49 20.42 21.58
CA LYS B 211 -20.89 21.43 22.55
C LYS B 211 -22.32 21.92 22.27
N PHE B 212 -22.65 22.13 21.01
CA PHE B 212 -23.98 22.58 20.63
C PHE B 212 -25.05 21.55 21.03
N THR B 213 -24.83 20.28 20.69
CA THR B 213 -25.82 19.26 21.02
C THR B 213 -25.93 19.05 22.53
N ALA B 214 -24.81 19.12 23.25
CA ALA B 214 -24.86 19.05 24.70
C ALA B 214 -25.67 20.20 25.28
N ALA B 215 -25.51 21.40 24.73
CA ALA B 215 -26.34 22.52 25.15
C ALA B 215 -27.82 22.24 24.92
N LEU B 216 -28.17 21.72 23.74
CA LEU B 216 -29.56 21.41 23.45
C LEU B 216 -30.11 20.33 24.38
N ASP B 217 -29.31 19.27 24.64
CA ASP B 217 -29.79 18.18 25.47
C ASP B 217 -30.04 18.61 26.90
N SER B 218 -29.24 19.54 27.43
CA SER B 218 -29.37 19.97 28.81
C SER B 218 -30.67 20.75 29.08
N LEU B 219 -31.38 21.16 28.04
CA LEU B 219 -32.63 21.89 28.24
C LEU B 219 -33.76 20.97 28.69
N TYR B 220 -33.79 19.73 28.21
CA TYR B 220 -34.93 18.85 28.40
C TYR B 220 -34.50 17.51 28.98
N ASP B 221 -35.27 17.03 29.95
CA ASP B 221 -35.01 15.78 30.63
C ASP B 221 -35.68 14.63 29.90
N SER B 222 -35.03 13.48 29.89
CA SER B 222 -35.53 12.29 29.23
C SER B 222 -36.24 11.39 30.24
N GLY B 223 -36.63 10.20 29.80
CA GLY B 223 -37.19 9.19 30.68
C GLY B 223 -38.66 9.33 31.00
N VAL B 224 -39.44 9.97 30.14
CA VAL B 224 -40.86 10.17 30.46
C VAL B 224 -41.65 8.87 30.29
N GLY B 225 -41.19 7.97 29.41
CA GLY B 225 -41.93 6.75 29.18
C GLY B 225 -41.99 5.84 30.40
N GLU B 226 -40.86 5.67 31.08
CA GLU B 226 -40.85 4.84 32.29
C GLU B 226 -41.67 5.48 33.39
N GLU B 227 -41.66 6.81 33.48
CA GLU B 227 -42.50 7.49 34.47
C GLU B 227 -43.97 7.24 34.19
N TYR B 228 -44.37 7.31 32.91
CA TYR B 228 -45.75 7.01 32.54
C TYR B 228 -46.11 5.57 32.88
N LEU B 229 -45.19 4.64 32.61
CA LEU B 229 -45.47 3.23 32.91
C LEU B 229 -45.62 2.99 34.41
N ALA B 230 -44.76 3.60 35.22
CA ALA B 230 -44.87 3.50 36.67
C ALA B 230 -46.17 4.12 37.16
N SER B 231 -46.59 5.24 36.56
CA SER B 231 -47.86 5.85 36.91
C SER B 231 -49.03 4.92 36.57
N LEU B 232 -48.97 4.24 35.43
CA LEU B 232 -50.04 3.33 35.04
C LEU B 232 -50.11 2.13 35.98
N VAL B 233 -48.95 1.59 36.35
CA VAL B 233 -48.91 0.48 37.30
C VAL B 233 -49.50 0.92 38.63
N LYS B 234 -49.13 2.11 39.10
CA LYS B 234 -49.67 2.63 40.34
C LYS B 234 -51.18 2.81 40.25
N SER B 235 -51.66 3.31 39.11
CA SER B 235 -53.09 3.51 38.93
C SER B 235 -53.85 2.19 38.96
N SER B 236 -53.30 1.14 38.33
CA SER B 236 -53.97 -0.16 38.38
C SER B 236 -54.00 -0.72 39.79
N ASN B 237 -52.87 -0.65 40.49
CA ASN B 237 -52.81 -1.16 41.85
C ASN B 237 -53.77 -0.41 42.77
N GLU B 238 -53.88 0.91 42.59
CA GLU B 238 -54.82 1.69 43.38
C GLU B 238 -56.26 1.48 42.94
N SER B 239 -56.46 1.13 41.66
CA SER B 239 -57.80 0.93 41.13
C SER B 239 -58.44 -0.33 41.69
N ALA B 240 -57.65 -1.39 41.89
CA ALA B 240 -58.19 -2.58 42.54
C ALA B 240 -58.76 -2.24 43.93
N THR B 241 -57.95 -1.57 44.76
CA THR B 241 -58.38 -1.20 46.10
C THR B 241 -59.52 -0.20 46.07
N GLN B 242 -59.51 0.71 45.09
CA GLN B 242 -60.61 1.67 44.98
C GLN B 242 -61.92 0.98 44.66
N ALA B 243 -61.89 0.00 43.76
CA ALA B 243 -63.11 -0.75 43.44
C ALA B 243 -63.61 -1.49 44.67
N ARG B 244 -62.70 -2.13 45.42
CA ARG B 244 -63.11 -2.82 46.63
C ARG B 244 -63.74 -1.86 47.64
N HIS B 245 -63.09 -0.72 47.87
CA HIS B 245 -63.58 0.24 48.85
C HIS B 245 -64.91 0.85 48.41
N LEU B 246 -65.06 1.13 47.12
CA LEU B 246 -66.34 1.65 46.62
C LEU B 246 -67.46 0.64 46.80
N LYS B 247 -67.18 -0.64 46.53
CA LYS B 247 -68.20 -1.66 46.75
C LYS B 247 -68.59 -1.74 48.21
N GLU B 248 -67.60 -1.72 49.12
CA GLU B 248 -67.90 -1.81 50.54
C GLU B 248 -68.70 -0.60 51.02
N SER B 249 -68.31 0.61 50.58
CA SER B 249 -69.03 1.81 50.97
C SER B 249 -70.45 1.82 50.40
N LEU B 250 -70.62 1.34 49.17
CA LEU B 250 -71.95 1.23 48.60
C LEU B 250 -72.82 0.27 49.40
N VAL B 251 -72.24 -0.85 49.83
CA VAL B 251 -73.00 -1.80 50.65
C VAL B 251 -73.40 -1.16 51.97
N THR B 252 -72.48 -0.44 52.61
CA THR B 252 -72.82 0.21 53.88
C THR B 252 -73.92 1.26 53.70
N ASP B 253 -73.82 2.06 52.64
CA ASP B 253 -74.84 3.06 52.38
C ASP B 253 -76.20 2.42 52.09
N LEU B 254 -76.20 1.32 51.33
CA LEU B 254 -77.44 0.60 51.08
C LEU B 254 -78.04 0.08 52.37
N ARG B 255 -77.20 -0.49 53.25
CA ARG B 255 -77.71 -1.01 54.52
C ARG B 255 -78.33 0.12 55.34
N ASP B 256 -77.67 1.28 55.38
CA ASP B 256 -78.22 2.42 56.10
C ASP B 256 -79.56 2.86 55.52
N MET B 257 -79.64 2.94 54.18
CA MET B 257 -80.90 3.37 53.56
C MET B 257 -82.02 2.38 53.82
N LEU B 258 -81.75 1.08 53.75
CA LEU B 258 -82.81 0.11 54.01
C LEU B 258 -83.21 0.09 55.48
N LEU B 259 -82.26 0.28 56.40
CA LEU B 259 -82.63 0.38 57.82
C LEU B 259 -83.52 1.59 58.05
N HIS B 260 -83.18 2.74 57.45
CA HIS B 260 -84.02 3.92 57.58
C HIS B 260 -85.40 3.69 56.97
N LEU B 261 -85.46 3.01 55.83
CA LEU B 261 -86.74 2.71 55.20
C LEU B 261 -87.60 1.80 56.09
N ALA B 262 -86.97 0.80 56.70
CA ALA B 262 -87.71 -0.09 57.61
C ALA B 262 -88.24 0.68 58.81
N GLU B 263 -87.42 1.58 59.38
CA GLU B 263 -87.89 2.39 60.50
C GLU B 263 -89.06 3.29 60.07
N SER B 264 -88.96 3.90 58.89
CA SER B 264 -90.04 4.75 58.40
C SER B 264 -91.32 3.94 58.19
N GLN B 265 -91.20 2.73 57.64
CA GLN B 265 -92.37 1.88 57.46
C GLN B 265 -92.98 1.49 58.80
N MET C 1 17.11 -21.74 -14.58
CA MET C 1 16.19 -22.78 -15.06
C MET C 1 15.78 -22.54 -16.50
N SER C 2 15.41 -23.62 -17.18
CA SER C 2 14.87 -23.48 -18.53
C SER C 2 13.43 -22.98 -18.50
N TRP C 3 12.70 -23.24 -17.42
CA TRP C 3 11.34 -22.73 -17.30
C TRP C 3 11.33 -21.21 -17.28
N LEU C 4 12.24 -20.61 -16.51
CA LEU C 4 12.30 -19.15 -16.44
C LEU C 4 12.65 -18.56 -17.80
N ASN C 5 13.61 -19.16 -18.50
CA ASN C 5 13.98 -18.67 -19.83
C ASN C 5 12.83 -18.79 -20.81
N SER C 6 12.09 -19.91 -20.75
CA SER C 6 10.94 -20.08 -21.65
C SER C 6 9.85 -19.05 -21.36
N ILE C 7 9.58 -18.79 -20.08
CA ILE C 7 8.61 -17.77 -19.72
C ILE C 7 9.06 -16.40 -20.23
N LEU C 8 10.35 -16.10 -20.06
CA LEU C 8 10.86 -14.80 -20.51
C LEU C 8 10.75 -14.66 -22.02
N VAL C 9 11.09 -15.72 -22.77
CA VAL C 9 10.99 -15.67 -24.23
C VAL C 9 9.54 -15.49 -24.66
N THR C 10 8.61 -16.17 -23.99
CA THR C 10 7.20 -16.00 -24.32
C THR C 10 6.72 -14.58 -24.02
N LEU C 11 7.02 -14.07 -22.83
CA LEU C 11 6.53 -12.74 -22.45
C LEU C 11 7.13 -11.64 -23.30
N THR C 12 8.41 -11.74 -23.64
CA THR C 12 9.08 -10.66 -24.35
C THR C 12 9.01 -10.81 -25.86
N SER C 13 8.29 -11.82 -26.36
CA SER C 13 8.15 -11.98 -27.80
C SER C 13 7.18 -10.95 -28.39
N VAL C 14 6.45 -10.21 -27.56
CA VAL C 14 5.52 -9.22 -28.08
C VAL C 14 6.28 -7.95 -28.46
N GLU C 15 5.69 -7.20 -29.40
CA GLU C 15 6.30 -5.97 -29.85
C GLU C 15 6.26 -4.92 -28.75
N PRO C 16 7.31 -4.10 -28.66
CA PRO C 16 7.38 -3.12 -27.55
C PRO C 16 6.22 -2.14 -27.52
N TYR C 17 5.67 -1.73 -28.66
CA TYR C 17 4.64 -0.71 -28.64
C TYR C 17 3.31 -1.24 -28.13
N LYS C 18 3.16 -2.55 -28.03
CA LYS C 18 1.91 -3.15 -27.58
C LYS C 18 1.68 -2.99 -26.08
N VAL C 19 2.75 -2.87 -25.29
CA VAL C 19 2.61 -2.63 -23.86
C VAL C 19 1.96 -1.27 -23.59
N PRO C 20 2.43 -0.16 -24.15
CA PRO C 20 1.70 1.11 -23.93
C PRO C 20 0.32 1.10 -24.54
N VAL C 21 0.16 0.48 -25.70
CA VAL C 21 -1.16 0.37 -26.31
C VAL C 21 -2.08 -0.43 -25.39
N THR C 22 -1.60 -1.54 -24.85
CA THR C 22 -2.42 -2.34 -23.94
C THR C 22 -2.75 -1.57 -22.68
N VAL C 23 -1.78 -0.85 -22.11
CA VAL C 23 -2.05 -0.06 -20.90
C VAL C 23 -3.13 0.97 -21.17
N ILE C 24 -2.97 1.73 -22.27
CA ILE C 24 -3.92 2.78 -22.60
C ILE C 24 -5.30 2.18 -22.86
N VAL C 25 -5.37 1.08 -23.62
CA VAL C 25 -6.65 0.49 -23.97
C VAL C 25 -7.34 -0.09 -22.75
N THR C 26 -6.61 -0.82 -21.90
CA THR C 26 -7.21 -1.40 -20.71
C THR C 26 -7.68 -0.30 -19.75
N VAL C 27 -6.87 0.74 -19.57
CA VAL C 27 -7.26 1.85 -18.72
C VAL C 27 -8.48 2.57 -19.27
N THR C 28 -8.53 2.77 -20.59
CA THR C 28 -9.68 3.43 -21.20
C THR C 28 -10.93 2.57 -21.10
N PHE C 29 -10.78 1.25 -21.23
CA PHE C 29 -11.91 0.35 -21.03
C PHE C 29 -12.44 0.42 -19.60
N ALA C 30 -11.52 0.43 -18.62
CA ALA C 30 -11.94 0.57 -17.23
C ALA C 30 -12.62 1.92 -16.99
N PHE C 31 -12.11 2.98 -17.60
CA PHE C 31 -12.73 4.29 -17.48
C PHE C 31 -14.12 4.30 -18.09
N VAL C 32 -14.30 3.67 -19.25
CA VAL C 32 -15.60 3.61 -19.89
C VAL C 32 -16.57 2.79 -19.06
N CYS C 33 -16.09 1.70 -18.45
CA CYS C 33 -16.93 0.92 -17.55
C CYS C 33 -17.32 1.75 -16.34
N PHE C 34 -16.39 2.55 -15.81
CA PHE C 34 -16.71 3.44 -14.70
C PHE C 34 -17.79 4.44 -15.09
N ILE C 35 -17.65 5.04 -16.28
CA ILE C 35 -18.65 5.98 -16.76
C ILE C 35 -20.01 5.32 -16.88
N PHE C 36 -20.06 4.14 -17.49
CA PHE C 36 -21.34 3.50 -17.80
C PHE C 36 -22.01 2.95 -16.54
N PHE C 37 -21.26 2.26 -15.68
CA PHE C 37 -21.84 1.57 -14.54
C PHE C 37 -21.90 2.41 -13.28
N TYR C 38 -21.12 3.48 -13.18
CA TYR C 38 -21.11 4.31 -11.99
C TYR C 38 -21.59 5.73 -12.27
N LEU C 39 -20.95 6.45 -13.18
CA LEU C 39 -21.21 7.89 -13.30
C LEU C 39 -22.58 8.17 -13.88
N LEU C 40 -22.94 7.52 -14.99
CA LEU C 40 -24.26 7.73 -15.57
C LEU C 40 -25.36 7.25 -14.63
N ARG C 41 -25.12 6.10 -13.97
CA ARG C 41 -26.07 5.60 -12.99
C ARG C 41 -26.22 6.56 -11.82
N SER C 42 -25.12 7.14 -11.35
CA SER C 42 -25.19 8.08 -10.24
C SER C 42 -25.92 9.36 -10.64
N ILE C 43 -25.71 9.81 -11.88
CA ILE C 43 -26.43 10.98 -12.37
C ILE C 43 -27.92 10.69 -12.43
N ARG C 44 -28.30 9.51 -12.91
CA ARG C 44 -29.71 9.13 -12.92
C ARG C 44 -30.27 9.10 -11.50
N ILE C 45 -29.51 8.57 -10.55
CA ILE C 45 -29.98 8.48 -9.17
C ILE C 45 -30.18 9.88 -8.59
N ILE C 46 -29.22 10.78 -8.80
CA ILE C 46 -29.32 12.14 -8.27
C ILE C 46 -30.50 12.88 -8.88
N TYR C 47 -30.65 12.78 -10.21
CA TYR C 47 -31.76 13.45 -10.89
C TYR C 47 -33.09 12.91 -10.40
N GLY C 48 -33.20 11.59 -10.23
CA GLY C 48 -34.43 11.02 -9.72
C GLY C 48 -34.73 11.47 -8.30
N LEU C 49 -33.70 11.55 -7.45
CA LEU C 49 -33.90 12.01 -6.08
C LEU C 49 -34.39 13.45 -6.06
N LYS C 50 -33.82 14.31 -6.90
CA LYS C 50 -34.29 15.69 -6.95
C LYS C 50 -35.74 15.77 -7.43
N LYS C 51 -36.09 14.96 -8.44
CA LYS C 51 -37.48 14.94 -8.91
C LYS C 51 -38.44 14.45 -7.82
N TYR C 52 -38.04 13.41 -7.09
CA TYR C 52 -38.88 12.89 -6.01
C TYR C 52 -39.01 13.91 -4.88
N THR C 53 -37.93 14.64 -4.59
CA THR C 53 -38.01 15.68 -3.56
C THR C 53 -39.00 16.75 -3.97
N ARG C 54 -38.97 17.17 -5.24
CA ARG C 54 -39.94 18.14 -5.72
C ARG C 54 -41.37 17.59 -5.60
N SER C 55 -41.58 16.33 -5.98
CA SER C 55 -42.91 15.74 -5.90
C SER C 55 -43.41 15.67 -4.46
N ILE C 56 -42.52 15.30 -3.53
CA ILE C 56 -42.90 15.22 -2.12
C ILE C 56 -43.23 16.61 -1.59
N ASN C 57 -42.43 17.61 -1.94
CA ASN C 57 -42.75 18.97 -1.53
C ASN C 57 -44.05 19.47 -2.14
N SER C 58 -44.48 18.89 -3.27
CA SER C 58 -45.73 19.32 -3.89
C SER C 58 -46.96 18.82 -3.14
N ILE C 59 -46.83 17.79 -2.30
CA ILE C 59 -47.96 17.23 -1.58
C ILE C 59 -47.89 17.56 -0.09
N GLU C 60 -47.23 18.66 0.28
CA GLU C 60 -47.13 19.03 1.69
C GLU C 60 -48.49 19.31 2.29
N LYS C 61 -49.39 19.92 1.52
CA LYS C 61 -50.69 20.38 2.03
C LYS C 61 -51.83 19.46 1.60
N SER C 62 -51.54 18.23 1.22
CA SER C 62 -52.55 17.29 0.76
C SER C 62 -53.07 16.45 1.91
N ALA C 63 -54.20 15.80 1.68
CA ALA C 63 -54.78 14.90 2.67
C ALA C 63 -53.90 13.68 2.84
N PRO C 64 -53.89 13.08 4.04
CA PRO C 64 -53.00 11.92 4.28
C PRO C 64 -53.22 10.77 3.31
N GLU C 65 -54.46 10.45 2.95
CA GLU C 65 -54.72 9.39 1.99
C GLU C 65 -54.20 9.77 0.61
N VAL C 66 -54.40 11.03 0.22
CA VAL C 66 -53.89 11.51 -1.06
C VAL C 66 -52.38 11.45 -1.08
N GLN C 67 -51.73 11.87 0.02
CA GLN C 67 -50.28 11.79 0.11
C GLN C 67 -49.81 10.35 -0.02
N LEU C 68 -50.49 9.42 0.67
CA LEU C 68 -50.08 8.02 0.62
C LEU C 68 -50.20 7.47 -0.79
N GLU C 69 -51.31 7.76 -1.47
CA GLU C 69 -51.47 7.25 -2.83
C GLU C 69 -50.43 7.86 -3.77
N HIS C 70 -50.17 9.16 -3.62
CA HIS C 70 -49.19 9.83 -4.46
C HIS C 70 -47.80 9.25 -4.25
N LEU C 71 -47.41 9.04 -3.00
CA LEU C 71 -46.09 8.47 -2.71
C LEU C 71 -45.99 7.03 -3.19
N LYS C 72 -47.06 6.25 -3.03
CA LYS C 72 -47.05 4.88 -3.53
C LYS C 72 -46.85 4.85 -5.04
N SER C 73 -47.56 5.72 -5.76
CA SER C 73 -47.38 5.78 -7.21
C SER C 73 -46.01 6.34 -7.59
N LEU C 74 -45.38 7.12 -6.71
CA LEU C 74 -44.13 7.79 -7.06
C LEU C 74 -42.97 6.81 -7.15
N PHE C 75 -42.89 5.85 -6.22
CA PHE C 75 -41.69 5.02 -6.08
C PHE C 75 -41.90 3.68 -6.79
N GLN C 76 -41.18 3.49 -7.90
CA GLN C 76 -41.32 2.29 -8.72
C GLN C 76 -40.03 1.52 -8.94
N ARG C 77 -38.86 2.16 -8.77
CA ARG C 77 -37.61 1.41 -8.79
C ARG C 77 -37.59 0.40 -7.66
N SER C 78 -36.93 -0.74 -7.90
CA SER C 78 -37.02 -1.87 -6.97
C SER C 78 -36.58 -1.48 -5.57
N GLU C 79 -35.38 -0.92 -5.45
CA GLU C 79 -34.90 -0.50 -4.13
C GLU C 79 -35.77 0.61 -3.57
N LEU C 80 -36.19 1.55 -4.42
CA LEU C 80 -37.08 2.62 -3.96
C LEU C 80 -38.45 2.09 -3.57
N LYS C 81 -39.01 1.17 -4.34
CA LYS C 81 -40.31 0.60 -4.00
C LYS C 81 -40.24 -0.16 -2.68
N HIS C 82 -39.18 -0.94 -2.48
CA HIS C 82 -39.01 -1.66 -1.22
C HIS C 82 -38.83 -0.69 -0.05
N ALA C 83 -38.02 0.37 -0.25
CA ALA C 83 -37.84 1.34 0.81
C ALA C 83 -39.15 2.02 1.17
N TRP C 84 -39.96 2.38 0.16
CA TRP C 84 -41.24 3.02 0.43
C TRP C 84 -42.17 2.06 1.15
N ASN C 85 -42.21 0.78 0.75
CA ASN C 85 -43.09 -0.17 1.43
C ASN C 85 -42.72 -0.30 2.91
N GLU C 86 -41.42 -0.44 3.20
CA GLU C 86 -41.00 -0.57 4.59
C GLU C 86 -41.26 0.70 5.38
N PHE C 87 -40.93 1.87 4.80
CA PHE C 87 -41.18 3.13 5.49
C PHE C 87 -42.67 3.33 5.75
N GLU C 88 -43.51 3.02 4.78
CA GLU C 88 -44.95 3.17 4.95
C GLU C 88 -45.46 2.27 6.07
N GLU C 89 -44.97 1.04 6.14
CA GLU C 89 -45.39 0.21 7.25
C GLU C 89 -44.80 0.70 8.57
N SER C 90 -43.74 1.51 8.54
CA SER C 90 -43.32 2.22 9.74
C SER C 90 -44.17 3.44 10.05
N LEU C 91 -44.99 3.90 9.10
CA LEU C 91 -45.88 5.03 9.35
C LEU C 91 -47.13 4.55 10.07
N HIS C 92 -47.51 5.28 11.11
CA HIS C 92 -48.67 4.96 11.93
C HIS C 92 -49.82 5.88 11.55
N SER C 93 -50.91 5.28 11.07
CA SER C 93 -52.11 6.02 10.71
C SER C 93 -53.02 6.12 11.93
N GLN C 94 -53.48 7.34 12.22
CA GLN C 94 -54.39 7.57 13.33
C GLN C 94 -55.81 7.69 12.81
N TYR C 95 -56.69 6.84 13.29
CA TYR C 95 -58.06 6.72 12.80
C TYR C 95 -59.02 7.41 13.75
N GLU C 96 -60.04 8.06 13.18
CA GLU C 96 -61.13 8.64 13.95
C GLU C 96 -62.44 8.31 13.27
N LEU C 97 -63.50 8.20 14.07
CA LEU C 97 -64.84 7.93 13.56
C LEU C 97 -65.47 9.24 13.08
N GLU C 98 -65.39 9.48 11.76
CA GLU C 98 -65.99 10.67 11.15
C GLU C 98 -66.66 10.23 9.85
N ASN C 99 -67.94 9.86 9.95
CA ASN C 99 -68.67 9.82 11.20
C ASN C 99 -69.24 8.43 11.46
N GLY C 100 -69.15 7.57 10.45
CA GLY C 100 -69.59 6.19 10.58
C GLY C 100 -68.55 5.21 10.10
N GLU C 101 -67.46 5.73 9.52
CA GLU C 101 -66.39 4.90 8.99
C GLU C 101 -65.05 5.45 9.46
N GLU C 102 -64.06 4.57 9.51
CA GLU C 102 -62.73 4.95 9.98
C GLU C 102 -62.04 5.80 8.92
N LYS C 103 -61.64 7.00 9.31
CA LYS C 103 -60.97 7.93 8.42
C LYS C 103 -59.61 8.28 8.99
N ILE C 104 -58.59 8.31 8.13
CA ILE C 104 -57.24 8.66 8.55
C ILE C 104 -57.17 10.17 8.73
N VAL C 105 -57.11 10.62 9.99
CA VAL C 105 -57.03 12.05 10.27
C VAL C 105 -55.59 12.55 10.37
N ARG C 106 -54.63 11.65 10.58
CA ARG C 106 -53.24 12.04 10.74
C ARG C 106 -52.36 10.80 10.58
N ILE C 107 -51.17 11.01 10.04
CA ILE C 107 -50.19 9.95 9.87
C ILE C 107 -48.94 10.33 10.63
N ARG C 108 -48.47 9.42 11.47
CA ARG C 108 -47.36 9.68 12.37
C ARG C 108 -46.17 8.80 12.01
N ALA C 109 -44.99 9.40 12.05
CA ALA C 109 -43.74 8.71 11.77
C ALA C 109 -43.23 8.08 13.06
N THR C 110 -42.79 6.83 12.97
CA THR C 110 -42.13 6.16 14.09
C THR C 110 -40.66 5.91 13.82
N ALA C 111 -40.15 6.30 12.66
CA ALA C 111 -38.76 6.07 12.29
C ALA C 111 -38.35 7.14 11.29
N PRO C 112 -37.08 7.51 11.26
CA PRO C 112 -36.61 8.38 10.18
C PRO C 112 -36.73 7.68 8.84
N SER C 113 -37.03 8.46 7.80
CA SER C 113 -37.14 7.87 6.47
C SER C 113 -35.79 7.36 5.98
N ALA C 114 -34.69 7.93 6.48
CA ALA C 114 -33.36 7.42 6.13
C ALA C 114 -33.13 5.99 6.60
N SER C 115 -33.89 5.52 7.59
CA SER C 115 -33.78 4.13 8.01
C SER C 115 -34.12 3.16 6.88
N PHE C 116 -34.95 3.58 5.93
CA PHE C 116 -35.35 2.74 4.81
C PHE C 116 -34.83 3.25 3.48
N PHE C 117 -34.89 4.55 3.24
CA PHE C 117 -34.23 5.16 2.07
C PHE C 117 -32.79 5.51 2.42
N SER C 118 -32.02 4.46 2.72
CA SER C 118 -30.68 4.65 3.25
C SER C 118 -29.66 4.77 2.11
N GLU C 119 -28.49 5.30 2.46
CA GLU C 119 -27.40 5.43 1.50
C GLU C 119 -26.96 4.07 0.99
N GLN C 120 -26.86 3.09 1.87
CA GLN C 120 -26.47 1.74 1.45
C GLN C 120 -27.48 1.16 0.46
N GLN C 121 -28.78 1.35 0.73
CA GLN C 121 -29.82 0.79 -0.11
C GLN C 121 -29.88 1.50 -1.46
N LEU C 122 -29.76 2.82 -1.46
CA LEU C 122 -30.13 3.64 -2.60
C LEU C 122 -28.97 4.12 -3.44
N VAL C 123 -27.75 4.10 -2.90
CA VAL C 123 -26.59 4.62 -3.61
C VAL C 123 -25.48 3.59 -3.65
N ASP C 124 -25.06 3.14 -2.46
CA ASP C 124 -23.83 2.34 -2.36
C ASP C 124 -23.91 1.03 -3.13
N ILE C 125 -25.02 0.32 -3.00
CA ILE C 125 -25.16 -0.98 -3.67
C ILE C 125 -25.49 -0.80 -5.15
N PRO C 126 -26.45 0.06 -5.53
CA PRO C 126 -26.65 0.30 -6.97
C PRO C 126 -25.42 0.84 -7.69
N LEU C 127 -24.63 1.71 -7.04
CA LEU C 127 -23.43 2.24 -7.66
C LEU C 127 -22.24 1.29 -7.58
N ASN C 128 -22.38 0.18 -6.85
CA ASN C 128 -21.28 -0.77 -6.63
C ASN C 128 -20.05 -0.05 -6.09
N THR C 129 -20.24 0.78 -5.07
CA THR C 129 -19.13 1.50 -4.48
C THR C 129 -18.12 0.57 -3.82
N GLU C 130 -18.56 -0.58 -3.32
CA GLU C 130 -17.63 -1.53 -2.71
C GLU C 130 -16.56 -1.99 -3.68
N PHE C 131 -16.83 -1.95 -4.98
CA PHE C 131 -15.82 -2.21 -6.00
C PHE C 131 -15.15 -0.94 -6.50
N PHE C 132 -15.92 0.06 -6.89
CA PHE C 132 -15.39 1.19 -7.64
C PHE C 132 -14.51 2.13 -6.82
N LYS C 133 -14.61 2.11 -5.49
CA LYS C 133 -13.69 2.93 -4.71
C LYS C 133 -12.25 2.42 -4.79
N HIS C 134 -12.06 1.18 -5.22
CA HIS C 134 -10.74 0.60 -5.41
C HIS C 134 -10.24 0.66 -6.84
N LEU C 135 -11.04 1.20 -7.75
CA LEU C 135 -10.63 1.26 -9.16
C LEU C 135 -9.40 2.13 -9.43
N PRO C 136 -9.26 3.33 -8.87
CA PRO C 136 -8.07 4.13 -9.17
C PRO C 136 -6.76 3.44 -8.82
N GLY C 137 -6.74 2.71 -7.71
CA GLY C 137 -5.56 1.93 -7.38
C GLY C 137 -5.27 0.86 -8.42
N ILE C 138 -6.33 0.23 -8.94
CA ILE C 138 -6.18 -0.76 -10.00
C ILE C 138 -5.57 -0.12 -11.25
N LEU C 139 -6.04 1.08 -11.61
CA LEU C 139 -5.50 1.77 -12.77
C LEU C 139 -4.02 2.09 -12.61
N THR C 140 -3.66 2.63 -11.44
CA THR C 140 -2.24 2.95 -11.20
C THR C 140 -1.39 1.68 -11.20
N GLY C 141 -1.92 0.60 -10.65
CA GLY C 141 -1.20 -0.66 -10.67
C GLY C 141 -0.97 -1.17 -12.08
N MET C 142 -1.97 -1.00 -12.96
CA MET C 142 -1.75 -1.38 -14.36
C MET C 142 -0.68 -0.53 -15.01
N GLY C 143 -0.61 0.76 -14.65
CA GLY C 143 0.50 1.57 -15.12
C GLY C 143 1.85 1.01 -14.70
N ILE C 144 1.97 0.63 -13.43
CA ILE C 144 3.22 0.05 -12.93
C ILE C 144 3.55 -1.24 -13.68
N ILE C 145 2.55 -2.10 -13.86
CA ILE C 145 2.75 -3.38 -14.52
C ILE C 145 3.22 -3.17 -15.95
N GLY C 146 2.63 -2.19 -16.64
CA GLY C 146 3.10 -1.86 -17.98
C GLY C 146 4.54 -1.42 -18.00
N THR C 147 4.93 -0.58 -17.03
CA THR C 147 6.34 -0.18 -16.93
C THR C 147 7.25 -1.40 -16.84
N PHE C 148 6.93 -2.31 -15.91
CA PHE C 148 7.79 -3.48 -15.71
C PHE C 148 7.83 -4.36 -16.96
N TYR C 149 6.68 -4.58 -17.60
CA TYR C 149 6.63 -5.46 -18.77
C TYR C 149 7.42 -4.87 -19.94
N GLY C 150 7.23 -3.58 -20.23
CA GLY C 150 7.98 -2.95 -21.29
C GLY C 150 9.48 -2.96 -21.03
N LEU C 151 9.88 -2.72 -19.78
CA LEU C 151 11.29 -2.80 -19.47
C LEU C 151 11.83 -4.22 -19.60
N MET C 152 11.02 -5.23 -19.28
CA MET C 152 11.46 -6.60 -19.53
C MET C 152 11.73 -6.83 -21.00
N ILE C 153 10.83 -6.34 -21.86
CA ILE C 153 11.03 -6.51 -23.29
C ILE C 153 12.32 -5.84 -23.73
N GLY C 154 12.57 -4.63 -23.23
CA GLY C 154 13.82 -3.96 -23.55
C GLY C 154 15.04 -4.72 -23.07
N LEU C 155 14.99 -5.25 -21.85
CA LEU C 155 16.18 -5.89 -21.26
C LEU C 155 16.46 -7.23 -21.92
N ASN C 156 15.42 -8.02 -22.18
CA ASN C 156 15.62 -9.36 -22.72
C ASN C 156 16.21 -9.33 -24.13
N HIS C 157 15.87 -8.33 -24.92
CA HIS C 157 16.32 -8.24 -26.31
C HIS C 157 17.58 -7.41 -26.47
N PHE C 158 18.23 -7.02 -25.38
CA PHE C 158 19.49 -6.29 -25.48
C PHE C 158 20.56 -7.17 -26.11
N ASP C 159 21.11 -6.70 -27.22
CA ASP C 159 22.12 -7.44 -27.97
C ASP C 159 23.46 -6.73 -27.87
N PRO C 160 24.44 -7.30 -27.16
CA PRO C 160 25.76 -6.65 -27.04
C PRO C 160 26.79 -7.09 -28.06
N SER C 161 26.44 -7.93 -29.02
CA SER C 161 27.45 -8.57 -29.87
C SER C 161 28.17 -7.56 -30.75
N THR C 162 27.44 -6.60 -31.31
CA THR C 162 27.99 -5.68 -32.30
C THR C 162 27.74 -4.25 -31.82
N PRO C 163 28.69 -3.34 -32.07
CA PRO C 163 28.47 -1.94 -31.65
C PRO C 163 27.18 -1.34 -32.17
N GLU C 164 26.81 -1.62 -33.42
CA GLU C 164 25.53 -1.14 -33.93
C GLU C 164 24.36 -1.89 -33.32
N GLN C 165 24.54 -3.18 -33.01
CA GLN C 165 23.53 -3.90 -32.25
C GLN C 165 23.38 -3.30 -30.86
N VAL C 166 24.50 -2.90 -30.25
CA VAL C 166 24.45 -2.20 -28.96
C VAL C 166 23.66 -0.91 -29.08
N SER C 167 23.93 -0.13 -30.13
CA SER C 167 23.23 1.14 -30.31
C SER C 167 21.73 0.93 -30.52
N SER C 168 21.36 -0.07 -31.32
CA SER C 168 19.94 -0.35 -31.53
C SER C 168 19.28 -0.81 -30.24
N SER C 169 19.96 -1.66 -29.47
CA SER C 169 19.41 -2.09 -28.18
C SER C 169 19.23 -0.91 -27.24
N VAL C 170 20.19 0.01 -27.22
CA VAL C 170 20.10 1.19 -26.36
C VAL C 170 18.93 2.07 -26.79
N ASN C 171 18.77 2.28 -28.09
CA ASN C 171 17.64 3.06 -28.59
C ASN C 171 16.32 2.41 -28.22
N ASN C 172 16.23 1.08 -28.35
CA ASN C 172 15.02 0.36 -27.98
C ASN C 172 14.73 0.50 -26.49
N LEU C 173 15.76 0.40 -25.65
CA LEU C 173 15.58 0.56 -24.22
C LEU C 173 15.07 1.96 -23.88
N LEU C 174 15.65 2.99 -24.51
CA LEU C 174 15.18 4.36 -24.28
C LEU C 174 13.74 4.51 -24.73
N ARG C 175 13.38 3.94 -25.87
CA ARG C 175 12.02 4.02 -26.38
C ARG C 175 11.06 3.33 -25.42
N ASP C 176 11.51 2.22 -24.82
CA ASP C 176 10.69 1.48 -23.88
C ASP C 176 10.48 2.26 -22.58
N VAL C 177 11.52 2.97 -22.12
CA VAL C 177 11.36 3.81 -20.95
C VAL C 177 10.38 4.94 -21.24
N LEU C 178 10.44 5.52 -22.43
CA LEU C 178 9.46 6.54 -22.81
C LEU C 178 8.06 5.96 -22.85
N TYR C 179 7.92 4.74 -23.38
CA TYR C 179 6.63 4.05 -23.38
C TYR C 179 6.10 3.84 -21.97
N ALA C 180 6.97 3.42 -21.05
CA ALA C 180 6.57 3.22 -19.67
C ALA C 180 6.13 4.53 -19.03
N PHE C 181 6.85 5.61 -19.31
CA PHE C 181 6.45 6.92 -18.81
C PHE C 181 5.07 7.31 -19.32
N LEU C 182 4.82 7.10 -20.61
CA LEU C 182 3.52 7.46 -21.19
C LEU C 182 2.40 6.63 -20.58
N GLY C 183 2.63 5.32 -20.44
CA GLY C 183 1.61 4.46 -19.85
C GLY C 183 1.30 4.85 -18.42
N SER C 184 2.33 5.13 -17.63
CA SER C 184 2.10 5.53 -16.24
C SER C 184 1.40 6.89 -16.15
N ALA C 185 1.79 7.84 -16.99
CA ALA C 185 1.13 9.15 -16.98
C ALA C 185 -0.35 9.00 -17.30
N PHE C 186 -0.66 8.23 -18.35
CA PHE C 186 -2.06 8.01 -18.71
C PHE C 186 -2.82 7.31 -17.59
N ALA C 187 -2.22 6.29 -16.98
CA ALA C 187 -2.91 5.54 -15.95
C ALA C 187 -3.19 6.40 -14.74
N ILE C 188 -2.21 7.19 -14.30
CA ILE C 188 -2.42 8.05 -13.13
C ILE C 188 -3.41 9.15 -13.45
N PHE C 189 -3.39 9.67 -14.68
CA PHE C 189 -4.36 10.67 -15.09
C PHE C 189 -5.77 10.11 -15.02
N ALA C 190 -5.97 8.90 -15.54
CA ALA C 190 -7.29 8.28 -15.46
C ALA C 190 -7.68 7.98 -14.03
N SER C 191 -6.73 7.56 -13.19
CA SER C 191 -7.04 7.23 -11.81
C SER C 191 -7.51 8.48 -11.05
N ILE C 192 -6.81 9.60 -11.24
CA ILE C 192 -7.23 10.81 -10.53
C ILE C 192 -8.53 11.36 -11.11
N LEU C 193 -8.74 11.23 -12.42
CA LEU C 193 -10.02 11.64 -13.00
C LEU C 193 -11.17 10.81 -12.45
N VAL C 194 -10.97 9.50 -12.35
CA VAL C 194 -11.98 8.61 -11.79
C VAL C 194 -12.24 8.97 -10.34
N THR C 195 -11.17 9.22 -9.57
CA THR C 195 -11.34 9.60 -8.17
C THR C 195 -12.17 10.88 -8.05
N TRP C 196 -11.83 11.90 -8.85
CA TRP C 196 -12.56 13.15 -8.80
C TRP C 196 -14.02 12.94 -9.10
N LEU C 197 -14.32 12.28 -10.23
CA LEU C 197 -15.72 12.09 -10.63
C LEU C 197 -16.46 11.25 -9.61
N GLU C 198 -15.86 10.16 -9.14
CA GLU C 198 -16.54 9.25 -8.23
C GLU C 198 -16.83 9.92 -6.90
N LYS C 199 -15.86 10.64 -6.34
CA LYS C 199 -16.06 11.26 -5.04
C LYS C 199 -17.04 12.42 -5.13
N LEU C 200 -16.98 13.21 -6.21
CA LEU C 200 -17.98 14.24 -6.41
C LEU C 200 -19.38 13.65 -6.54
N SER C 201 -19.51 12.55 -7.30
CA SER C 201 -20.80 11.90 -7.47
C SER C 201 -21.33 11.37 -6.15
N ILE C 202 -20.47 10.76 -5.34
CA ILE C 202 -20.91 10.17 -4.09
C ILE C 202 -21.32 11.26 -3.10
N ALA C 203 -20.56 12.38 -3.08
CA ALA C 203 -20.93 13.50 -2.23
C ALA C 203 -22.29 14.07 -2.64
N LYS C 204 -22.50 14.27 -3.94
CA LYS C 204 -23.77 14.81 -4.41
C LYS C 204 -24.92 13.84 -4.16
N SER C 205 -24.67 12.55 -4.33
CA SER C 205 -25.69 11.56 -4.05
C SER C 205 -26.11 11.59 -2.58
N TYR C 206 -25.14 11.68 -1.67
CA TYR C 206 -25.48 11.76 -0.26
C TYR C 206 -26.21 13.05 0.07
N LYS C 207 -25.78 14.17 -0.52
CA LYS C 207 -26.45 15.45 -0.31
C LYS C 207 -27.91 15.39 -0.72
N TYR C 208 -28.16 14.93 -1.94
CA TYR C 208 -29.54 14.95 -2.45
C TYR C 208 -30.39 13.86 -1.83
N LEU C 209 -29.80 12.74 -1.41
CA LEU C 209 -30.56 11.75 -0.65
C LEU C 209 -30.94 12.29 0.72
N GLU C 210 -30.05 13.07 1.35
CA GLU C 210 -30.42 13.72 2.60
C GLU C 210 -31.56 14.71 2.39
N LYS C 211 -31.51 15.48 1.30
CA LYS C 211 -32.62 16.38 1.02
C LYS C 211 -33.91 15.61 0.79
N PHE C 212 -33.85 14.49 0.08
CA PHE C 212 -35.02 13.65 -0.16
C PHE C 212 -35.59 13.13 1.15
N THR C 213 -34.75 12.55 2.01
CA THR C 213 -35.24 11.97 3.25
C THR C 213 -35.74 13.04 4.22
N ALA C 214 -35.13 14.23 4.19
CA ALA C 214 -35.66 15.35 4.96
C ALA C 214 -37.03 15.77 4.45
N ALA C 215 -37.23 15.75 3.14
CA ALA C 215 -38.54 16.06 2.59
C ALA C 215 -39.58 15.03 3.01
N LEU C 216 -39.21 13.75 3.01
CA LEU C 216 -40.13 12.73 3.51
C LEU C 216 -40.40 12.90 4.99
N ASP C 217 -39.37 13.23 5.78
CA ASP C 217 -39.55 13.38 7.22
C ASP C 217 -40.41 14.58 7.56
N SER C 218 -40.41 15.62 6.74
CA SER C 218 -41.23 16.80 6.97
C SER C 218 -42.73 16.50 6.89
N LEU C 219 -43.13 15.44 6.19
CA LEU C 219 -44.54 15.13 6.04
C LEU C 219 -45.18 14.63 7.33
N TYR C 220 -44.46 13.84 8.13
CA TYR C 220 -45.06 13.14 9.26
C TYR C 220 -44.33 13.47 10.55
N ASP C 221 -45.11 13.66 11.60
CA ASP C 221 -44.61 14.00 12.93
C ASP C 221 -44.39 12.74 13.75
N SER C 222 -43.32 12.74 14.53
CA SER C 222 -42.96 11.63 15.41
C SER C 222 -43.59 11.83 16.79
N GLY C 223 -43.18 10.98 17.73
CA GLY C 223 -43.60 11.12 19.11
C GLY C 223 -45.01 10.72 19.42
N VAL C 224 -45.63 9.85 18.62
CA VAL C 224 -46.99 9.43 18.93
C VAL C 224 -47.03 8.50 20.15
N GLY C 225 -45.97 7.72 20.37
CA GLY C 225 -45.99 6.75 21.45
C GLY C 225 -46.06 7.38 22.83
N GLU C 226 -45.28 8.44 23.03
CA GLU C 226 -45.36 9.17 24.29
C GLU C 226 -46.72 9.83 24.46
N GLU C 227 -47.33 10.29 23.36
CA GLU C 227 -48.66 10.86 23.43
C GLU C 227 -49.69 9.81 23.85
N TYR C 228 -49.57 8.59 23.30
CA TYR C 228 -50.47 7.51 23.69
C TYR C 228 -50.29 7.15 25.16
N LEU C 229 -49.04 7.09 25.63
CA LEU C 229 -48.80 6.80 27.04
C LEU C 229 -49.38 7.88 27.95
N ALA C 230 -49.20 9.16 27.57
CA ALA C 230 -49.77 10.25 28.35
C ALA C 230 -51.29 10.19 28.37
N SER C 231 -51.90 9.87 27.22
CA SER C 231 -53.35 9.69 27.17
C SER C 231 -53.79 8.56 28.10
N LEU C 232 -53.05 7.46 28.13
CA LEU C 232 -53.41 6.35 29.00
C LEU C 232 -53.32 6.76 30.47
N VAL C 233 -52.28 7.52 30.83
CA VAL C 233 -52.11 7.95 32.22
C VAL C 233 -53.27 8.86 32.63
N LYS C 234 -53.59 9.83 31.77
CA LYS C 234 -54.70 10.74 32.04
C LYS C 234 -56.01 9.97 32.15
N SER C 235 -56.22 8.99 31.28
CA SER C 235 -57.43 8.19 31.32
C SER C 235 -57.53 7.37 32.61
N SER C 236 -56.41 6.82 33.07
CA SER C 236 -56.43 6.05 34.32
C SER C 236 -56.82 6.92 35.51
N ASN C 237 -56.19 8.09 35.62
CA ASN C 237 -56.53 9.00 36.72
C ASN C 237 -58.00 9.43 36.63
N GLU C 238 -58.45 9.80 35.43
CA GLU C 238 -59.82 10.23 35.25
C GLU C 238 -60.80 9.09 35.47
N SER C 239 -60.38 7.85 35.21
CA SER C 239 -61.24 6.71 35.46
C SER C 239 -61.45 6.50 36.95
N ALA C 240 -60.40 6.65 37.75
CA ALA C 240 -60.57 6.60 39.20
C ALA C 240 -61.54 7.69 39.67
N THR C 241 -61.30 8.93 39.21
CA THR C 241 -62.16 10.03 39.64
C THR C 241 -63.61 9.81 39.21
N GLN C 242 -63.83 9.35 37.98
CA GLN C 242 -65.17 9.13 37.47
C GLN C 242 -65.84 7.96 38.17
N ALA C 243 -65.07 6.95 38.58
CA ALA C 243 -65.66 5.87 39.36
C ALA C 243 -66.19 6.38 40.69
N ARG C 244 -65.40 7.23 41.38
CA ARG C 244 -65.90 7.81 42.62
C ARG C 244 -67.14 8.66 42.39
N HIS C 245 -67.11 9.50 41.34
CA HIS C 245 -68.24 10.37 41.05
C HIS C 245 -69.50 9.56 40.69
N LEU C 246 -69.33 8.49 39.91
CA LEU C 246 -70.47 7.66 39.52
C LEU C 246 -71.05 6.94 40.73
N LYS C 247 -70.20 6.47 41.64
CA LYS C 247 -70.72 5.88 42.87
C LYS C 247 -71.56 6.89 43.64
N GLU C 248 -71.05 8.12 43.78
CA GLU C 248 -71.79 9.15 44.50
C GLU C 248 -73.13 9.44 43.84
N SER C 249 -73.13 9.58 42.52
CA SER C 249 -74.38 9.87 41.80
C SER C 249 -75.36 8.72 41.93
N LEU C 250 -74.89 7.48 41.82
CA LEU C 250 -75.77 6.33 41.91
C LEU C 250 -76.39 6.21 43.30
N VAL C 251 -75.60 6.43 44.35
CA VAL C 251 -76.15 6.31 45.69
C VAL C 251 -77.14 7.45 45.96
N THR C 252 -76.86 8.65 45.45
CA THR C 252 -77.81 9.76 45.62
C THR C 252 -79.12 9.47 44.90
N ASP C 253 -79.04 8.96 43.67
CA ASP C 253 -80.26 8.65 42.93
C ASP C 253 -81.04 7.50 43.57
N LEU C 254 -80.33 6.52 44.12
CA LEU C 254 -81.01 5.43 44.83
C LEU C 254 -81.72 5.96 46.08
N ARG C 255 -81.08 6.87 46.81
CA ARG C 255 -81.75 7.49 47.95
C ARG C 255 -82.99 8.24 47.53
N ASP C 256 -82.91 8.99 46.43
CA ASP C 256 -84.07 9.73 45.94
C ASP C 256 -85.21 8.77 45.55
N MET C 257 -84.86 7.69 44.87
CA MET C 257 -85.88 6.71 44.46
C MET C 257 -86.52 6.03 45.66
N LEU C 258 -85.72 5.69 46.67
CA LEU C 258 -86.27 5.10 47.89
C LEU C 258 -87.20 6.06 48.61
N LEU C 259 -86.81 7.35 48.67
CA LEU C 259 -87.69 8.35 49.29
C LEU C 259 -89.00 8.47 48.53
N HIS C 260 -88.93 8.45 47.19
CA HIS C 260 -90.15 8.52 46.38
C HIS C 260 -91.04 7.31 46.64
N LEU C 261 -90.45 6.12 46.71
CA LEU C 261 -91.23 4.91 46.98
C LEU C 261 -91.89 4.97 48.35
N ALA C 262 -91.15 5.46 49.35
CA ALA C 262 -91.73 5.59 50.69
C ALA C 262 -92.88 6.59 50.70
N GLU C 263 -92.72 7.72 50.01
CA GLU C 263 -93.79 8.70 49.93
C GLU C 263 -95.02 8.14 49.24
N SER C 264 -94.83 7.41 48.13
CA SER C 264 -95.95 6.79 47.45
C SER C 264 -96.65 5.77 48.32
N GLN C 265 -95.88 4.97 49.06
CA GLN C 265 -96.48 4.00 49.98
C GLN C 265 -97.30 4.71 51.06
N MET D 1 29.53 -9.03 13.34
CA MET D 1 29.68 -10.31 14.01
C MET D 1 29.85 -11.44 12.98
N SER D 2 30.41 -12.57 13.43
CA SER D 2 30.73 -13.65 12.50
C SER D 2 29.47 -14.23 11.86
N TRP D 3 28.41 -14.40 12.65
CA TRP D 3 27.17 -14.96 12.10
C TRP D 3 26.59 -14.06 11.01
N LEU D 4 26.61 -12.75 11.25
CA LEU D 4 26.12 -11.81 10.24
C LEU D 4 27.02 -11.78 9.01
N ASN D 5 28.34 -11.95 9.20
CA ASN D 5 29.24 -12.06 8.06
C ASN D 5 28.89 -13.28 7.20
N SER D 6 28.65 -14.42 7.85
CA SER D 6 28.26 -15.62 7.11
C SER D 6 26.93 -15.42 6.40
N ILE D 7 25.97 -14.76 7.08
CA ILE D 7 24.67 -14.53 6.47
C ILE D 7 24.80 -13.63 5.24
N LEU D 8 25.59 -12.56 5.35
CA LEU D 8 25.77 -11.67 4.20
C LEU D 8 26.49 -12.37 3.05
N VAL D 9 27.50 -13.18 3.35
CA VAL D 9 28.24 -13.83 2.27
C VAL D 9 27.37 -14.88 1.60
N THR D 10 26.49 -15.56 2.35
CA THR D 10 25.62 -16.53 1.71
C THR D 10 24.47 -15.88 0.94
N LEU D 11 24.01 -14.69 1.38
CA LEU D 11 22.99 -14.00 0.60
C LEU D 11 23.57 -13.33 -0.65
N THR D 12 24.84 -12.94 -0.60
CA THR D 12 25.46 -12.31 -1.76
C THR D 12 25.64 -13.29 -2.91
N SER D 13 25.86 -14.56 -2.61
CA SER D 13 26.14 -15.56 -3.62
C SER D 13 24.89 -16.16 -4.24
N VAL D 14 23.70 -15.71 -3.83
CA VAL D 14 22.47 -16.28 -4.34
C VAL D 14 22.35 -16.00 -5.83
N GLU D 15 22.14 -17.05 -6.60
CA GLU D 15 22.12 -16.92 -8.05
C GLU D 15 20.88 -16.15 -8.48
N PRO D 16 21.02 -15.12 -9.31
CA PRO D 16 19.92 -14.16 -9.49
C PRO D 16 18.61 -14.75 -10.00
N TYR D 17 18.65 -15.79 -10.83
CA TYR D 17 17.40 -16.32 -11.38
C TYR D 17 16.53 -16.98 -10.33
N LYS D 18 17.09 -17.34 -9.16
CA LYS D 18 16.30 -18.03 -8.15
C LYS D 18 15.33 -17.08 -7.44
N VAL D 19 15.66 -15.79 -7.35
CA VAL D 19 14.76 -14.85 -6.68
C VAL D 19 13.43 -14.71 -7.40
N PRO D 20 13.38 -14.43 -8.71
CA PRO D 20 12.07 -14.39 -9.38
C PRO D 20 11.34 -15.72 -9.32
N VAL D 21 12.05 -16.84 -9.36
CA VAL D 21 11.38 -18.14 -9.25
C VAL D 21 10.69 -18.26 -7.90
N THR D 22 11.39 -17.90 -6.83
CA THR D 22 10.80 -17.95 -5.50
C THR D 22 9.60 -17.01 -5.39
N VAL D 23 9.73 -15.79 -5.93
CA VAL D 23 8.64 -14.84 -5.88
C VAL D 23 7.43 -15.40 -6.62
N ILE D 24 7.64 -15.96 -7.82
CA ILE D 24 6.53 -16.45 -8.62
C ILE D 24 5.87 -17.64 -7.94
N VAL D 25 6.66 -18.52 -7.33
CA VAL D 25 6.09 -19.68 -6.64
C VAL D 25 5.25 -19.23 -5.46
N THR D 26 5.79 -18.31 -4.64
CA THR D 26 5.05 -17.86 -3.47
C THR D 26 3.80 -17.09 -3.86
N VAL D 27 3.89 -16.26 -4.90
CA VAL D 27 2.74 -15.48 -5.36
C VAL D 27 1.68 -16.40 -5.95
N THR D 28 2.09 -17.44 -6.68
CA THR D 28 1.13 -18.42 -7.19
C THR D 28 0.46 -19.17 -6.05
N PHE D 29 1.22 -19.52 -5.01
CA PHE D 29 0.59 -20.16 -3.85
C PHE D 29 -0.44 -19.24 -3.20
N ALA D 30 -0.09 -17.95 -3.05
CA ALA D 30 -1.03 -17.00 -2.49
C ALA D 30 -2.27 -16.86 -3.37
N PHE D 31 -2.09 -16.87 -4.68
CA PHE D 31 -3.23 -16.75 -5.59
C PHE D 31 -4.13 -17.98 -5.52
N VAL D 32 -3.53 -19.18 -5.43
CA VAL D 32 -4.34 -20.39 -5.30
C VAL D 32 -5.09 -20.39 -3.97
N CYS D 33 -4.43 -19.95 -2.90
CA CYS D 33 -5.12 -19.80 -1.62
C CYS D 33 -6.26 -18.80 -1.74
N PHE D 34 -6.05 -17.70 -2.44
CA PHE D 34 -7.10 -16.72 -2.64
C PHE D 34 -8.29 -17.33 -3.37
N ILE D 35 -8.02 -18.08 -4.44
CA ILE D 35 -9.08 -18.71 -5.21
C ILE D 35 -9.85 -19.70 -4.35
N PHE D 36 -9.14 -20.54 -3.60
CA PHE D 36 -9.78 -21.63 -2.87
C PHE D 36 -10.55 -21.10 -1.66
N PHE D 37 -9.93 -20.22 -0.88
CA PHE D 37 -10.52 -19.78 0.38
C PHE D 37 -11.43 -18.57 0.26
N TYR D 38 -11.29 -17.78 -0.81
CA TYR D 38 -12.10 -16.58 -0.95
C TYR D 38 -13.04 -16.64 -2.14
N LEU D 39 -12.52 -16.80 -3.35
CA LEU D 39 -13.34 -16.59 -4.54
C LEU D 39 -14.40 -17.68 -4.69
N LEU D 40 -13.99 -18.95 -4.59
CA LEU D 40 -14.95 -20.04 -4.74
C LEU D 40 -15.97 -20.03 -3.62
N ARG D 41 -15.53 -19.74 -2.39
CA ARG D 41 -16.46 -19.64 -1.27
C ARG D 41 -17.45 -18.50 -1.50
N SER D 42 -16.98 -17.37 -2.01
CA SER D 42 -17.89 -16.25 -2.26
C SER D 42 -18.88 -16.57 -3.37
N ILE D 43 -18.44 -17.27 -4.41
CA ILE D 43 -19.35 -17.69 -5.46
C ILE D 43 -20.42 -18.62 -4.88
N ARG D 44 -20.02 -19.58 -4.05
CA ARG D 44 -20.98 -20.47 -3.42
C ARG D 44 -21.95 -19.69 -2.53
N ILE D 45 -21.45 -18.70 -1.81
CA ILE D 45 -22.31 -17.91 -0.91
C ILE D 45 -23.30 -17.08 -1.72
N ILE D 46 -22.86 -16.49 -2.82
CA ILE D 46 -23.77 -15.72 -3.67
C ILE D 46 -24.86 -16.64 -4.23
N TYR D 47 -24.48 -17.82 -4.67
CA TYR D 47 -25.47 -18.78 -5.17
C TYR D 47 -26.44 -19.19 -4.07
N GLY D 48 -25.95 -19.42 -2.86
CA GLY D 48 -26.82 -19.77 -1.76
C GLY D 48 -27.80 -18.66 -1.42
N LEU D 49 -27.32 -17.41 -1.40
CA LEU D 49 -28.21 -16.28 -1.15
C LEU D 49 -29.26 -16.17 -2.25
N LYS D 50 -28.87 -16.36 -3.50
CA LYS D 50 -29.83 -16.33 -4.60
C LYS D 50 -30.90 -17.40 -4.43
N LYS D 51 -30.48 -18.62 -4.09
CA LYS D 51 -31.44 -19.71 -3.92
C LYS D 51 -32.38 -19.43 -2.76
N TYR D 52 -31.83 -18.92 -1.65
CA TYR D 52 -32.67 -18.55 -0.52
C TYR D 52 -33.67 -17.48 -0.91
N THR D 53 -33.24 -16.48 -1.67
CA THR D 53 -34.14 -15.40 -2.06
C THR D 53 -35.24 -15.90 -2.97
N ARG D 54 -34.92 -16.79 -3.91
CA ARG D 54 -35.95 -17.40 -4.73
C ARG D 54 -36.94 -18.18 -3.89
N SER D 55 -36.44 -18.92 -2.89
CA SER D 55 -37.32 -19.67 -2.01
C SER D 55 -38.24 -18.75 -1.21
N ILE D 56 -37.70 -17.66 -0.67
CA ILE D 56 -38.49 -16.74 0.15
C ILE D 56 -39.57 -16.08 -0.68
N ASN D 57 -39.23 -15.61 -1.88
CA ASN D 57 -40.20 -14.97 -2.75
C ASN D 57 -41.29 -15.93 -3.23
N SER D 58 -41.05 -17.24 -3.19
CA SER D 58 -42.03 -18.21 -3.65
C SER D 58 -43.15 -18.45 -2.65
N ILE D 59 -43.04 -17.94 -1.43
CA ILE D 59 -44.09 -18.09 -0.44
C ILE D 59 -44.63 -16.71 -0.06
N GLU D 60 -44.47 -15.74 -0.97
CA GLU D 60 -44.91 -14.38 -0.69
C GLU D 60 -46.41 -14.33 -0.43
N LYS D 61 -47.20 -15.07 -1.20
CA LYS D 61 -48.65 -15.04 -1.13
C LYS D 61 -49.22 -16.30 -0.47
N SER D 62 -48.49 -16.89 0.46
CA SER D 62 -48.92 -18.08 1.18
C SER D 62 -49.48 -17.71 2.55
N ALA D 63 -50.11 -18.68 3.19
CA ALA D 63 -50.63 -18.49 4.53
C ALA D 63 -49.49 -18.32 5.52
N PRO D 64 -49.70 -17.53 6.58
CA PRO D 64 -48.60 -17.27 7.52
C PRO D 64 -48.00 -18.50 8.17
N GLU D 65 -48.82 -19.49 8.54
CA GLU D 65 -48.28 -20.73 9.10
C GLU D 65 -47.52 -21.52 8.05
N VAL D 66 -48.04 -21.55 6.81
CA VAL D 66 -47.32 -22.19 5.71
C VAL D 66 -46.00 -21.48 5.47
N GLN D 67 -46.01 -20.14 5.51
CA GLN D 67 -44.78 -19.38 5.37
C GLN D 67 -43.77 -19.77 6.44
N LEU D 68 -44.24 -19.85 7.70
CA LEU D 68 -43.34 -20.17 8.81
C LEU D 68 -42.74 -21.56 8.66
N GLU D 69 -43.56 -22.55 8.32
CA GLU D 69 -43.03 -23.90 8.16
C GLU D 69 -42.06 -23.98 6.98
N HIS D 70 -42.37 -23.28 5.89
CA HIS D 70 -41.50 -23.30 4.72
C HIS D 70 -40.15 -22.66 5.04
N LEU D 71 -40.16 -21.54 5.74
CA LEU D 71 -38.90 -20.87 6.08
C LEU D 71 -38.10 -21.68 7.10
N LYS D 72 -38.78 -22.28 8.06
CA LYS D 72 -38.09 -23.12 9.04
C LYS D 72 -37.43 -24.32 8.36
N SER D 73 -38.13 -24.94 7.40
CA SER D 73 -37.51 -26.04 6.66
C SER D 73 -36.37 -25.54 5.80
N LEU D 74 -36.51 -24.34 5.23
CA LEU D 74 -35.46 -23.80 4.36
C LEU D 74 -34.18 -23.55 5.14
N PHE D 75 -34.28 -23.03 6.36
CA PHE D 75 -33.09 -22.65 7.11
C PHE D 75 -32.62 -23.68 8.12
N GLN D 76 -33.43 -24.69 8.43
CA GLN D 76 -33.11 -25.58 9.56
C GLN D 76 -31.87 -26.42 9.31
N ARG D 77 -31.67 -26.93 8.10
CA ARG D 77 -30.48 -27.71 7.77
C ARG D 77 -29.46 -26.84 7.04
N SER D 78 -28.99 -25.80 7.74
CA SER D 78 -28.00 -24.89 7.19
C SER D 78 -27.34 -24.15 8.34
N GLU D 79 -26.28 -23.41 8.01
CA GLU D 79 -25.60 -22.58 8.99
C GLU D 79 -26.41 -21.35 9.39
N LEU D 80 -27.53 -21.09 8.72
CA LEU D 80 -28.41 -19.98 9.03
C LEU D 80 -29.56 -20.38 9.94
N LYS D 81 -29.49 -21.55 10.58
CA LYS D 81 -30.60 -22.01 11.41
C LYS D 81 -30.84 -21.08 12.59
N HIS D 82 -29.79 -20.70 13.30
CA HIS D 82 -29.97 -19.89 14.50
C HIS D 82 -30.40 -18.47 14.17
N ALA D 83 -29.87 -17.91 13.08
CA ALA D 83 -30.31 -16.59 12.64
C ALA D 83 -31.80 -16.59 12.34
N TRP D 84 -32.28 -17.63 11.66
CA TRP D 84 -33.70 -17.73 11.39
C TRP D 84 -34.51 -17.91 12.67
N ASN D 85 -33.99 -18.71 13.62
CA ASN D 85 -34.70 -18.89 14.88
C ASN D 85 -34.86 -17.57 15.63
N GLU D 86 -33.79 -16.78 15.69
CA GLU D 86 -33.87 -15.48 16.35
C GLU D 86 -34.79 -14.53 15.61
N PHE D 87 -34.71 -14.51 14.28
CA PHE D 87 -35.61 -13.65 13.51
C PHE D 87 -37.07 -14.04 13.71
N GLU D 88 -37.35 -15.35 13.73
CA GLU D 88 -38.71 -15.82 13.98
C GLU D 88 -39.18 -15.46 15.38
N GLU D 89 -38.26 -15.44 16.35
CA GLU D 89 -38.61 -14.92 17.67
C GLU D 89 -38.98 -13.44 17.59
N SER D 90 -38.26 -12.67 16.77
CA SER D 90 -38.64 -11.27 16.58
C SER D 90 -39.96 -11.13 15.83
N LEU D 91 -40.48 -12.20 15.24
CA LEU D 91 -41.78 -12.15 14.57
C LEU D 91 -42.89 -12.30 15.59
N HIS D 92 -43.81 -11.34 15.59
CA HIS D 92 -44.93 -11.33 16.52
C HIS D 92 -46.16 -11.84 15.78
N SER D 93 -46.75 -12.92 16.31
CA SER D 93 -47.94 -13.52 15.71
C SER D 93 -49.18 -12.93 16.35
N GLN D 94 -50.07 -12.38 15.55
CA GLN D 94 -51.34 -11.86 16.03
C GLN D 94 -52.40 -12.95 15.92
N TYR D 95 -53.10 -13.21 17.01
CA TYR D 95 -54.07 -14.30 17.10
C TYR D 95 -55.48 -13.74 17.15
N GLU D 96 -56.39 -14.44 16.47
CA GLU D 96 -57.81 -14.15 16.54
C GLU D 96 -58.57 -15.45 16.75
N LEU D 97 -59.65 -15.39 17.52
CA LEU D 97 -60.46 -16.56 17.82
C LEU D 97 -61.41 -16.80 16.65
N GLU D 98 -61.10 -17.79 15.82
CA GLU D 98 -61.92 -18.17 14.70
C GLU D 98 -62.40 -19.60 14.86
N ASN D 99 -63.72 -19.81 14.74
CA ASN D 99 -64.34 -21.12 14.90
C ASN D 99 -63.99 -21.74 16.26
N GLY D 100 -63.91 -20.89 17.28
CA GLY D 100 -63.55 -21.36 18.60
C GLY D 100 -62.10 -21.75 18.77
N GLU D 101 -61.24 -21.38 17.84
CA GLU D 101 -59.83 -21.75 17.87
C GLU D 101 -58.95 -20.51 17.75
N GLU D 102 -57.79 -20.55 18.40
CA GLU D 102 -56.83 -19.47 18.31
C GLU D 102 -55.94 -19.70 17.09
N LYS D 103 -56.03 -18.79 16.12
CA LYS D 103 -55.40 -18.97 14.82
C LYS D 103 -54.63 -17.71 14.46
N ILE D 104 -53.51 -17.88 13.77
CA ILE D 104 -52.66 -16.76 13.39
C ILE D 104 -53.25 -16.13 12.14
N VAL D 105 -53.64 -14.85 12.24
CA VAL D 105 -54.26 -14.16 11.12
C VAL D 105 -53.25 -13.24 10.46
N ARG D 106 -52.15 -12.97 11.15
CA ARG D 106 -51.14 -12.06 10.65
C ARG D 106 -49.86 -12.22 11.46
N ILE D 107 -48.73 -11.97 10.81
CA ILE D 107 -47.43 -11.98 11.45
C ILE D 107 -46.80 -10.61 11.28
N ARG D 108 -46.28 -10.06 12.37
CA ARG D 108 -45.77 -8.70 12.38
C ARG D 108 -44.27 -8.71 12.66
N ALA D 109 -43.55 -7.87 11.93
CA ALA D 109 -42.13 -7.70 12.15
C ALA D 109 -41.89 -6.66 13.24
N THR D 110 -40.93 -6.93 14.12
CA THR D 110 -40.50 -5.96 15.11
C THR D 110 -39.05 -5.54 14.90
N ALA D 111 -38.37 -6.10 13.91
CA ALA D 111 -36.95 -5.84 13.70
C ALA D 111 -36.63 -6.14 12.24
N PRO D 112 -35.69 -5.41 11.65
CA PRO D 112 -35.23 -5.77 10.31
C PRO D 112 -34.53 -7.12 10.33
N SER D 113 -34.66 -7.85 9.21
CA SER D 113 -33.99 -9.14 9.11
C SER D 113 -32.48 -9.02 9.08
N ALA D 114 -31.94 -7.89 8.67
CA ALA D 114 -30.48 -7.73 8.65
C ALA D 114 -29.89 -7.70 10.05
N SER D 115 -30.66 -7.44 11.07
CA SER D 115 -30.13 -7.52 12.43
C SER D 115 -29.84 -8.96 12.85
N PHE D 116 -30.36 -9.94 12.11
CA PHE D 116 -30.10 -11.35 12.37
C PHE D 116 -29.29 -12.02 11.28
N PHE D 117 -29.53 -11.66 10.02
CA PHE D 117 -28.72 -12.14 8.90
C PHE D 117 -27.75 -11.04 8.49
N SER D 118 -26.70 -10.96 9.23
CA SER D 118 -25.73 -9.88 9.10
C SER D 118 -24.63 -10.14 8.07
N GLU D 119 -23.99 -9.07 7.67
CA GLU D 119 -22.91 -9.21 6.67
C GLU D 119 -21.78 -9.92 7.36
N GLN D 120 -21.55 -9.58 8.61
CA GLN D 120 -20.40 -10.24 9.21
C GLN D 120 -20.55 -11.75 9.17
N GLN D 121 -21.54 -12.30 9.88
CA GLN D 121 -21.79 -13.73 9.94
C GLN D 121 -21.96 -14.40 8.57
N LEU D 122 -22.68 -13.78 7.66
CA LEU D 122 -23.00 -14.44 6.40
C LEU D 122 -21.94 -14.28 5.32
N VAL D 123 -21.13 -13.23 5.36
CA VAL D 123 -20.17 -12.98 4.30
C VAL D 123 -18.76 -12.83 4.87
N ASP D 124 -18.59 -11.90 5.81
CA ASP D 124 -17.24 -11.45 6.16
C ASP D 124 -16.45 -12.56 6.84
N ILE D 125 -17.03 -13.16 7.88
CA ILE D 125 -16.34 -14.25 8.57
C ILE D 125 -16.13 -15.48 7.68
N PRO D 126 -17.14 -15.98 6.97
CA PRO D 126 -16.88 -17.15 6.11
C PRO D 126 -15.83 -16.89 5.05
N LEU D 127 -15.76 -15.67 4.51
CA LEU D 127 -14.81 -15.36 3.45
C LEU D 127 -13.46 -14.89 3.97
N ASN D 128 -13.32 -14.71 5.29
CA ASN D 128 -12.10 -14.17 5.88
C ASN D 128 -11.71 -12.83 5.25
N THR D 129 -12.71 -11.95 5.09
CA THR D 129 -12.46 -10.65 4.48
C THR D 129 -11.53 -9.80 5.31
N GLU D 130 -11.40 -10.08 6.61
CA GLU D 130 -10.46 -9.34 7.45
C GLU D 130 -9.04 -9.50 6.94
N PHE D 131 -8.67 -10.71 6.48
CA PHE D 131 -7.33 -10.93 5.97
C PHE D 131 -7.21 -10.59 4.49
N PHE D 132 -8.17 -11.03 3.69
CA PHE D 132 -8.01 -10.99 2.24
C PHE D 132 -8.01 -9.57 1.67
N LYS D 133 -8.53 -8.58 2.40
CA LYS D 133 -8.34 -7.21 1.94
C LYS D 133 -6.88 -6.76 2.08
N HIS D 134 -6.06 -7.48 2.84
CA HIS D 134 -4.64 -7.18 2.96
C HIS D 134 -3.78 -7.97 2.00
N LEU D 135 -4.33 -8.99 1.34
CA LEU D 135 -3.52 -9.80 0.44
C LEU D 135 -2.86 -9.02 -0.69
N PRO D 136 -3.53 -8.08 -1.38
CA PRO D 136 -2.79 -7.31 -2.40
C PRO D 136 -1.57 -6.59 -1.85
N GLY D 137 -1.68 -6.04 -0.64
CA GLY D 137 -0.50 -5.50 0.01
C GLY D 137 0.55 -6.55 0.29
N ILE D 138 0.13 -7.75 0.69
CA ILE D 138 1.08 -8.82 0.96
C ILE D 138 1.87 -9.15 -0.29
N LEU D 139 1.18 -9.27 -1.42
CA LEU D 139 1.84 -9.57 -2.68
C LEU D 139 2.78 -8.45 -3.11
N THR D 140 2.37 -7.20 -2.90
CA THR D 140 3.25 -6.08 -3.19
C THR D 140 4.52 -6.12 -2.33
N GLY D 141 4.38 -6.51 -1.06
CA GLY D 141 5.54 -6.66 -0.20
C GLY D 141 6.49 -7.75 -0.66
N MET D 142 5.94 -8.91 -1.04
CA MET D 142 6.77 -9.94 -1.63
C MET D 142 7.50 -9.42 -2.87
N GLY D 143 6.78 -8.70 -3.72
CA GLY D 143 7.40 -8.16 -4.92
C GLY D 143 8.54 -7.21 -4.62
N ILE D 144 8.34 -6.30 -3.67
CA ILE D 144 9.41 -5.35 -3.36
C ILE D 144 10.61 -6.09 -2.77
N ILE D 145 10.37 -7.10 -1.93
CA ILE D 145 11.49 -7.85 -1.38
C ILE D 145 12.30 -8.49 -2.49
N GLY D 146 11.61 -9.24 -3.37
CA GLY D 146 12.31 -9.95 -4.44
C GLY D 146 13.02 -9.01 -5.38
N THR D 147 12.37 -7.90 -5.74
CA THR D 147 12.93 -6.99 -6.72
C THR D 147 14.10 -6.19 -6.15
N PHE D 148 13.98 -5.71 -4.91
CA PHE D 148 15.09 -5.03 -4.28
C PHE D 148 16.28 -5.96 -4.11
N TYR D 149 16.04 -7.21 -3.70
CA TYR D 149 17.14 -8.16 -3.56
C TYR D 149 17.81 -8.42 -4.91
N GLY D 150 17.02 -8.62 -5.96
CA GLY D 150 17.59 -8.83 -7.28
C GLY D 150 18.39 -7.65 -7.78
N LEU D 151 17.87 -6.43 -7.58
CA LEU D 151 18.60 -5.25 -8.01
C LEU D 151 19.89 -5.07 -7.21
N MET D 152 19.87 -5.40 -5.91
CA MET D 152 21.09 -5.35 -5.12
C MET D 152 22.12 -6.35 -5.64
N ILE D 153 21.68 -7.56 -5.98
CA ILE D 153 22.60 -8.55 -6.52
C ILE D 153 23.21 -8.04 -7.83
N GLY D 154 22.37 -7.50 -8.71
CA GLY D 154 22.85 -7.01 -9.98
C GLY D 154 23.84 -5.86 -9.83
N LEU D 155 23.53 -4.90 -8.96
CA LEU D 155 24.44 -3.80 -8.72
C LEU D 155 25.75 -4.28 -8.10
N ASN D 156 25.68 -5.24 -7.18
CA ASN D 156 26.89 -5.74 -6.54
C ASN D 156 27.78 -6.44 -7.54
N HIS D 157 27.19 -7.10 -8.54
CA HIS D 157 28.02 -7.74 -9.56
C HIS D 157 28.49 -6.77 -10.62
N PHE D 158 27.97 -5.54 -10.64
CA PHE D 158 28.30 -4.56 -11.67
C PHE D 158 29.52 -3.76 -11.20
N ASP D 159 30.71 -4.22 -11.57
CA ASP D 159 31.94 -3.62 -11.10
C ASP D 159 32.99 -3.59 -12.21
N PRO D 160 32.87 -2.69 -13.17
CA PRO D 160 33.86 -2.65 -14.25
C PRO D 160 35.15 -1.98 -13.79
N SER D 161 36.22 -2.75 -13.61
CA SER D 161 37.50 -2.15 -13.22
C SER D 161 38.23 -1.56 -14.42
N THR D 162 37.85 -1.96 -15.63
CA THR D 162 38.47 -1.44 -16.84
C THR D 162 37.39 -1.02 -17.82
N PRO D 163 37.68 -0.05 -18.70
CA PRO D 163 36.72 0.29 -19.76
C PRO D 163 36.33 -0.86 -20.69
N GLU D 164 37.25 -1.81 -20.95
CA GLU D 164 37.00 -2.84 -21.95
C GLU D 164 35.93 -3.83 -21.50
N GLN D 165 35.77 -4.06 -20.21
CA GLN D 165 34.73 -4.94 -19.74
C GLN D 165 33.47 -4.19 -19.34
N VAL D 166 33.29 -2.96 -19.82
CA VAL D 166 32.04 -2.25 -19.61
C VAL D 166 30.89 -2.94 -20.32
N SER D 167 31.11 -3.42 -21.55
CA SER D 167 30.04 -4.07 -22.29
C SER D 167 29.49 -5.29 -21.56
N SER D 168 30.40 -6.15 -21.07
CA SER D 168 29.97 -7.34 -20.35
C SER D 168 29.27 -6.98 -19.04
N SER D 169 29.78 -5.97 -18.32
CA SER D 169 29.14 -5.54 -17.09
C SER D 169 27.72 -5.05 -17.34
N VAL D 170 27.53 -4.26 -18.40
CA VAL D 170 26.20 -3.81 -18.77
C VAL D 170 25.29 -4.99 -19.10
N ASN D 171 25.80 -5.95 -19.88
CA ASN D 171 24.98 -7.09 -20.28
C ASN D 171 24.52 -7.90 -19.06
N ASN D 172 25.44 -8.20 -18.16
CA ASN D 172 25.09 -8.98 -16.97
C ASN D 172 24.15 -8.20 -16.06
N LEU D 173 24.38 -6.90 -15.91
CA LEU D 173 23.48 -6.08 -15.09
C LEU D 173 22.08 -6.05 -15.68
N LEU D 174 21.97 -5.98 -17.01
CA LEU D 174 20.66 -5.99 -17.65
C LEU D 174 19.95 -7.32 -17.43
N ARG D 175 20.70 -8.44 -17.49
CA ARG D 175 20.09 -9.72 -17.14
C ARG D 175 19.54 -9.73 -15.71
N ASP D 176 20.33 -9.23 -14.76
CA ASP D 176 19.88 -9.22 -13.37
C ASP D 176 18.67 -8.31 -13.17
N VAL D 177 18.67 -7.14 -13.83
CA VAL D 177 17.53 -6.25 -13.73
C VAL D 177 16.30 -6.90 -14.32
N LEU D 178 16.48 -7.67 -15.40
CA LEU D 178 15.35 -8.39 -15.99
C LEU D 178 14.76 -9.39 -15.01
N TYR D 179 15.62 -10.12 -14.29
CA TYR D 179 15.10 -11.06 -13.28
C TYR D 179 14.31 -10.33 -12.20
N ALA D 180 14.87 -9.25 -11.68
CA ALA D 180 14.18 -8.51 -10.63
C ALA D 180 12.85 -7.95 -11.12
N PHE D 181 12.82 -7.44 -12.35
CA PHE D 181 11.61 -6.88 -12.92
C PHE D 181 10.57 -7.95 -13.16
N LEU D 182 11.00 -9.16 -13.55
CA LEU D 182 10.06 -10.25 -13.71
C LEU D 182 9.36 -10.56 -12.39
N GLY D 183 10.14 -10.65 -11.32
CA GLY D 183 9.53 -10.86 -10.01
C GLY D 183 8.54 -9.77 -9.65
N SER D 184 8.93 -8.50 -9.84
CA SER D 184 8.04 -7.40 -9.47
C SER D 184 6.77 -7.40 -10.29
N ALA D 185 6.88 -7.58 -11.61
CA ALA D 185 5.70 -7.52 -12.45
C ALA D 185 4.74 -8.65 -12.13
N PHE D 186 5.26 -9.86 -11.89
CA PHE D 186 4.36 -10.95 -11.52
C PHE D 186 3.65 -10.65 -10.21
N ALA D 187 4.39 -10.18 -9.20
CA ALA D 187 3.77 -9.90 -7.91
C ALA D 187 2.71 -8.80 -8.01
N ILE D 188 3.03 -7.71 -8.70
CA ILE D 188 2.09 -6.60 -8.80
C ILE D 188 0.89 -6.97 -9.67
N PHE D 189 1.10 -7.74 -10.73
CA PHE D 189 -0.02 -8.21 -11.52
C PHE D 189 -0.96 -9.07 -10.68
N ALA D 190 -0.41 -9.98 -9.89
CA ALA D 190 -1.25 -10.77 -9.00
C ALA D 190 -1.96 -9.89 -7.98
N SER D 191 -1.28 -8.84 -7.50
CA SER D 191 -1.92 -7.94 -6.54
C SER D 191 -3.12 -7.25 -7.15
N ILE D 192 -2.96 -6.71 -8.35
CA ILE D 192 -4.06 -5.98 -9.00
C ILE D 192 -5.19 -6.95 -9.37
N LEU D 193 -4.85 -8.13 -9.88
CA LEU D 193 -5.86 -9.11 -10.23
C LEU D 193 -6.65 -9.57 -9.00
N VAL D 194 -5.95 -9.81 -7.89
CA VAL D 194 -6.63 -10.20 -6.66
C VAL D 194 -7.52 -9.08 -6.16
N THR D 195 -7.02 -7.83 -6.19
CA THR D 195 -7.86 -6.70 -5.80
C THR D 195 -9.14 -6.65 -6.61
N TRP D 196 -9.00 -6.73 -7.94
CA TRP D 196 -10.17 -6.69 -8.82
C TRP D 196 -11.15 -7.80 -8.47
N LEU D 197 -10.67 -9.05 -8.42
CA LEU D 197 -11.56 -10.19 -8.18
C LEU D 197 -12.28 -10.07 -6.83
N GLU D 198 -11.53 -9.78 -5.76
CA GLU D 198 -12.17 -9.79 -4.44
C GLU D 198 -13.06 -8.57 -4.21
N LYS D 199 -12.72 -7.40 -4.75
CA LYS D 199 -13.67 -6.29 -4.66
C LYS D 199 -14.94 -6.58 -5.44
N LEU D 200 -14.82 -7.13 -6.65
CA LEU D 200 -16.03 -7.45 -7.42
C LEU D 200 -16.89 -8.49 -6.69
N SER D 201 -16.26 -9.54 -6.17
CA SER D 201 -17.00 -10.58 -5.48
C SER D 201 -17.64 -10.06 -4.20
N ILE D 202 -16.95 -9.21 -3.45
CA ILE D 202 -17.55 -8.68 -2.22
C ILE D 202 -18.70 -7.74 -2.55
N ALA D 203 -18.60 -6.97 -3.62
CA ALA D 203 -19.72 -6.11 -4.01
C ALA D 203 -20.94 -6.94 -4.39
N LYS D 204 -20.74 -8.01 -5.17
CA LYS D 204 -21.85 -8.90 -5.51
C LYS D 204 -22.43 -9.57 -4.28
N SER D 205 -21.56 -9.98 -3.35
CA SER D 205 -22.03 -10.64 -2.13
C SER D 205 -22.90 -9.70 -1.31
N TYR D 206 -22.47 -8.44 -1.15
CA TYR D 206 -23.28 -7.49 -0.42
C TYR D 206 -24.62 -7.23 -1.13
N LYS D 207 -24.59 -7.11 -2.46
CA LYS D 207 -25.81 -6.88 -3.22
C LYS D 207 -26.82 -8.01 -3.00
N TYR D 208 -26.37 -9.26 -3.11
CA TYR D 208 -27.30 -10.36 -2.97
C TYR D 208 -27.71 -10.60 -1.52
N LEU D 209 -26.86 -10.25 -0.56
CA LEU D 209 -27.28 -10.29 0.83
C LEU D 209 -28.36 -9.25 1.10
N GLU D 210 -28.24 -8.07 0.49
CA GLU D 210 -29.31 -7.09 0.60
C GLU D 210 -30.60 -7.62 -0.01
N LYS D 211 -30.51 -8.28 -1.16
CA LYS D 211 -31.72 -8.86 -1.75
C LYS D 211 -32.35 -9.89 -0.82
N PHE D 212 -31.52 -10.75 -0.21
CA PHE D 212 -32.03 -11.76 0.71
C PHE D 212 -32.73 -11.13 1.92
N THR D 213 -32.07 -10.17 2.58
CA THR D 213 -32.67 -9.52 3.75
C THR D 213 -33.88 -8.67 3.39
N ALA D 214 -33.94 -8.14 2.18
CA ALA D 214 -35.11 -7.39 1.73
C ALA D 214 -36.27 -8.33 1.44
N ALA D 215 -35.99 -9.50 0.89
CA ALA D 215 -37.03 -10.50 0.69
C ALA D 215 -37.62 -10.93 2.04
N LEU D 216 -36.76 -11.13 3.04
CA LEU D 216 -37.29 -11.47 4.36
C LEU D 216 -38.13 -10.34 4.94
N ASP D 217 -37.68 -9.09 4.80
CA ASP D 217 -38.42 -7.96 5.33
C ASP D 217 -39.75 -7.75 4.62
N SER D 218 -39.87 -8.10 3.35
CA SER D 218 -41.10 -7.90 2.59
C SER D 218 -42.26 -8.75 3.11
N LEU D 219 -41.97 -9.80 3.88
CA LEU D 219 -43.02 -10.76 4.23
C LEU D 219 -43.98 -10.19 5.27
N TYR D 220 -43.46 -9.49 6.26
CA TYR D 220 -44.24 -9.14 7.44
C TYR D 220 -44.14 -7.65 7.73
N ASP D 221 -45.29 -7.02 7.93
CA ASP D 221 -45.38 -5.60 8.22
C ASP D 221 -45.04 -5.32 9.68
N SER D 222 -44.44 -4.17 9.91
CA SER D 222 -44.02 -3.73 11.23
C SER D 222 -45.06 -2.79 11.84
N GLY D 223 -44.69 -2.20 12.98
CA GLY D 223 -45.52 -1.20 13.61
C GLY D 223 -46.68 -1.71 14.44
N VAL D 224 -46.57 -2.91 14.99
CA VAL D 224 -47.68 -3.47 15.76
C VAL D 224 -47.84 -2.79 17.11
N GLY D 225 -46.74 -2.35 17.73
CA GLY D 225 -46.83 -1.77 19.06
C GLY D 225 -47.59 -0.47 19.09
N GLU D 226 -47.39 0.38 18.08
CA GLU D 226 -48.16 1.62 17.99
C GLU D 226 -49.64 1.35 17.79
N GLU D 227 -49.97 0.31 17.00
CA GLU D 227 -51.36 -0.09 16.84
C GLU D 227 -51.95 -0.54 18.16
N TYR D 228 -51.19 -1.32 18.93
CA TYR D 228 -51.65 -1.76 20.24
C TYR D 228 -51.88 -0.58 21.18
N LEU D 229 -50.97 0.40 21.17
CA LEU D 229 -51.13 1.56 22.02
C LEU D 229 -52.34 2.38 21.61
N ALA D 230 -52.55 2.55 20.30
CA ALA D 230 -53.74 3.23 19.82
C ALA D 230 -55.00 2.52 20.26
N SER D 231 -55.00 1.18 20.20
CA SER D 231 -56.15 0.41 20.65
C SER D 231 -56.41 0.63 22.13
N LEU D 232 -55.35 0.62 22.95
CA LEU D 232 -55.52 0.85 24.39
C LEU D 232 -56.09 2.23 24.68
N VAL D 233 -55.59 3.26 23.99
CA VAL D 233 -56.09 4.61 24.21
C VAL D 233 -57.56 4.71 23.81
N LYS D 234 -57.90 4.15 22.65
CA LYS D 234 -59.30 4.12 22.22
C LYS D 234 -60.17 3.38 23.23
N SER D 235 -59.66 2.27 23.76
CA SER D 235 -60.43 1.49 24.72
C SER D 235 -60.68 2.27 26.00
N SER D 236 -59.68 3.00 26.49
CA SER D 236 -59.89 3.81 27.69
C SER D 236 -60.94 4.89 27.46
N ASN D 237 -60.87 5.59 26.32
CA ASN D 237 -61.86 6.63 26.04
C ASN D 237 -63.26 6.01 25.91
N GLU D 238 -63.38 4.96 25.10
CA GLU D 238 -64.67 4.33 24.89
C GLU D 238 -65.18 3.67 26.16
N SER D 239 -64.30 3.32 27.09
CA SER D 239 -64.73 2.75 28.36
C SER D 239 -65.32 3.83 29.25
N ALA D 240 -64.73 5.03 29.24
CA ALA D 240 -65.37 6.14 29.94
C ALA D 240 -66.75 6.42 29.38
N THR D 241 -66.87 6.47 28.06
CA THR D 241 -68.17 6.70 27.43
C THR D 241 -69.15 5.57 27.77
N GLN D 242 -68.67 4.34 27.75
CA GLN D 242 -69.50 3.18 28.05
C GLN D 242 -69.97 3.21 29.49
N ALA D 243 -69.11 3.59 30.42
CA ALA D 243 -69.52 3.69 31.82
C ALA D 243 -70.62 4.73 31.99
N ARG D 244 -70.47 5.88 31.35
CA ARG D 244 -71.52 6.90 31.44
C ARG D 244 -72.84 6.38 30.87
N HIS D 245 -72.79 5.76 29.69
CA HIS D 245 -74.01 5.26 29.06
C HIS D 245 -74.65 4.15 29.88
N LEU D 246 -73.84 3.26 30.45
CA LEU D 246 -74.37 2.17 31.28
C LEU D 246 -75.01 2.71 32.54
N LYS D 247 -74.41 3.73 33.16
CA LYS D 247 -75.03 4.32 34.35
C LYS D 247 -76.37 4.96 33.99
N GLU D 248 -76.44 5.67 32.87
CA GLU D 248 -77.71 6.27 32.46
C GLU D 248 -78.76 5.20 32.17
N SER D 249 -78.37 4.13 31.48
CA SER D 249 -79.31 3.06 31.18
C SER D 249 -79.78 2.36 32.45
N LEU D 250 -78.88 2.16 33.41
CA LEU D 250 -79.27 1.54 34.67
C LEU D 250 -80.25 2.43 35.43
N VAL D 251 -80.01 3.75 35.43
CA VAL D 251 -80.94 4.66 36.09
C VAL D 251 -82.32 4.59 35.44
N THR D 252 -82.36 4.61 34.10
CA THR D 252 -83.64 4.56 33.41
C THR D 252 -84.37 3.25 33.68
N ASP D 253 -83.65 2.13 33.66
CA ASP D 253 -84.26 0.84 33.93
C ASP D 253 -84.77 0.77 35.36
N LEU D 254 -84.02 1.30 36.32
CA LEU D 254 -84.46 1.33 37.71
C LEU D 254 -85.72 2.17 37.85
N ARG D 255 -85.78 3.32 37.18
CA ARG D 255 -86.97 4.16 37.24
C ARG D 255 -88.19 3.44 36.69
N ASP D 256 -88.06 2.82 35.51
CA ASP D 256 -89.19 2.11 34.93
C ASP D 256 -89.63 0.94 35.81
N MET D 257 -88.66 0.20 36.35
CA MET D 257 -88.97 -0.93 37.20
C MET D 257 -89.69 -0.50 38.48
N LEU D 258 -89.24 0.61 39.09
CA LEU D 258 -89.91 1.07 40.30
C LEU D 258 -91.29 1.63 40.00
N LEU D 259 -91.47 2.24 38.82
CA LEU D 259 -92.81 2.65 38.43
C LEU D 259 -93.73 1.44 38.29
N HIS D 260 -93.22 0.37 37.69
CA HIS D 260 -94.01 -0.87 37.60
C HIS D 260 -94.32 -1.42 38.99
N LEU D 261 -93.35 -1.37 39.90
CA LEU D 261 -93.58 -1.85 41.26
C LEU D 261 -94.65 -1.03 41.96
N ALA D 262 -94.61 0.29 41.80
CA ALA D 262 -95.62 1.14 42.42
C ALA D 262 -97.01 0.86 41.84
N GLU D 263 -97.09 0.65 40.52
CA GLU D 263 -98.37 0.31 39.91
C GLU D 263 -98.89 -1.02 40.44
N SER D 264 -98.00 -2.01 40.59
CA SER D 264 -98.42 -3.31 41.12
C SER D 264 -98.90 -3.18 42.56
N GLN D 265 -98.20 -2.39 43.39
CA GLN D 265 -98.64 -2.19 44.76
C GLN D 265 -100.00 -1.50 44.81
N MET E 1 25.03 23.90 9.05
CA MET E 1 25.39 24.01 10.46
C MET E 1 26.39 22.93 10.85
N SER E 2 27.17 23.21 11.88
CA SER E 2 28.10 22.22 12.40
C SER E 2 27.37 21.13 13.18
N TRP E 3 26.24 21.47 13.79
CA TRP E 3 25.47 20.47 14.54
C TRP E 3 24.96 19.37 13.62
N LEU E 4 24.50 19.74 12.42
CA LEU E 4 24.01 18.74 11.49
C LEU E 4 25.13 17.81 11.04
N ASN E 5 26.30 18.36 10.71
CA ASN E 5 27.42 17.52 10.32
C ASN E 5 27.87 16.63 11.48
N SER E 6 27.83 17.15 12.70
CA SER E 6 28.21 16.36 13.86
C SER E 6 27.25 15.19 14.07
N ILE E 7 25.94 15.43 13.99
CA ILE E 7 25.01 14.33 14.18
C ILE E 7 25.10 13.35 13.01
N LEU E 8 25.42 13.84 11.81
CA LEU E 8 25.58 12.93 10.68
C LEU E 8 26.80 12.03 10.85
N VAL E 9 27.93 12.60 11.28
CA VAL E 9 29.12 11.77 11.46
C VAL E 9 28.94 10.83 12.63
N THR E 10 28.18 11.24 13.65
CA THR E 10 27.86 10.32 14.74
C THR E 10 26.98 9.18 14.25
N LEU E 11 25.95 9.49 13.46
CA LEU E 11 25.03 8.46 12.99
C LEU E 11 25.72 7.49 12.04
N THR E 12 26.55 8.01 11.13
CA THR E 12 27.16 7.17 10.11
C THR E 12 28.44 6.48 10.58
N SER E 13 28.86 6.71 11.82
CA SER E 13 30.05 6.05 12.34
C SER E 13 29.76 4.65 12.86
N VAL E 14 28.49 4.29 13.07
CA VAL E 14 28.17 2.95 13.55
C VAL E 14 28.53 1.93 12.46
N GLU E 15 28.89 0.73 12.91
CA GLU E 15 29.25 -0.32 11.97
C GLU E 15 28.03 -0.70 11.13
N PRO E 16 28.20 -0.92 9.83
CA PRO E 16 27.05 -1.22 8.97
C PRO E 16 26.27 -2.45 9.40
N TYR E 17 26.93 -3.47 9.95
CA TYR E 17 26.22 -4.67 10.38
C TYR E 17 25.31 -4.42 11.57
N LYS E 18 25.54 -3.34 12.31
CA LYS E 18 24.71 -3.06 13.47
C LYS E 18 23.32 -2.54 13.10
N VAL E 19 23.13 -2.09 11.87
CA VAL E 19 21.82 -1.61 11.42
C VAL E 19 20.88 -2.80 11.23
N PRO E 20 21.25 -3.82 10.44
CA PRO E 20 20.36 -4.99 10.35
C PRO E 20 20.12 -5.68 11.69
N VAL E 21 21.12 -5.76 12.56
CA VAL E 21 20.88 -6.45 13.83
C VAL E 21 19.95 -5.63 14.71
N THR E 22 20.07 -4.31 14.68
CA THR E 22 19.14 -3.47 15.44
C THR E 22 17.72 -3.63 14.92
N VAL E 23 17.54 -3.60 13.60
CA VAL E 23 16.21 -3.77 13.02
C VAL E 23 15.66 -5.15 13.35
N ILE E 24 16.49 -6.19 13.20
CA ILE E 24 16.04 -7.55 13.44
C ILE E 24 15.66 -7.76 14.90
N VAL E 25 16.47 -7.24 15.82
CA VAL E 25 16.17 -7.39 17.24
C VAL E 25 14.88 -6.66 17.59
N THR E 26 14.71 -5.43 17.10
CA THR E 26 13.52 -4.67 17.48
C THR E 26 12.27 -5.27 16.85
N VAL E 27 12.36 -5.71 15.59
CA VAL E 27 11.25 -6.38 14.95
C VAL E 27 10.91 -7.68 15.66
N THR E 28 11.92 -8.44 16.07
CA THR E 28 11.70 -9.69 16.79
C THR E 28 11.04 -9.43 18.14
N PHE E 29 11.46 -8.38 18.84
CA PHE E 29 10.84 -8.05 20.11
C PHE E 29 9.37 -7.67 19.91
N ALA E 30 9.09 -6.88 18.87
CA ALA E 30 7.70 -6.55 18.56
C ALA E 30 6.90 -7.79 18.22
N PHE E 31 7.49 -8.72 17.46
CA PHE E 31 6.79 -9.95 17.11
C PHE E 31 6.53 -10.82 18.33
N VAL E 32 7.49 -10.90 19.24
CA VAL E 32 7.31 -11.66 20.47
C VAL E 32 6.21 -11.04 21.32
N CYS E 33 6.18 -9.70 21.40
CA CYS E 33 5.08 -9.03 22.10
C CYS E 33 3.75 -9.32 21.44
N PHE E 34 3.71 -9.33 20.10
CA PHE E 34 2.47 -9.67 19.40
C PHE E 34 2.04 -11.10 19.72
N ILE E 35 2.99 -12.03 19.74
CA ILE E 35 2.65 -13.42 20.04
C ILE E 35 2.10 -13.54 21.45
N PHE E 36 2.77 -12.92 22.42
CA PHE E 36 2.38 -13.09 23.82
C PHE E 36 1.08 -12.35 24.14
N PHE E 37 0.96 -11.10 23.72
CA PHE E 37 -0.16 -10.25 24.11
C PHE E 37 -1.34 -10.29 23.16
N TYR E 38 -1.18 -10.83 21.96
CA TYR E 38 -2.31 -10.90 21.04
C TYR E 38 -2.64 -12.33 20.64
N LEU E 39 -1.68 -13.08 20.09
CA LEU E 39 -1.99 -14.37 19.51
C LEU E 39 -2.31 -15.40 20.59
N LEU E 40 -1.49 -15.48 21.63
CA LEU E 40 -1.75 -16.45 22.70
C LEU E 40 -3.05 -16.13 23.43
N ARG E 41 -3.29 -14.85 23.73
CA ARG E 41 -4.55 -14.49 24.37
C ARG E 41 -5.74 -14.73 23.47
N SER E 42 -5.59 -14.49 22.16
CA SER E 42 -6.69 -14.77 21.25
C SER E 42 -7.00 -16.26 21.19
N ILE E 43 -5.97 -17.11 21.17
CA ILE E 43 -6.19 -18.55 21.19
C ILE E 43 -6.87 -18.98 22.48
N ARG E 44 -6.43 -18.42 23.60
CA ARG E 44 -7.08 -18.72 24.88
C ARG E 44 -8.53 -18.27 24.88
N ILE E 45 -8.81 -17.10 24.32
CA ILE E 45 -10.18 -16.59 24.25
C ILE E 45 -11.04 -17.51 23.40
N ILE E 46 -10.53 -17.94 22.24
CA ILE E 46 -11.29 -18.83 21.37
C ILE E 46 -11.57 -20.16 22.05
N TYR E 47 -10.56 -20.75 22.70
CA TYR E 47 -10.76 -22.01 23.39
C TYR E 47 -11.76 -21.88 24.53
N GLY E 48 -11.66 -20.79 25.30
CA GLY E 48 -12.60 -20.57 26.37
C GLY E 48 -14.01 -20.33 25.87
N LEU E 49 -14.15 -19.63 24.75
CA LEU E 49 -15.47 -19.42 24.16
C LEU E 49 -16.07 -20.74 23.71
N LYS E 50 -15.26 -21.63 23.11
CA LYS E 50 -15.74 -22.94 22.74
C LYS E 50 -16.21 -23.73 23.96
N LYS E 51 -15.42 -23.69 25.03
CA LYS E 51 -15.81 -24.39 26.27
C LYS E 51 -17.10 -23.82 26.84
N TYR E 52 -17.22 -22.50 26.86
CA TYR E 52 -18.44 -21.84 27.35
C TYR E 52 -19.63 -22.21 26.49
N THR E 53 -19.46 -22.28 25.17
CA THR E 53 -20.54 -22.67 24.27
C THR E 53 -21.00 -24.08 24.55
N ARG E 54 -20.04 -25.00 24.74
CA ARG E 54 -20.42 -26.39 25.06
C ARG E 54 -21.15 -26.46 26.39
N SER E 55 -20.72 -25.68 27.38
CA SER E 55 -21.40 -25.67 28.67
C SER E 55 -22.82 -25.10 28.54
N ILE E 56 -22.99 -24.05 27.73
CA ILE E 56 -24.31 -23.47 27.53
C ILE E 56 -25.23 -24.45 26.82
N ASN E 57 -24.72 -25.16 25.82
CA ASN E 57 -25.55 -26.12 25.09
C ASN E 57 -25.97 -27.30 25.94
N SER E 58 -25.30 -27.55 27.06
CA SER E 58 -25.64 -28.67 27.93
C SER E 58 -26.85 -28.41 28.80
N ILE E 59 -27.31 -27.15 28.92
CA ILE E 59 -28.42 -26.82 29.79
C ILE E 59 -29.60 -26.31 28.98
N GLU E 60 -29.63 -26.65 27.68
CA GLU E 60 -30.72 -26.21 26.83
C GLU E 60 -32.06 -26.77 27.31
N LYS E 61 -32.05 -27.97 27.87
CA LYS E 61 -33.27 -28.62 28.34
C LYS E 61 -33.51 -28.47 29.84
N SER E 62 -32.67 -27.71 30.54
CA SER E 62 -32.83 -27.58 31.98
C SER E 62 -33.94 -26.59 32.33
N ALA E 63 -34.37 -26.64 33.59
CA ALA E 63 -35.37 -25.71 34.08
C ALA E 63 -34.78 -24.30 34.13
N PRO E 64 -35.62 -23.26 34.03
CA PRO E 64 -35.09 -21.89 34.02
C PRO E 64 -34.26 -21.55 35.25
N GLU E 65 -34.67 -21.98 36.44
CA GLU E 65 -33.87 -21.74 37.64
C GLU E 65 -32.55 -22.49 37.57
N VAL E 66 -32.60 -23.75 37.13
CA VAL E 66 -31.40 -24.58 37.08
C VAL E 66 -30.38 -23.99 36.12
N GLN E 67 -30.83 -23.63 34.91
CA GLN E 67 -29.91 -23.10 33.93
C GLN E 67 -29.46 -21.68 34.28
N LEU E 68 -30.30 -20.91 34.96
CA LEU E 68 -29.87 -19.61 35.47
C LEU E 68 -28.73 -19.76 36.48
N GLU E 69 -28.88 -20.69 37.42
CA GLU E 69 -27.82 -20.95 38.39
C GLU E 69 -26.57 -21.50 37.70
N HIS E 70 -26.74 -22.36 36.70
CA HIS E 70 -25.61 -22.90 35.96
C HIS E 70 -24.84 -21.79 35.24
N LEU E 71 -25.56 -20.87 34.59
CA LEU E 71 -24.91 -19.77 33.90
C LEU E 71 -24.22 -18.83 34.87
N LYS E 72 -24.85 -18.56 36.01
CA LYS E 72 -24.21 -17.73 37.03
C LYS E 72 -22.92 -18.37 37.53
N SER E 73 -22.94 -19.68 37.79
CA SER E 73 -21.75 -20.37 38.26
C SER E 73 -20.68 -20.45 37.18
N LEU E 74 -21.10 -20.45 35.91
CA LEU E 74 -20.15 -20.64 34.81
C LEU E 74 -19.26 -19.41 34.63
N PHE E 75 -19.82 -18.21 34.78
CA PHE E 75 -19.13 -16.98 34.37
C PHE E 75 -18.45 -16.36 35.58
N GLN E 76 -17.12 -16.49 35.64
CA GLN E 76 -16.32 -15.97 36.74
C GLN E 76 -15.27 -14.97 36.32
N ARG E 77 -14.79 -15.04 35.08
CA ARG E 77 -13.85 -14.03 34.59
C ARG E 77 -14.53 -12.65 34.63
N SER E 78 -13.75 -11.64 35.03
CA SER E 78 -14.32 -10.34 35.39
C SER E 78 -15.14 -9.76 34.26
N GLU E 79 -14.60 -9.75 33.04
CA GLU E 79 -15.35 -9.20 31.92
C GLU E 79 -16.60 -10.02 31.62
N LEU E 80 -16.48 -11.35 31.65
CA LEU E 80 -17.65 -12.18 31.46
C LEU E 80 -18.56 -12.21 32.67
N LYS E 81 -18.03 -12.04 33.88
CA LYS E 81 -18.90 -11.91 35.04
C LYS E 81 -19.78 -10.67 34.93
N HIS E 82 -19.18 -9.54 34.55
CA HIS E 82 -19.97 -8.32 34.35
C HIS E 82 -20.94 -8.47 33.19
N ALA E 83 -20.49 -9.06 32.09
CA ALA E 83 -21.38 -9.28 30.95
C ALA E 83 -22.57 -10.14 31.32
N TRP E 84 -22.33 -11.22 32.08
CA TRP E 84 -23.42 -12.07 32.50
C TRP E 84 -24.36 -11.34 33.44
N ASN E 85 -23.82 -10.54 34.37
CA ASN E 85 -24.68 -9.80 35.29
C ASN E 85 -25.60 -8.85 34.53
N GLU E 86 -25.06 -8.09 33.58
CA GLU E 86 -25.88 -7.16 32.82
C GLU E 86 -26.87 -7.88 31.92
N PHE E 87 -26.44 -8.97 31.28
CA PHE E 87 -27.35 -9.74 30.44
C PHE E 87 -28.49 -10.33 31.26
N GLU E 88 -28.19 -10.79 32.47
CA GLU E 88 -29.24 -11.32 33.34
C GLU E 88 -30.19 -10.22 33.79
N GLU E 89 -29.68 -9.02 34.02
CA GLU E 89 -30.58 -7.88 34.23
C GLU E 89 -31.50 -7.68 33.03
N SER E 90 -30.99 -7.92 31.82
CA SER E 90 -31.82 -7.78 30.63
C SER E 90 -32.83 -8.91 30.46
N LEU E 91 -32.66 -10.03 31.17
CA LEU E 91 -33.63 -11.11 31.08
C LEU E 91 -34.86 -10.80 31.92
N HIS E 92 -36.02 -11.17 31.41
CA HIS E 92 -37.30 -10.92 32.06
C HIS E 92 -37.87 -12.25 32.54
N SER E 93 -37.94 -12.43 33.85
CA SER E 93 -38.51 -13.65 34.42
C SER E 93 -40.02 -13.51 34.50
N GLN E 94 -40.73 -14.44 33.88
CA GLN E 94 -42.19 -14.47 33.93
C GLN E 94 -42.64 -15.38 35.06
N TYR E 95 -43.33 -14.81 36.03
CA TYR E 95 -43.80 -15.53 37.19
C TYR E 95 -45.26 -15.93 37.01
N GLU E 96 -45.60 -17.13 37.50
CA GLU E 96 -46.98 -17.59 37.51
C GLU E 96 -47.31 -18.08 38.92
N LEU E 97 -48.59 -18.33 39.15
CA LEU E 97 -49.10 -18.73 40.44
C LEU E 97 -49.26 -20.25 40.47
N GLU E 98 -48.39 -20.93 41.21
CA GLU E 98 -48.48 -22.36 41.42
C GLU E 98 -48.47 -22.66 42.91
N ASN E 99 -49.49 -23.37 43.38
CA ASN E 99 -49.63 -23.75 44.78
C ASN E 99 -49.57 -22.54 45.71
N GLY E 100 -50.23 -21.45 45.30
CA GLY E 100 -50.21 -20.23 46.08
C GLY E 100 -48.84 -19.61 46.22
N GLU E 101 -47.98 -19.75 45.20
CA GLU E 101 -46.65 -19.19 45.22
C GLU E 101 -46.33 -18.61 43.86
N GLU E 102 -45.43 -17.62 43.85
CA GLU E 102 -44.97 -16.99 42.62
C GLU E 102 -43.62 -17.59 42.26
N LYS E 103 -43.59 -18.36 41.17
CA LYS E 103 -42.38 -19.03 40.72
C LYS E 103 -42.15 -18.73 39.25
N ILE E 104 -40.88 -18.84 38.83
CA ILE E 104 -40.52 -18.58 37.45
C ILE E 104 -40.94 -19.76 36.59
N VAL E 105 -41.71 -19.48 35.52
CA VAL E 105 -42.09 -20.50 34.57
C VAL E 105 -41.39 -20.36 33.23
N ARG E 106 -40.83 -19.20 32.93
CA ARG E 106 -40.19 -18.94 31.65
C ARG E 106 -39.40 -17.64 31.76
N ILE E 107 -38.19 -17.65 31.20
CA ILE E 107 -37.34 -16.46 31.18
C ILE E 107 -37.27 -15.96 29.75
N ARG E 108 -37.51 -14.67 29.58
CA ARG E 108 -37.57 -14.05 28.26
C ARG E 108 -36.38 -13.13 28.05
N ALA E 109 -35.96 -13.02 26.80
CA ALA E 109 -34.91 -12.10 26.41
C ALA E 109 -35.52 -10.78 25.97
N THR E 110 -34.94 -9.68 26.46
CA THR E 110 -35.30 -8.35 25.99
C THR E 110 -34.23 -7.73 25.12
N ALA E 111 -33.03 -8.31 25.08
CA ALA E 111 -31.93 -7.89 24.24
C ALA E 111 -31.13 -9.11 23.81
N PRO E 112 -30.47 -9.05 22.66
CA PRO E 112 -29.53 -10.12 22.31
C PRO E 112 -28.37 -10.14 23.28
N SER E 113 -27.81 -11.34 23.49
CA SER E 113 -26.68 -11.47 24.40
C SER E 113 -25.45 -10.74 23.89
N ALA E 114 -25.36 -10.52 22.57
CA ALA E 114 -24.24 -9.78 22.00
C ALA E 114 -24.20 -8.33 22.46
N SER E 115 -25.32 -7.79 22.95
CA SER E 115 -25.32 -6.44 23.49
C SER E 115 -24.40 -6.33 24.70
N PHE E 116 -24.26 -7.41 25.45
CA PHE E 116 -23.43 -7.44 26.65
C PHE E 116 -22.15 -8.24 26.49
N PHE E 117 -22.22 -9.41 25.85
CA PHE E 117 -21.01 -10.15 25.47
C PHE E 117 -20.51 -9.66 24.11
N SER E 118 -20.17 -8.37 24.07
CA SER E 118 -19.88 -7.67 22.85
C SER E 118 -18.48 -7.99 22.34
N GLU E 119 -18.25 -7.70 21.07
CA GLU E 119 -16.93 -7.92 20.48
C GLU E 119 -15.88 -7.04 21.15
N GLN E 120 -16.23 -5.79 21.47
CA GLN E 120 -15.29 -4.92 22.16
C GLN E 120 -14.85 -5.53 23.48
N GLN E 121 -15.81 -5.71 24.40
CA GLN E 121 -15.49 -6.06 25.77
C GLN E 121 -14.82 -7.43 25.88
N LEU E 122 -15.17 -8.35 24.99
CA LEU E 122 -14.68 -9.72 25.09
C LEU E 122 -13.50 -10.02 24.18
N VAL E 123 -13.26 -9.22 23.16
CA VAL E 123 -12.20 -9.53 22.20
C VAL E 123 -11.27 -8.33 22.03
N ASP E 124 -11.84 -7.16 21.74
CA ASP E 124 -11.03 -6.04 21.27
C ASP E 124 -10.18 -5.45 22.39
N ILE E 125 -10.78 -5.24 23.56
CA ILE E 125 -10.05 -4.75 24.73
C ILE E 125 -9.03 -5.80 25.19
N PRO E 126 -9.41 -7.08 25.37
CA PRO E 126 -8.40 -8.06 25.82
C PRO E 126 -7.23 -8.20 24.86
N LEU E 127 -7.46 -8.09 23.55
CA LEU E 127 -6.40 -8.25 22.58
C LEU E 127 -5.70 -6.96 22.22
N ASN E 128 -6.17 -5.82 22.75
CA ASN E 128 -5.62 -4.51 22.42
C ASN E 128 -5.58 -4.32 20.90
N THR E 129 -6.69 -4.67 20.24
CA THR E 129 -6.77 -4.55 18.79
C THR E 129 -6.61 -3.10 18.33
N GLU E 130 -7.02 -2.13 19.14
CA GLU E 130 -6.82 -0.73 18.78
C GLU E 130 -5.35 -0.40 18.56
N PHE E 131 -4.45 -1.13 19.21
CA PHE E 131 -3.01 -0.94 19.02
C PHE E 131 -2.44 -1.92 18.00
N PHE E 132 -2.81 -3.19 18.08
CA PHE E 132 -2.09 -4.22 17.33
C PHE E 132 -2.43 -4.24 15.85
N LYS E 133 -3.55 -3.67 15.43
CA LYS E 133 -3.83 -3.60 14.00
C LYS E 133 -2.88 -2.68 13.25
N HIS E 134 -2.24 -1.75 13.94
CA HIS E 134 -1.26 -0.86 13.35
C HIS E 134 0.17 -1.37 13.47
N LEU E 135 0.38 -2.54 14.07
CA LEU E 135 1.73 -3.07 14.21
C LEU E 135 2.44 -3.35 12.89
N PRO E 136 1.81 -3.98 11.88
CA PRO E 136 2.56 -4.23 10.63
C PRO E 136 3.10 -2.96 9.99
N GLY E 137 2.34 -1.86 10.06
CA GLY E 137 2.85 -0.59 9.56
C GLY E 137 4.09 -0.13 10.30
N ILE E 138 4.09 -0.30 11.64
CA ILE E 138 5.25 0.06 12.43
C ILE E 138 6.46 -0.80 12.04
N LEU E 139 6.24 -2.11 11.85
CA LEU E 139 7.34 -2.99 11.47
C LEU E 139 7.93 -2.60 10.12
N THR E 140 7.07 -2.33 9.14
CA THR E 140 7.56 -1.92 7.82
C THR E 140 8.27 -0.57 7.89
N GLY E 141 7.78 0.35 8.72
CA GLY E 141 8.47 1.61 8.91
C GLY E 141 9.86 1.43 9.50
N MET E 142 10.00 0.53 10.47
CA MET E 142 11.31 0.23 11.03
C MET E 142 12.24 -0.34 9.97
N GLY E 143 11.72 -1.23 9.11
CA GLY E 143 12.54 -1.73 8.00
C GLY E 143 12.97 -0.62 7.06
N ILE E 144 12.06 0.30 6.74
CA ILE E 144 12.39 1.43 5.87
C ILE E 144 13.48 2.28 6.50
N ILE E 145 13.35 2.55 7.80
CA ILE E 145 14.35 3.33 8.51
C ILE E 145 15.70 2.64 8.44
N GLY E 146 15.71 1.32 8.62
CA GLY E 146 16.96 0.59 8.53
C GLY E 146 17.62 0.73 7.16
N THR E 147 16.84 0.56 6.10
CA THR E 147 17.41 0.70 4.74
C THR E 147 17.93 2.11 4.51
N PHE E 148 17.17 3.13 4.94
CA PHE E 148 17.62 4.50 4.77
C PHE E 148 18.90 4.75 5.56
N TYR E 149 19.00 4.19 6.76
CA TYR E 149 20.20 4.33 7.58
C TYR E 149 21.41 3.71 6.90
N GLY E 150 21.24 2.52 6.34
CA GLY E 150 22.34 1.89 5.61
C GLY E 150 22.75 2.69 4.39
N LEU E 151 21.77 3.24 3.68
CA LEU E 151 22.08 4.09 2.54
C LEU E 151 22.87 5.34 2.97
N MET E 152 22.48 5.93 4.10
CA MET E 152 23.20 7.09 4.60
C MET E 152 24.63 6.74 5.00
N ILE E 153 24.82 5.60 5.66
CA ILE E 153 26.17 5.16 5.99
C ILE E 153 27.00 5.02 4.73
N GLY E 154 26.43 4.41 3.69
CA GLY E 154 27.17 4.28 2.43
C GLY E 154 27.49 5.61 1.79
N LEU E 155 26.52 6.53 1.75
CA LEU E 155 26.72 7.81 1.09
C LEU E 155 27.73 8.68 1.82
N ASN E 156 27.73 8.66 3.15
CA ASN E 156 28.63 9.52 3.90
C ASN E 156 30.08 9.14 3.71
N HIS E 157 30.37 7.87 3.46
CA HIS E 157 31.74 7.41 3.25
C HIS E 157 32.13 7.35 1.78
N PHE E 158 31.25 7.77 0.87
CA PHE E 158 31.54 7.69 -0.55
C PHE E 158 32.65 8.68 -0.92
N ASP E 159 33.68 8.17 -1.59
CA ASP E 159 34.85 8.96 -1.98
C ASP E 159 34.95 8.90 -3.51
N PRO E 160 34.46 9.91 -4.22
CA PRO E 160 34.45 9.85 -5.68
C PRO E 160 35.71 10.40 -6.34
N SER E 161 36.79 10.56 -5.57
CA SER E 161 37.98 11.25 -6.07
C SER E 161 38.57 10.53 -7.28
N THR E 162 39.02 9.29 -7.09
CA THR E 162 39.68 8.53 -8.14
C THR E 162 38.79 7.36 -8.57
N PRO E 163 39.03 6.80 -9.76
CA PRO E 163 38.24 5.63 -10.16
C PRO E 163 38.34 4.46 -9.21
N GLU E 164 39.51 4.21 -8.63
CA GLU E 164 39.64 3.14 -7.63
C GLU E 164 38.84 3.47 -6.39
N GLN E 165 38.90 4.72 -5.93
CA GLN E 165 38.07 5.14 -4.81
C GLN E 165 36.60 5.06 -5.18
N VAL E 166 36.25 5.40 -6.42
CA VAL E 166 34.85 5.29 -6.86
C VAL E 166 34.38 3.84 -6.75
N SER E 167 35.20 2.90 -7.24
CA SER E 167 34.80 1.50 -7.19
C SER E 167 34.68 0.98 -5.77
N SER E 168 35.66 1.30 -4.92
CA SER E 168 35.60 0.86 -3.53
C SER E 168 34.42 1.48 -2.80
N SER E 169 34.15 2.76 -3.04
CA SER E 169 33.00 3.42 -2.42
C SER E 169 31.70 2.80 -2.89
N VAL E 170 31.61 2.43 -4.17
CA VAL E 170 30.40 1.79 -4.66
C VAL E 170 30.20 0.43 -3.99
N ASN E 171 31.26 -0.37 -3.89
CA ASN E 171 31.13 -1.65 -3.21
C ASN E 171 30.73 -1.49 -1.75
N ASN E 172 31.34 -0.53 -1.05
CA ASN E 172 30.99 -0.31 0.35
C ASN E 172 29.55 0.17 0.50
N LEU E 173 29.11 1.07 -0.37
CA LEU E 173 27.73 1.55 -0.31
C LEU E 173 26.76 0.40 -0.55
N LEU E 174 27.04 -0.44 -1.55
CA LEU E 174 26.15 -1.57 -1.84
C LEU E 174 26.13 -2.57 -0.69
N ARG E 175 27.28 -2.81 -0.07
CA ARG E 175 27.33 -3.73 1.06
C ARG E 175 26.53 -3.19 2.24
N ASP E 176 26.67 -1.90 2.53
CA ASP E 176 25.91 -1.30 3.62
C ASP E 176 24.40 -1.36 3.34
N VAL E 177 24.01 -1.03 2.11
CA VAL E 177 22.60 -1.10 1.75
C VAL E 177 22.10 -2.54 1.81
N LEU E 178 22.96 -3.52 1.50
CA LEU E 178 22.54 -4.91 1.56
C LEU E 178 22.33 -5.37 2.99
N TYR E 179 23.21 -4.99 3.92
CA TYR E 179 22.96 -5.22 5.35
C TYR E 179 21.62 -4.62 5.77
N ALA E 180 21.46 -3.33 5.48
CA ALA E 180 20.23 -2.63 5.87
C ALA E 180 19.00 -3.29 5.27
N PHE E 181 19.12 -3.78 4.03
CA PHE E 181 17.99 -4.43 3.39
C PHE E 181 17.73 -5.82 3.95
N LEU E 182 18.75 -6.49 4.47
CA LEU E 182 18.50 -7.72 5.20
C LEU E 182 17.59 -7.42 6.39
N GLY E 183 17.91 -6.36 7.13
CA GLY E 183 17.03 -5.94 8.20
C GLY E 183 15.63 -5.60 7.72
N SER E 184 15.54 -4.84 6.62
CA SER E 184 14.24 -4.42 6.10
C SER E 184 13.41 -5.60 5.60
N ALA E 185 14.04 -6.57 4.94
CA ALA E 185 13.34 -7.75 4.46
C ALA E 185 12.83 -8.58 5.63
N PHE E 186 13.64 -8.70 6.69
CA PHE E 186 13.12 -9.34 7.90
C PHE E 186 11.90 -8.60 8.43
N ALA E 187 11.96 -7.28 8.44
CA ALA E 187 10.83 -6.49 8.92
C ALA E 187 9.58 -6.70 8.07
N ILE E 188 9.73 -6.76 6.75
CA ILE E 188 8.58 -6.93 5.87
C ILE E 188 7.99 -8.33 5.99
N PHE E 189 8.85 -9.35 6.07
CA PHE E 189 8.36 -10.71 6.30
C PHE E 189 7.60 -10.80 7.62
N ALA E 190 8.14 -10.18 8.67
CA ALA E 190 7.45 -10.17 9.96
C ALA E 190 6.14 -9.42 9.87
N SER E 191 6.10 -8.33 9.11
CA SER E 191 4.85 -7.58 8.93
C SER E 191 3.80 -8.44 8.23
N ILE E 192 4.20 -9.19 7.20
CA ILE E 192 3.26 -10.08 6.51
C ILE E 192 2.75 -11.16 7.46
N LEU E 193 3.66 -11.78 8.20
CA LEU E 193 3.26 -12.84 9.12
C LEU E 193 2.34 -12.31 10.21
N VAL E 194 2.63 -11.12 10.74
CA VAL E 194 1.79 -10.51 11.74
C VAL E 194 0.42 -10.18 11.16
N THR E 195 0.38 -9.65 9.94
CA THR E 195 -0.90 -9.34 9.31
C THR E 195 -1.76 -10.60 9.19
N TRP E 196 -1.17 -11.69 8.70
CA TRP E 196 -1.94 -12.92 8.54
C TRP E 196 -2.42 -13.44 9.89
N LEU E 197 -1.51 -13.57 10.86
CA LEU E 197 -1.88 -14.10 12.16
C LEU E 197 -2.95 -13.25 12.82
N GLU E 198 -2.78 -11.93 12.79
CA GLU E 198 -3.73 -11.03 13.43
C GLU E 198 -5.11 -11.14 12.80
N LYS E 199 -5.18 -11.07 11.47
CA LYS E 199 -6.48 -11.05 10.81
C LYS E 199 -7.19 -12.39 10.97
N LEU E 200 -6.45 -13.50 10.81
CA LEU E 200 -7.08 -14.80 11.00
C LEU E 200 -7.56 -14.97 12.45
N SER E 201 -6.75 -14.54 13.42
CA SER E 201 -7.12 -14.68 14.82
C SER E 201 -8.36 -13.84 15.15
N ILE E 202 -8.42 -12.61 14.65
CA ILE E 202 -9.57 -11.77 14.97
C ILE E 202 -10.82 -12.31 14.30
N ALA E 203 -10.70 -12.85 13.08
CA ALA E 203 -11.86 -13.44 12.41
C ALA E 203 -12.37 -14.66 13.19
N LYS E 204 -11.47 -15.53 13.63
CA LYS E 204 -11.90 -16.71 14.39
C LYS E 204 -12.42 -16.34 15.77
N SER E 205 -11.85 -15.31 16.39
CA SER E 205 -12.40 -14.84 17.66
C SER E 205 -13.82 -14.36 17.49
N TYR E 206 -14.08 -13.56 16.45
CA TYR E 206 -15.44 -13.10 16.19
C TYR E 206 -16.36 -14.27 15.90
N LYS E 207 -15.89 -15.25 15.14
CA LYS E 207 -16.70 -16.41 14.79
C LYS E 207 -17.14 -17.17 16.05
N TYR E 208 -16.19 -17.46 16.94
CA TYR E 208 -16.57 -18.23 18.11
C TYR E 208 -17.28 -17.39 19.16
N LEU E 209 -17.08 -16.08 19.19
CA LEU E 209 -17.92 -15.22 20.01
C LEU E 209 -19.36 -15.25 19.51
N GLU E 210 -19.55 -15.22 18.19
CA GLU E 210 -20.90 -15.30 17.64
C GLU E 210 -21.53 -16.65 17.97
N LYS E 211 -20.75 -17.72 17.91
CA LYS E 211 -21.26 -19.03 18.33
C LYS E 211 -21.67 -19.01 19.79
N PHE E 212 -20.86 -18.38 20.65
CA PHE E 212 -21.17 -18.29 22.07
C PHE E 212 -22.46 -17.52 22.32
N THR E 213 -22.60 -16.35 21.69
CA THR E 213 -23.80 -15.54 21.90
C THR E 213 -25.03 -16.17 21.28
N ALA E 214 -24.87 -16.91 20.19
CA ALA E 214 -25.96 -17.70 19.64
C ALA E 214 -26.39 -18.79 20.61
N ALA E 215 -25.42 -19.44 21.26
CA ALA E 215 -25.76 -20.42 22.28
C ALA E 215 -26.55 -19.79 23.42
N LEU E 216 -26.12 -18.60 23.86
CA LEU E 216 -26.87 -17.90 24.90
C LEU E 216 -28.25 -17.46 24.41
N ASP E 217 -28.32 -16.86 23.22
CA ASP E 217 -29.60 -16.36 22.72
C ASP E 217 -30.61 -17.48 22.50
N SER E 218 -30.14 -18.70 22.26
CA SER E 218 -31.08 -19.81 22.04
C SER E 218 -31.80 -20.23 23.32
N LEU E 219 -31.30 -19.84 24.49
CA LEU E 219 -31.94 -20.23 25.74
C LEU E 219 -33.19 -19.41 26.03
N TYR E 220 -33.29 -18.19 25.51
CA TYR E 220 -34.33 -17.26 25.91
C TYR E 220 -35.05 -16.67 24.71
N ASP E 221 -36.37 -16.72 24.74
CA ASP E 221 -37.22 -16.22 23.67
C ASP E 221 -37.50 -14.74 23.88
N SER E 222 -37.33 -13.96 22.82
CA SER E 222 -37.62 -12.53 22.88
C SER E 222 -39.07 -12.27 22.47
N GLY E 223 -39.43 -11.00 22.38
CA GLY E 223 -40.76 -10.62 21.94
C GLY E 223 -41.79 -10.48 23.03
N VAL E 224 -41.36 -10.41 24.29
CA VAL E 224 -42.30 -10.39 25.40
C VAL E 224 -43.09 -9.08 25.49
N GLY E 225 -42.49 -7.95 25.06
CA GLY E 225 -43.19 -6.68 25.14
C GLY E 225 -44.42 -6.62 24.23
N GLU E 226 -44.26 -7.09 22.99
CA GLU E 226 -45.39 -7.13 22.07
C GLU E 226 -46.48 -8.07 22.58
N GLU E 227 -46.07 -9.21 23.16
CA GLU E 227 -47.04 -10.13 23.74
C GLU E 227 -47.81 -9.48 24.88
N TYR E 228 -47.12 -8.73 25.73
CA TYR E 228 -47.79 -8.01 26.80
C TYR E 228 -48.77 -6.98 26.26
N LEU E 229 -48.38 -6.25 25.22
CA LEU E 229 -49.27 -5.26 24.63
C LEU E 229 -50.52 -5.91 24.03
N ALA E 230 -50.34 -7.02 23.31
CA ALA E 230 -51.48 -7.74 22.77
C ALA E 230 -52.40 -8.24 23.88
N SER E 231 -51.80 -8.74 24.97
CA SER E 231 -52.59 -9.19 26.12
C SER E 231 -53.38 -8.03 26.70
N LEU E 232 -52.77 -6.85 26.82
CA LEU E 232 -53.46 -5.69 27.36
C LEU E 232 -54.63 -5.27 26.46
N VAL E 233 -54.42 -5.29 25.14
CA VAL E 233 -55.49 -4.94 24.21
C VAL E 233 -56.65 -5.93 24.32
N LYS E 234 -56.34 -7.23 24.37
N LYS E 234 -56.34 -7.23 24.37
CA LYS E 234 -57.37 -8.24 24.55
CA LYS E 234 -57.37 -8.23 24.54
C LYS E 234 -58.11 -8.06 25.86
N SER E 235 -57.38 -7.74 26.93
CA SER E 235 -57.99 -7.53 28.24
C SER E 235 -58.92 -6.33 28.23
N SER E 236 -58.55 -5.27 27.53
CA SER E 236 -59.43 -4.09 27.45
C SER E 236 -60.73 -4.43 26.73
N ASN E 237 -60.63 -5.12 25.60
CA ASN E 237 -61.84 -5.50 24.87
C ASN E 237 -62.73 -6.41 25.72
N GLU E 238 -62.12 -7.42 26.34
CA GLU E 238 -62.88 -8.33 27.18
C GLU E 238 -63.47 -7.62 28.40
N SER E 239 -62.79 -6.59 28.90
CA SER E 239 -63.32 -5.85 30.05
C SER E 239 -64.56 -5.06 29.67
N ALA E 240 -64.56 -4.45 28.48
CA ALA E 240 -65.78 -3.79 28.02
C ALA E 240 -66.93 -4.78 27.88
N THR E 241 -66.66 -5.92 27.24
CA THR E 241 -67.70 -6.93 27.07
C THR E 241 -68.22 -7.45 28.41
N GLN E 242 -67.31 -7.72 29.34
CA GLN E 242 -67.71 -8.24 30.64
C GLN E 242 -68.46 -7.19 31.46
N ALA E 243 -68.11 -5.91 31.30
CA ALA E 243 -68.88 -4.86 31.96
C ALA E 243 -70.32 -4.87 31.49
N ARG E 244 -70.53 -4.96 30.17
CA ARG E 244 -71.90 -5.04 29.68
C ARG E 244 -72.62 -6.27 30.21
N HIS E 245 -71.96 -7.43 30.17
CA HIS E 245 -72.60 -8.67 30.60
C HIS E 245 -72.94 -8.64 32.08
N LEU E 246 -72.03 -8.10 32.91
CA LEU E 246 -72.29 -8.04 34.35
C LEU E 246 -73.40 -7.04 34.67
N LYS E 247 -73.48 -5.93 33.93
CA LYS E 247 -74.59 -5.01 34.14
C LYS E 247 -75.92 -5.68 33.82
N GLU E 248 -75.99 -6.40 32.70
CA GLU E 248 -77.23 -7.11 32.36
C GLU E 248 -77.56 -8.17 33.41
N SER E 249 -76.55 -8.90 33.89
CA SER E 249 -76.80 -9.93 34.89
C SER E 249 -77.30 -9.31 36.20
N LEU E 250 -76.74 -8.16 36.58
CA LEU E 250 -77.22 -7.48 37.78
C LEU E 250 -78.66 -7.04 37.62
N VAL E 251 -79.02 -6.52 36.44
CA VAL E 251 -80.40 -6.11 36.21
C VAL E 251 -81.34 -7.30 36.31
N THR E 252 -80.97 -8.43 35.70
CA THR E 252 -81.81 -9.62 35.77
C THR E 252 -81.95 -10.12 37.21
N ASP E 253 -80.84 -10.11 37.97
CA ASP E 253 -80.90 -10.55 39.36
C ASP E 253 -81.80 -9.64 40.19
N LEU E 254 -81.73 -8.33 39.95
CA LEU E 254 -82.61 -7.40 40.67
C LEU E 254 -84.08 -7.67 40.31
N ARG E 255 -84.36 -7.92 39.03
CA ARG E 255 -85.73 -8.25 38.63
C ARG E 255 -86.24 -9.48 39.37
N ASP E 256 -85.45 -10.56 39.39
CA ASP E 256 -85.87 -11.77 40.09
C ASP E 256 -86.03 -11.51 41.58
N MET E 257 -85.11 -10.74 42.17
CA MET E 257 -85.15 -10.44 43.59
C MET E 257 -86.44 -9.72 43.97
N LEU E 258 -86.80 -8.70 43.19
CA LEU E 258 -88.00 -7.94 43.53
C LEU E 258 -89.27 -8.69 43.16
N LEU E 259 -89.21 -9.60 42.18
CA LEU E 259 -90.35 -10.49 41.95
C LEU E 259 -90.59 -11.39 43.17
N HIS E 260 -89.51 -11.95 43.72
CA HIS E 260 -89.65 -12.76 44.93
C HIS E 260 -90.17 -11.92 46.10
N LEU E 261 -89.67 -10.69 46.23
CA LEU E 261 -90.16 -9.81 47.29
C LEU E 261 -91.65 -9.53 47.13
N ALA E 262 -92.09 -9.28 45.89
CA ALA E 262 -93.51 -9.03 45.63
C ALA E 262 -94.36 -10.24 45.97
N GLU E 263 -93.90 -11.43 45.60
CA GLU E 263 -94.66 -12.64 45.94
C GLU E 263 -94.75 -12.82 47.45
N SER E 264 -93.64 -12.60 48.16
CA SER E 264 -93.66 -12.74 49.62
C SER E 264 -94.59 -11.73 50.27
N GLN E 265 -94.55 -10.48 49.81
CA GLN E 265 -95.42 -9.47 50.42
C GLN E 265 -96.89 -9.70 50.06
N MET F 1 -39.61 -1.25 18.95
CA MET F 1 -40.32 -0.13 19.56
C MET F 1 -39.94 0.01 21.02
N PHE F 2 -39.56 -1.10 21.63
CA PHE F 2 -39.23 -1.14 23.05
C PHE F 2 -37.76 -0.78 23.32
N GLY F 3 -36.98 -0.49 22.28
CA GLY F 3 -35.62 -0.06 22.45
C GLY F 3 -35.52 1.38 22.91
N ASN F 4 -34.30 1.78 23.26
CA ASN F 4 -34.02 3.11 23.79
C ASN F 4 -33.33 3.97 22.74
N ALA F 5 -33.79 5.21 22.61
CA ALA F 5 -33.20 6.14 21.66
C ALA F 5 -31.83 6.65 22.12
N PHE F 6 -31.53 6.52 23.40
CA PHE F 6 -30.22 6.91 23.93
C PHE F 6 -29.34 5.67 24.05
N GLY F 7 -28.85 5.21 22.90
CA GLY F 7 -27.99 4.05 22.81
C GLY F 7 -26.56 4.43 22.47
N VAL F 8 -25.67 3.46 22.66
CA VAL F 8 -24.26 3.68 22.36
C VAL F 8 -24.09 3.87 20.85
N LYS F 9 -23.14 4.71 20.46
CA LYS F 9 -22.89 5.02 19.06
C LYS F 9 -21.40 4.95 18.76
N LYS F 10 -21.00 5.41 17.58
CA LYS F 10 -19.59 5.43 17.16
C LYS F 10 -19.00 4.02 17.22
N ARG F 11 -19.77 3.02 16.80
CA ARG F 11 -19.24 1.66 16.71
C ARG F 11 -18.47 1.53 15.41
N ARG F 12 -17.26 2.12 15.37
CA ARG F 12 -16.47 2.15 14.14
C ARG F 12 -15.00 2.25 14.54
N SER F 13 -14.30 1.13 14.55
CA SER F 13 -12.86 1.14 14.81
C SER F 13 -12.11 1.64 13.59
N ASP F 14 -11.04 2.38 13.82
CA ASP F 14 -10.28 2.94 12.70
C ASP F 14 -9.49 1.85 11.99
N GLU F 15 -9.60 1.83 10.66
CA GLU F 15 -8.83 0.92 9.85
C GLU F 15 -7.36 1.32 9.86
N ALA F 16 -6.48 0.33 9.91
CA ALA F 16 -5.05 0.59 9.87
C ALA F 16 -4.62 0.96 8.45
N GLU F 17 -3.60 1.81 8.38
CA GLU F 17 -3.06 2.18 7.08
C GLU F 17 -2.38 0.99 6.42
N LYS F 18 -2.68 0.78 5.14
CA LYS F 18 -2.04 -0.30 4.40
C LYS F 18 -0.57 0.03 4.21
N PRO F 19 0.34 -0.79 4.71
CA PRO F 19 1.74 -0.38 4.78
C PRO F 19 2.60 -0.74 3.57
N PHE F 20 2.19 -1.73 2.80
CA PHE F 20 3.12 -2.36 1.85
C PHE F 20 3.40 -1.54 0.61
N TRP F 21 2.44 -0.74 0.13
CA TRP F 21 2.77 0.17 -0.96
C TRP F 21 3.69 1.29 -0.47
N ILE F 22 3.53 1.70 0.79
CA ILE F 22 4.45 2.67 1.38
C ILE F 22 5.86 2.12 1.40
N SER F 23 6.02 0.87 1.85
CA SER F 23 7.34 0.25 1.89
C SER F 23 7.90 0.07 0.49
N TYR F 24 7.05 -0.32 -0.46
CA TYR F 24 7.48 -0.39 -1.86
C TYR F 24 8.04 0.94 -2.32
N ALA F 25 7.29 2.02 -2.09
CA ALA F 25 7.70 3.33 -2.57
C ALA F 25 8.99 3.78 -1.90
N ASP F 26 9.14 3.56 -0.60
CA ASP F 26 10.34 4.01 0.10
C ASP F 26 11.57 3.21 -0.32
N LEU F 27 11.45 1.88 -0.40
CA LEU F 27 12.58 1.09 -0.84
C LEU F 27 12.94 1.41 -2.30
N MET F 28 11.93 1.68 -3.12
CA MET F 28 12.18 2.07 -4.50
C MET F 28 12.84 3.43 -4.59
N THR F 29 12.53 4.34 -3.65
CA THR F 29 13.27 5.59 -3.55
C THR F 29 14.74 5.33 -3.26
N ALA F 30 15.02 4.43 -2.32
CA ALA F 30 16.39 4.05 -2.02
C ALA F 30 17.09 3.48 -3.25
N MET F 31 16.40 2.61 -4.00
CA MET F 31 17.00 2.02 -5.20
C MET F 31 17.19 3.07 -6.31
N MET F 32 16.26 3.99 -6.47
CA MET F 32 16.43 5.05 -7.45
C MET F 32 17.66 5.87 -7.15
N VAL F 33 17.85 6.22 -5.88
CA VAL F 33 19.05 6.94 -5.47
C VAL F 33 20.31 6.10 -5.71
N LEU F 34 20.24 4.80 -5.40
CA LEU F 34 21.39 3.95 -5.66
C LEU F 34 21.76 3.96 -7.14
N PHE F 35 20.77 3.85 -8.01
CA PHE F 35 21.05 3.81 -9.44
C PHE F 35 21.56 5.16 -9.96
N LEU F 36 21.02 6.26 -9.44
CA LEU F 36 21.54 7.58 -9.81
C LEU F 36 23.00 7.73 -9.40
N VAL F 37 23.32 7.33 -8.16
CA VAL F 37 24.69 7.45 -7.66
C VAL F 37 25.63 6.55 -8.46
N VAL F 38 25.19 5.32 -8.73
CA VAL F 38 26.00 4.40 -9.51
C VAL F 38 26.21 4.94 -10.92
N MET F 39 25.18 5.55 -11.50
CA MET F 39 25.32 6.12 -12.84
C MET F 39 26.35 7.24 -12.86
N VAL F 40 26.24 8.21 -11.96
CA VAL F 40 27.20 9.33 -11.98
C VAL F 40 28.60 8.82 -11.66
N ALA F 41 28.74 7.96 -10.65
CA ALA F 41 30.06 7.47 -10.26
C ALA F 41 30.70 6.64 -11.36
N SER F 42 29.92 5.78 -12.01
CA SER F 42 30.45 4.93 -13.07
C SER F 42 30.82 5.75 -14.30
N LEU F 43 30.00 6.74 -14.65
CA LEU F 43 30.35 7.60 -15.77
C LEU F 43 31.65 8.33 -15.49
N SER F 44 31.78 8.88 -14.28
CA SER F 44 33.01 9.55 -13.90
C SER F 44 34.21 8.61 -13.96
N SER F 45 34.07 7.43 -13.39
CA SER F 45 35.19 6.49 -13.31
C SER F 45 35.62 6.02 -14.69
N VAL F 46 34.66 5.72 -15.57
CA VAL F 46 35.00 5.25 -16.91
C VAL F 46 35.63 6.36 -17.74
N THR F 47 35.10 7.58 -17.62
CA THR F 47 35.70 8.71 -18.32
C THR F 47 37.13 8.94 -17.85
N GLN F 48 37.36 8.84 -16.53
CA GLN F 48 38.71 9.04 -16.01
C GLN F 48 39.64 7.91 -16.42
N ARG F 49 39.15 6.70 -16.61
CA ARG F 49 40.01 5.58 -17.09
C ARG F 49 40.33 5.73 -18.57
N ILE F 50 39.43 6.29 -19.35
CA ILE F 50 39.75 6.58 -20.74
C ILE F 50 40.77 7.71 -20.84
N GLN F 51 40.55 8.78 -20.07
CA GLN F 51 41.47 9.91 -20.09
C GLN F 51 42.83 9.53 -19.54
N ARG F 52 42.93 8.66 -18.54
CA ARG F 52 44.23 8.20 -17.95
C ARG F 52 44.98 7.36 -18.96
N ALA F 53 44.26 6.55 -19.74
CA ALA F 53 44.95 5.82 -20.80
C ALA F 53 45.45 6.74 -21.90
N GLU F 54 44.61 7.71 -22.30
CA GLU F 54 45.02 8.66 -23.33
C GLU F 54 46.24 9.47 -22.89
N GLN F 55 46.23 9.95 -21.65
CA GLN F 55 47.36 10.73 -21.14
C GLN F 55 48.60 9.88 -20.98
N GLY F 56 48.44 8.59 -20.64
CA GLY F 56 49.60 7.70 -20.62
C GLY F 56 50.23 7.55 -21.99
N GLU F 57 49.40 7.35 -23.01
CA GLU F 57 49.91 7.30 -24.38
C GLU F 57 50.61 8.60 -24.76
N LYS F 58 49.99 9.74 -24.44
CA LYS F 58 50.58 11.03 -24.80
C LYS F 58 51.91 11.26 -24.09
N ALA F 59 51.98 10.90 -22.81
CA ALA F 59 53.21 11.08 -22.05
C ALA F 59 54.32 10.17 -22.55
N ARG F 60 53.98 8.93 -22.90
CA ARG F 60 55.00 8.04 -23.46
C ARG F 60 55.50 8.57 -24.80
N GLY F 61 54.59 9.08 -25.64
CA GLY F 61 55.01 9.68 -26.88
C GLY F 61 55.90 10.90 -26.68
N GLN F 62 55.55 11.74 -25.69
CA GLN F 62 56.37 12.90 -25.38
C GLN F 62 57.75 12.50 -24.88
N ASP F 63 57.83 11.46 -24.06
CA ASP F 63 59.12 10.99 -23.59
C ASP F 63 59.96 10.46 -24.75
N ILE F 64 59.34 9.72 -25.67
CA ILE F 64 60.05 9.22 -26.85
C ILE F 64 60.57 10.38 -27.68
N SER F 65 59.73 11.39 -27.91
CA SER F 65 60.13 12.53 -28.71
C SER F 65 61.26 13.31 -28.04
N ARG F 66 61.20 13.49 -26.72
CA ARG F 66 62.26 14.19 -26.00
C ARG F 66 63.57 13.42 -26.08
N LEU F 67 63.52 12.10 -25.91
CA LEU F 67 64.74 11.30 -26.02
C LEU F 67 65.33 11.42 -27.41
N CYS F 68 64.49 11.33 -28.45
CA CYS F 68 65.00 11.46 -29.82
C CYS F 68 65.60 12.84 -30.05
N GLU F 69 64.96 13.89 -29.53
CA GLU F 69 65.45 15.24 -29.73
C GLU F 69 66.80 15.44 -29.06
N ARG F 70 66.93 14.99 -27.81
CA ARG F 70 68.21 15.17 -27.11
C ARG F 70 69.31 14.33 -27.74
N LEU F 71 68.96 13.13 -28.20
CA LEU F 71 69.94 12.29 -28.89
C LEU F 71 70.41 12.94 -30.19
N GLU F 72 69.48 13.52 -30.95
CA GLU F 72 69.84 14.20 -32.19
C GLU F 72 70.70 15.43 -31.90
N LEU F 73 70.38 16.17 -30.83
CA LEU F 73 71.20 17.32 -30.45
C LEU F 73 72.62 16.88 -30.09
N HIS F 74 72.75 15.79 -29.33
CA HIS F 74 74.06 15.26 -29.00
C HIS F 74 74.82 14.84 -30.26
N ALA F 75 74.12 14.19 -31.20
CA ALA F 75 74.76 13.77 -32.43
C ALA F 75 75.26 14.97 -33.23
N ARG F 76 74.44 16.02 -33.32
CA ARG F 76 74.87 17.24 -34.00
C ARG F 76 76.08 17.86 -33.31
N ASN F 77 76.09 17.83 -31.97
CA ASN F 77 77.21 18.38 -31.22
C ASN F 77 78.49 17.58 -31.46
N VAL F 78 78.35 16.26 -31.67
CA VAL F 78 79.54 15.43 -31.86
C VAL F 78 80.11 15.63 -33.26
N ASN F 79 79.33 15.31 -34.29
CA ASN F 79 79.76 15.50 -35.66
C ASN F 79 78.53 15.69 -36.55
N LYS F 80 78.69 16.40 -37.67
CA LYS F 80 77.57 16.95 -38.40
C LYS F 80 77.03 16.04 -39.50
N ASN F 81 77.59 14.85 -39.69
CA ASN F 81 77.08 13.99 -40.77
C ASN F 81 75.96 13.07 -40.33
N ILE F 82 75.58 13.08 -39.04
CA ILE F 82 74.54 12.19 -38.56
C ILE F 82 73.17 12.70 -38.96
N VAL F 83 72.38 11.84 -39.57
CA VAL F 83 71.01 12.15 -39.97
C VAL F 83 70.07 11.39 -39.04
N VAL F 84 69.30 12.12 -38.24
CA VAL F 84 68.38 11.54 -37.28
C VAL F 84 66.96 11.96 -37.66
N ASP F 85 66.06 10.99 -37.74
CA ASP F 85 64.67 11.22 -38.11
C ASP F 85 63.79 10.80 -36.95
N CYS F 86 63.29 11.79 -36.20
CA CYS F 86 62.42 11.50 -35.06
C CYS F 86 61.02 11.08 -35.48
N HIS F 87 60.65 11.29 -36.75
CA HIS F 87 59.33 10.93 -37.20
C HIS F 87 59.12 9.42 -37.25
N ASP F 88 60.17 8.67 -37.57
CA ASP F 88 60.08 7.22 -37.65
C ASP F 88 61.05 6.51 -36.71
N ASN F 89 61.66 7.23 -35.76
CA ASN F 89 62.60 6.67 -34.81
C ASN F 89 63.75 5.95 -35.53
N ARG F 90 64.49 6.73 -36.31
CA ARG F 90 65.58 6.19 -37.12
C ARG F 90 66.75 7.16 -37.13
N ILE F 91 67.97 6.62 -37.17
CA ILE F 91 69.18 7.41 -37.35
C ILE F 91 69.92 6.85 -38.56
N SER F 92 70.20 7.70 -39.54
CA SER F 92 70.83 7.28 -40.77
C SER F 92 72.08 8.12 -41.04
N PHE F 93 72.81 7.72 -42.08
CA PHE F 93 73.99 8.44 -42.53
C PHE F 93 73.71 8.96 -43.94
N GLY F 94 73.80 10.28 -44.10
CA GLY F 94 73.50 10.91 -45.37
C GLY F 94 74.41 10.50 -46.50
N GLU F 95 75.68 10.88 -46.40
CA GLU F 95 76.68 10.58 -47.43
C GLU F 95 77.66 9.50 -47.03
N ALA F 96 78.07 9.43 -45.75
CA ALA F 96 79.06 8.45 -45.33
C ALA F 96 78.50 7.03 -45.30
N GLY F 97 77.18 6.87 -45.40
CA GLY F 97 76.55 5.58 -45.35
C GLY F 97 76.42 4.87 -46.69
N ARG F 98 77.02 5.41 -47.74
CA ARG F 98 76.91 4.79 -49.06
C ARG F 98 77.87 3.60 -49.17
N PHE F 99 77.62 2.77 -50.18
CA PHE F 99 78.45 1.61 -50.45
C PHE F 99 78.54 1.39 -51.94
N ALA F 100 79.62 0.75 -52.38
CA ALA F 100 79.84 0.43 -53.77
C ALA F 100 79.65 -1.07 -54.01
N HIS F 101 79.77 -1.46 -55.27
CA HIS F 101 79.66 -2.87 -55.63
C HIS F 101 80.79 -3.67 -54.99
N ASN F 102 80.43 -4.82 -54.43
CA ASN F 102 81.38 -5.73 -53.78
C ASN F 102 82.14 -5.02 -52.65
N GLN F 103 81.43 -4.21 -51.88
CA GLN F 103 81.98 -3.50 -50.74
C GLN F 103 81.16 -3.83 -49.50
N PHE F 104 81.83 -3.97 -48.36
CA PHE F 104 81.17 -4.38 -47.13
C PHE F 104 81.60 -3.57 -45.90
N PHE F 105 82.50 -2.62 -46.06
CA PHE F 105 82.97 -1.82 -44.93
C PHE F 105 82.80 -0.34 -45.25
N LEU F 106 82.41 0.43 -44.24
CA LEU F 106 82.25 1.86 -44.39
C LEU F 106 83.61 2.53 -44.60
N ASN F 107 83.57 3.73 -45.17
CA ASN F 107 84.77 4.54 -45.30
C ASN F 107 85.19 5.06 -43.92
N ALA F 108 86.27 5.84 -43.91
CA ALA F 108 86.80 6.34 -42.65
C ALA F 108 85.79 7.20 -41.91
N GLU F 109 85.08 8.08 -42.64
CA GLU F 109 84.06 8.91 -42.01
C GLU F 109 82.92 8.05 -41.47
N GLY F 110 82.53 7.02 -42.21
CA GLY F 110 81.48 6.14 -41.72
C GLY F 110 81.86 5.41 -40.45
N GLN F 111 83.10 4.90 -40.40
CA GLN F 111 83.59 4.26 -39.18
C GLN F 111 83.64 5.24 -38.02
N LYS F 112 84.09 6.47 -38.28
CA LYS F 112 84.14 7.48 -37.23
C LYS F 112 82.75 7.77 -36.69
N ALA F 113 81.77 7.94 -37.58
CA ALA F 113 80.41 8.19 -37.14
C ALA F 113 79.83 7.01 -36.36
N LEU F 114 80.09 5.80 -36.84
CA LEU F 114 79.58 4.61 -36.15
C LEU F 114 80.17 4.49 -34.76
N GLN F 115 81.47 4.78 -34.61
CA GLN F 115 82.09 4.74 -33.29
C GLN F 115 81.62 5.89 -32.41
N ASP F 116 81.27 7.03 -33.00
CA ASP F 116 80.86 8.18 -32.22
C ASP F 116 79.42 8.03 -31.71
N VAL F 117 78.57 7.34 -32.46
CA VAL F 117 77.16 7.27 -32.07
C VAL F 117 76.91 6.29 -30.94
N VAL F 118 77.85 5.37 -30.68
CA VAL F 118 77.64 4.39 -29.61
C VAL F 118 77.55 5.02 -28.24
N PRO F 119 78.47 5.89 -27.80
CA PRO F 119 78.27 6.55 -26.50
C PRO F 119 77.00 7.37 -26.43
N LEU F 120 76.56 7.93 -27.56
CA LEU F 120 75.29 8.64 -27.58
C LEU F 120 74.13 7.70 -27.28
N VAL F 121 74.16 6.50 -27.86
CA VAL F 121 73.14 5.50 -27.58
C VAL F 121 73.19 5.10 -26.11
N LEU F 122 74.40 4.92 -25.58
CA LEU F 122 74.54 4.55 -24.17
C LEU F 122 73.96 5.61 -23.25
N GLU F 123 74.25 6.88 -23.53
CA GLU F 123 73.70 7.97 -22.74
C GLU F 123 72.18 8.04 -22.86
N ALA F 124 71.66 7.85 -24.08
CA ALA F 124 70.21 7.89 -24.28
C ALA F 124 69.52 6.79 -23.49
N SER F 125 70.10 5.59 -23.49
CA SER F 125 69.51 4.50 -22.72
C SER F 125 69.69 4.70 -21.21
N ASN F 126 70.77 5.35 -20.79
CA ASN F 126 71.01 5.55 -19.37
C ASN F 126 70.01 6.53 -18.77
N SER F 127 69.49 7.45 -19.58
CA SER F 127 68.55 8.44 -19.08
C SER F 127 67.26 7.76 -18.60
N GLU F 128 66.43 8.54 -17.92
CA GLU F 128 65.17 8.01 -17.39
C GLU F 128 64.26 7.53 -18.50
N GLU F 129 64.25 8.25 -19.63
CA GLU F 129 63.45 7.82 -20.77
C GLU F 129 63.95 6.48 -21.32
N GLY F 130 65.27 6.30 -21.39
CA GLY F 130 65.81 5.04 -21.84
C GLY F 130 65.45 3.89 -20.92
N LYS F 131 65.48 4.12 -19.61
CA LYS F 131 65.05 3.11 -18.67
C LYS F 131 63.56 2.80 -18.83
N LYS F 132 62.75 3.82 -19.08
CA LYS F 132 61.31 3.64 -19.12
C LYS F 132 60.84 2.95 -20.39
N TRP F 133 61.39 3.30 -21.55
CA TRP F 133 60.81 2.90 -22.82
C TRP F 133 61.76 2.27 -23.82
N PHE F 134 63.07 2.46 -23.70
CA PHE F 134 64.00 2.07 -24.75
C PHE F 134 64.07 0.54 -24.89
N LYS F 135 63.87 0.06 -26.11
CA LYS F 135 64.06 -1.35 -26.44
C LYS F 135 65.39 -1.55 -27.15
N GLN F 136 65.70 -2.80 -27.48
CA GLN F 136 66.96 -3.10 -28.15
C GLN F 136 66.95 -2.56 -29.58
N ILE F 137 68.16 -2.33 -30.11
CA ILE F 137 68.36 -1.72 -31.41
C ILE F 137 68.59 -2.81 -32.44
N VAL F 138 67.88 -2.75 -33.56
CA VAL F 138 68.07 -3.65 -34.68
C VAL F 138 68.79 -2.90 -35.79
N ILE F 139 69.48 -3.65 -36.65
CA ILE F 139 70.24 -3.09 -37.77
C ILE F 139 69.63 -3.60 -39.06
N GLU F 140 69.20 -2.68 -39.92
CA GLU F 140 68.56 -3.00 -41.18
C GLU F 140 69.50 -2.68 -42.34
N GLY F 141 69.67 -3.64 -43.24
CA GLY F 141 70.50 -3.46 -44.43
C GLY F 141 69.65 -3.29 -45.67
N PHE F 142 70.09 -2.39 -46.56
CA PHE F 142 69.36 -2.07 -47.77
C PHE F 142 70.26 -2.25 -48.99
N THR F 143 69.69 -2.80 -50.06
CA THR F 143 70.44 -3.05 -51.28
C THR F 143 69.48 -2.96 -52.46
N ASP F 144 70.04 -2.70 -53.64
CA ASP F 144 69.23 -2.60 -54.85
C ASP F 144 68.59 -3.94 -55.20
N THR F 145 67.49 -3.86 -55.96
CA THR F 145 66.78 -5.06 -56.39
C THR F 145 67.42 -5.72 -57.61
N ASP F 146 68.43 -5.09 -58.20
CA ASP F 146 69.11 -5.65 -59.36
C ASP F 146 70.20 -6.63 -58.91
N GLY F 147 70.77 -7.32 -59.89
CA GLY F 147 71.81 -8.30 -59.61
C GLY F 147 71.25 -9.56 -58.98
N SER F 148 72.17 -10.43 -58.57
CA SER F 148 71.78 -11.68 -57.92
C SER F 148 71.20 -11.38 -56.54
N TYR F 149 70.03 -11.95 -56.26
CA TYR F 149 69.36 -11.72 -54.99
C TYR F 149 70.18 -12.29 -53.83
N LEU F 150 70.70 -13.50 -53.99
CA LEU F 150 71.54 -14.10 -52.96
C LEU F 150 72.83 -13.29 -52.76
N TYR F 151 73.41 -12.79 -53.84
CA TYR F 151 74.62 -11.97 -53.73
C TYR F 151 74.36 -10.72 -52.92
N ASN F 152 73.24 -10.04 -53.19
CA ASN F 152 72.90 -8.83 -52.45
C ASN F 152 72.62 -9.14 -50.99
N LEU F 153 71.93 -10.25 -50.73
CA LEU F 153 71.68 -10.64 -49.33
C LEU F 153 72.98 -10.91 -48.59
N HIS F 154 73.90 -11.63 -49.23
CA HIS F 154 75.18 -11.93 -48.59
C HIS F 154 75.98 -10.66 -48.36
N LEU F 155 75.95 -9.73 -49.32
CA LEU F 155 76.67 -8.47 -49.16
C LEU F 155 76.12 -7.65 -48.00
N SER F 156 74.78 -7.53 -47.92
CA SER F 156 74.18 -6.78 -46.83
C SER F 156 74.45 -7.44 -45.48
N LEU F 157 74.37 -8.76 -45.44
CA LEU F 157 74.65 -9.49 -44.19
C LEU F 157 76.11 -9.31 -43.77
N GLN F 158 77.02 -9.31 -44.75
CA GLN F 158 78.43 -9.06 -44.46
C GLN F 158 78.64 -7.65 -43.92
N ARG F 159 77.93 -6.67 -44.49
CA ARG F 159 78.01 -5.30 -43.96
C ARG F 159 77.54 -5.27 -42.51
N SER F 160 76.43 -5.95 -42.22
CA SER F 160 75.93 -5.98 -40.84
C SER F 160 76.95 -6.62 -39.90
N GLU F 161 77.55 -7.74 -40.32
CA GLU F 161 78.53 -8.41 -39.48
C GLU F 161 79.76 -7.54 -39.24
N TRP F 162 80.23 -6.85 -40.28
CA TRP F 162 81.39 -5.96 -40.12
C TRP F 162 81.06 -4.80 -39.19
N VAL F 163 79.83 -4.27 -39.29
CA VAL F 163 79.41 -3.21 -38.39
C VAL F 163 79.40 -3.71 -36.95
N MET F 164 78.87 -4.92 -36.74
CA MET F 164 78.83 -5.46 -35.39
C MET F 164 80.24 -5.68 -34.85
N CYS F 165 81.16 -6.16 -35.69
CA CYS F 165 82.56 -6.24 -35.28
C CYS F 165 83.10 -4.87 -34.88
N SER F 166 82.95 -3.88 -35.76
CA SER F 166 83.46 -2.54 -35.44
C SER F 166 82.88 -2.01 -34.15
N LEU F 167 81.66 -2.43 -33.81
CA LEU F 167 81.10 -2.10 -32.51
C LEU F 167 81.82 -2.85 -31.39
N LEU F 168 82.12 -4.13 -31.60
CA LEU F 168 82.65 -4.98 -30.53
C LEU F 168 84.02 -5.57 -30.80
N ASP F 169 84.75 -5.09 -31.82
CA ASP F 169 86.09 -5.61 -32.06
C ASP F 169 87.05 -5.07 -31.01
N SER F 170 87.90 -5.95 -30.49
CA SER F 170 88.89 -5.53 -29.51
C SER F 170 89.86 -4.53 -30.11
N ARG F 171 90.27 -4.74 -31.36
CA ARG F 171 91.13 -3.78 -32.05
C ARG F 171 90.41 -2.45 -32.30
N SER F 172 89.08 -2.45 -32.36
CA SER F 172 88.33 -1.23 -32.57
C SER F 172 88.45 -0.32 -31.35
N PRO F 173 88.39 1.00 -31.56
CA PRO F 173 88.54 1.93 -30.42
C PRO F 173 87.45 1.78 -29.37
N LEU F 174 86.28 1.26 -29.73
CA LEU F 174 85.17 1.18 -28.77
C LEU F 174 85.53 0.27 -27.59
N GLN F 175 86.12 -0.89 -27.89
CA GLN F 175 86.45 -1.85 -26.82
C GLN F 175 87.46 -1.25 -25.85
N LYS F 176 88.50 -0.58 -26.35
CA LYS F 176 89.49 0.03 -25.48
C LYS F 176 89.00 1.32 -24.85
N ASN F 177 87.89 1.87 -25.31
CA ASN F 177 87.30 3.08 -24.73
C ASN F 177 86.24 2.79 -23.69
N ILE F 178 85.32 1.86 -23.98
CA ILE F 178 84.24 1.53 -23.07
C ILE F 178 84.74 0.63 -21.95
N SER F 179 83.92 0.44 -20.93
CA SER F 179 84.24 -0.42 -19.80
C SER F 179 83.44 -1.72 -19.90
N ALA F 180 83.54 -2.55 -18.87
CA ALA F 180 82.82 -3.82 -18.84
C ALA F 180 81.31 -3.60 -18.79
N GLU F 181 80.84 -2.67 -17.96
CA GLU F 181 79.41 -2.39 -17.86
C GLU F 181 78.88 -1.84 -19.18
N GLN F 182 79.61 -0.91 -19.79
CA GLN F 182 79.17 -0.37 -21.08
C GLN F 182 79.19 -1.44 -22.16
N GLN F 183 80.18 -2.34 -22.13
CA GLN F 183 80.21 -3.43 -23.10
C GLN F 183 79.00 -4.35 -22.92
N LEU F 184 78.66 -4.67 -21.67
CA LEU F 184 77.48 -5.50 -21.41
C LEU F 184 76.21 -4.81 -21.87
N GLN F 185 76.11 -3.49 -21.63
CA GLN F 185 74.93 -2.76 -22.10
C GLN F 185 74.85 -2.74 -23.61
N ILE F 186 76.00 -2.62 -24.29
CA ILE F 186 76.01 -2.68 -25.75
C ILE F 186 75.56 -4.05 -26.24
N ARG F 187 76.02 -5.11 -25.58
CA ARG F 187 75.58 -6.46 -25.94
C ARG F 187 74.07 -6.59 -25.77
N LYS F 188 73.52 -6.02 -24.70
CA LYS F 188 72.07 -6.05 -24.51
C LYS F 188 71.35 -5.24 -25.58
N LEU F 189 71.91 -4.09 -25.97
CA LEU F 189 71.20 -3.11 -26.76
C LEU F 189 71.23 -3.44 -28.25
N PHE F 190 72.41 -3.53 -28.84
CA PHE F 190 72.55 -3.65 -30.28
C PHE F 190 72.25 -5.08 -30.72
N LEU F 191 71.32 -5.23 -31.66
CA LEU F 191 70.96 -6.51 -32.24
C LEU F 191 71.01 -6.41 -33.76
N ALA F 192 71.13 -7.56 -34.41
CA ALA F 192 71.18 -7.65 -35.85
C ALA F 192 69.79 -7.97 -36.39
N GLY F 193 69.33 -7.17 -37.34
CA GLY F 193 68.03 -7.33 -37.96
C GLY F 193 68.12 -7.98 -39.32
N GLY F 194 67.07 -7.78 -40.12
CA GLY F 194 66.97 -8.37 -41.44
C GLY F 194 67.56 -7.47 -42.52
N VAL F 195 67.27 -7.83 -43.77
CA VAL F 195 67.75 -7.11 -44.93
C VAL F 195 66.55 -6.71 -45.78
N SER F 196 66.45 -5.43 -46.09
CA SER F 196 65.37 -4.89 -46.91
C SER F 196 65.89 -4.50 -48.28
N PHE F 197 64.97 -4.38 -49.23
CA PHE F 197 65.29 -4.07 -50.63
C PHE F 197 64.40 -2.95 -51.13
N ASN F 198 64.27 -1.89 -50.33
CA ASN F 198 63.47 -0.73 -50.69
C ASN F 198 64.25 0.10 -51.71
N ASN F 199 64.08 -0.24 -52.98
CA ASN F 199 64.76 0.43 -54.08
C ASN F 199 63.80 1.42 -54.73
N ALA F 200 64.23 2.68 -54.82
CA ALA F 200 63.39 3.73 -55.40
C ALA F 200 64.28 4.78 -56.05
N LYS F 201 63.69 5.53 -56.98
CA LYS F 201 64.32 6.64 -57.69
C LYS F 201 65.52 6.20 -58.53
N GLU F 202 65.76 4.89 -58.65
CA GLU F 202 66.85 4.34 -59.45
C GLU F 202 68.20 4.92 -59.03
N SER F 203 68.40 5.12 -57.73
CA SER F 203 69.64 5.66 -57.17
C SER F 203 70.35 4.54 -56.42
N LYS F 204 71.31 3.90 -57.09
CA LYS F 204 72.05 2.80 -56.47
C LYS F 204 72.99 3.29 -55.38
N GLU F 205 73.41 4.56 -55.43
CA GLU F 205 74.30 5.09 -54.40
C GLU F 205 73.61 5.11 -53.03
N ALA F 206 72.35 5.52 -52.99
CA ALA F 206 71.63 5.62 -51.73
C ALA F 206 70.87 4.36 -51.36
N SER F 207 70.54 3.52 -52.35
CA SER F 207 69.81 2.28 -52.06
C SER F 207 70.67 1.33 -51.22
N ARG F 208 71.96 1.22 -51.54
CA ARG F 208 72.86 0.36 -50.79
C ARG F 208 73.38 1.16 -49.59
N ARG F 209 72.58 1.20 -48.53
CA ARG F 209 72.93 1.94 -47.31
C ARG F 209 72.50 1.12 -46.10
N VAL F 210 73.13 1.41 -44.97
CA VAL F 210 72.81 0.75 -43.71
C VAL F 210 72.62 1.83 -42.64
N GLU F 211 71.54 1.73 -41.88
CA GLU F 211 71.24 2.67 -40.81
C GLU F 211 70.64 1.91 -39.64
N LEU F 212 70.77 2.49 -38.45
CA LEU F 212 70.29 1.87 -37.22
C LEU F 212 69.05 2.61 -36.73
N ARG F 213 68.03 1.83 -36.36
CA ARG F 213 66.78 2.36 -35.86
C ARG F 213 66.57 1.89 -34.42
N MET F 214 65.68 2.58 -33.71
CA MET F 214 65.44 2.30 -32.29
C MET F 214 63.98 1.98 -32.06
N GLN F 215 63.73 0.97 -31.23
CA GLN F 215 62.40 0.54 -30.84
C GLN F 215 62.14 0.94 -29.39
N PHE F 216 60.86 0.94 -29.01
CA PHE F 216 60.45 1.42 -27.69
C PHE F 216 59.39 0.50 -27.10
N PHE F 217 59.32 0.49 -25.77
CA PHE F 217 58.29 -0.28 -25.09
C PHE F 217 56.92 0.31 -25.35
N GLY F 218 55.90 -0.55 -25.36
CA GLY F 218 54.54 -0.08 -25.36
C GLY F 218 54.05 0.23 -23.96
N LEU F 219 52.86 0.84 -23.88
CA LEU F 219 52.27 1.12 -22.59
C LEU F 219 51.91 -0.16 -21.86
N LYS F 220 51.33 -1.13 -22.58
CA LYS F 220 50.92 -2.40 -22.00
C LYS F 220 52.07 -3.40 -21.88
N ASP F 221 53.24 -3.07 -22.44
CA ASP F 221 54.38 -3.98 -22.35
C ASP F 221 54.87 -4.09 -20.91
N LYS F 222 55.28 -5.30 -20.54
CA LYS F 222 55.74 -5.60 -19.19
C LYS F 222 57.22 -5.96 -19.23
N ARG F 223 58.00 -5.34 -18.34
CA ARG F 223 59.43 -5.61 -18.22
C ARG F 223 59.63 -6.70 -17.16
N ASP F 224 60.31 -7.78 -17.55
CA ASP F 224 60.53 -8.90 -16.65
C ASP F 224 61.94 -9.42 -16.84
N LYS F 225 62.43 -10.15 -15.83
CA LYS F 225 63.77 -10.69 -15.88
C LYS F 225 63.93 -11.76 -16.96
N ALA F 226 62.83 -12.34 -17.43
CA ALA F 226 62.91 -13.34 -18.48
C ALA F 226 63.48 -12.76 -19.77
N ASP F 227 62.99 -11.59 -20.17
CA ASP F 227 63.50 -10.92 -21.37
C ASP F 227 64.86 -10.28 -21.14
N GLU F 228 65.25 -10.02 -19.89
CA GLU F 228 66.52 -9.38 -19.57
C GLU F 228 67.62 -10.44 -19.57
N VAL F 229 68.13 -10.74 -20.77
CA VAL F 229 69.21 -11.69 -20.92
C VAL F 229 70.52 -11.02 -20.54
N ASP F 230 71.22 -11.59 -19.57
CA ASP F 230 72.44 -11.00 -19.03
C ASP F 230 73.65 -11.74 -19.60
N PHE F 231 74.45 -11.04 -20.38
CA PHE F 231 75.67 -11.63 -20.90
C PHE F 231 76.68 -11.83 -19.76
N PRO F 232 77.48 -12.89 -19.81
CA PRO F 232 78.49 -13.11 -18.78
C PRO F 232 79.61 -12.10 -18.89
N PRO F 233 80.40 -11.91 -17.83
CA PRO F 233 81.54 -10.98 -17.92
C PRO F 233 82.52 -11.43 -19.01
N VAL F 234 83.12 -10.44 -19.67
CA VAL F 234 84.04 -10.73 -20.77
C VAL F 234 85.27 -11.42 -20.22
N VAL F 235 85.45 -12.69 -20.60
CA VAL F 235 86.59 -13.47 -20.13
C VAL F 235 87.71 -13.56 -21.16
N ASN F 236 87.43 -13.24 -22.43
CA ASN F 236 88.45 -13.29 -23.47
C ASN F 236 88.09 -12.28 -24.56
N LYS F 237 89.11 -11.87 -25.31
CA LYS F 237 88.91 -10.90 -26.38
C LYS F 237 88.17 -11.53 -27.55
N GLU F 238 87.47 -10.68 -28.31
CA GLU F 238 86.69 -11.11 -29.46
C GLU F 238 87.37 -10.62 -30.74
N VAL F 239 87.54 -11.53 -31.69
CA VAL F 239 88.11 -11.21 -33.00
C VAL F 239 87.03 -11.37 -34.05
N CYS F 240 87.02 -10.47 -35.03
CA CYS F 240 86.02 -10.52 -36.09
C CYS F 240 86.24 -11.75 -36.98
N GLN F 241 85.16 -12.17 -37.64
CA GLN F 241 85.13 -13.43 -38.35
C GLN F 241 85.54 -13.34 -39.81
N LEU F 242 85.30 -12.21 -40.47
CA LEU F 242 85.74 -12.05 -41.86
C LEU F 242 87.12 -11.39 -41.87
N VAL F 243 88.04 -12.01 -42.61
CA VAL F 243 89.42 -11.54 -42.66
C VAL F 243 89.58 -10.62 -43.88
N MET F 244 90.60 -9.77 -43.83
CA MET F 244 90.73 -8.71 -44.83
C MET F 244 90.86 -9.20 -46.28
N PRO F 245 91.58 -10.27 -46.60
CA PRO F 245 91.69 -10.65 -48.03
C PRO F 245 90.37 -11.06 -48.67
N LEU F 246 89.33 -11.34 -47.88
CA LEU F 246 88.02 -11.68 -48.41
C LEU F 246 87.48 -10.59 -49.34
N MET G 1 -36.79 4.37 25.10
CA MET G 1 -38.17 4.03 25.40
C MET G 1 -38.95 3.71 24.13
N PHE G 2 -38.99 4.67 23.21
CA PHE G 2 -39.64 4.49 21.91
C PHE G 2 -38.60 4.64 20.80
N GLY G 3 -37.42 4.08 21.01
CA GLY G 3 -36.39 4.15 20.00
C GLY G 3 -36.73 3.35 18.77
N ASN G 4 -36.10 3.72 17.65
CA ASN G 4 -36.36 3.10 16.37
C ASN G 4 -35.53 1.82 16.25
N ALA G 5 -36.21 0.67 16.17
CA ALA G 5 -35.51 -0.60 16.02
C ALA G 5 -34.95 -0.78 14.62
N PHE G 6 -35.47 -0.06 13.66
CA PHE G 6 -35.09 -0.29 12.24
C PHE G 6 -33.96 0.66 11.86
N GLY G 7 -33.42 1.41 12.81
CA GLY G 7 -32.25 2.24 12.51
C GLY G 7 -31.26 1.38 11.77
N VAL G 8 -30.83 1.82 10.60
CA VAL G 8 -29.85 1.04 9.76
C VAL G 8 -28.43 1.46 10.20
N LYS G 9 -27.45 0.57 10.10
CA LYS G 9 -26.06 0.99 10.40
C LYS G 9 -25.16 0.71 9.19
N LYS G 10 -24.61 1.76 8.61
CA LYS G 10 -23.78 1.59 7.40
C LYS G 10 -22.69 0.58 7.72
N ARG G 11 -22.41 -0.36 6.80
CA ARG G 11 -21.32 -1.35 6.93
C ARG G 11 -19.94 -0.71 7.12
N ARG G 12 -19.02 -1.41 7.79
CA ARG G 12 -17.63 -0.97 7.97
C ARG G 12 -17.01 -1.08 6.57
N SER G 13 -16.71 0.03 5.95
CA SER G 13 -16.27 0.03 4.54
C SER G 13 -14.75 0.01 4.46
N ASP G 14 -14.17 -1.12 4.09
CA ASP G 14 -12.71 -1.18 3.86
C ASP G 14 -12.30 0.07 3.12
N GLU G 15 -11.24 0.68 3.59
CA GLU G 15 -10.79 1.91 2.93
C GLU G 15 -9.72 1.49 1.92
N ALA G 16 -9.72 2.12 0.77
CA ALA G 16 -8.81 1.76 -0.33
C ALA G 16 -7.37 2.17 -0.15
N GLU G 17 -6.54 1.68 -1.04
CA GLU G 17 -5.12 2.07 -1.04
C GLU G 17 -5.08 3.56 -1.42
N LYS G 18 -4.48 4.39 -0.57
CA LYS G 18 -4.26 5.79 -0.89
C LYS G 18 -3.58 5.88 -2.25
N PRO G 19 -4.09 6.70 -3.17
CA PRO G 19 -3.48 6.78 -4.50
C PRO G 19 -2.03 7.24 -4.48
N PHE G 20 -1.65 8.05 -3.48
CA PHE G 20 -0.32 8.64 -3.51
C PHE G 20 0.76 7.58 -3.44
N TRP G 21 0.57 6.55 -2.60
CA TRP G 21 1.66 5.61 -2.41
C TRP G 21 1.90 4.76 -3.64
N ILE G 22 0.83 4.31 -4.31
CA ILE G 22 1.03 3.54 -5.52
C ILE G 22 1.58 4.41 -6.64
N SER G 23 1.08 5.65 -6.77
CA SER G 23 1.61 6.56 -7.78
C SER G 23 3.07 6.89 -7.51
N TYR G 24 3.44 7.07 -6.25
CA TYR G 24 4.80 7.40 -5.87
C TYR G 24 5.74 6.21 -6.08
N ALA G 25 5.25 4.99 -5.82
CA ALA G 25 6.02 3.81 -6.17
C ALA G 25 6.23 3.71 -7.67
N ASP G 26 5.20 4.03 -8.45
CA ASP G 26 5.34 4.07 -9.91
C ASP G 26 6.41 5.07 -10.32
N LEU G 27 6.36 6.27 -9.73
CA LEU G 27 7.31 7.30 -10.08
C LEU G 27 8.73 6.91 -9.71
N MET G 28 8.93 6.31 -8.54
CA MET G 28 10.27 5.94 -8.13
C MET G 28 10.80 4.78 -8.94
N THR G 29 9.94 3.82 -9.29
CA THR G 29 10.34 2.76 -10.20
C THR G 29 10.75 3.32 -11.56
N ALA G 30 9.98 4.28 -12.06
CA ALA G 30 10.30 4.92 -13.33
C ALA G 30 11.63 5.67 -13.24
N MET G 31 11.90 6.32 -12.11
CA MET G 31 13.15 7.06 -11.96
C MET G 31 14.34 6.12 -11.87
N MET G 32 14.20 5.02 -11.14
CA MET G 32 15.23 3.98 -11.12
C MET G 32 15.50 3.46 -12.54
N VAL G 33 14.43 3.18 -13.28
CA VAL G 33 14.56 2.68 -14.65
C VAL G 33 15.27 3.72 -15.52
N LEU G 34 14.89 4.99 -15.38
CA LEU G 34 15.48 6.05 -16.18
C LEU G 34 16.98 6.16 -15.90
N PHE G 35 17.37 6.12 -14.63
CA PHE G 35 18.79 6.22 -14.29
C PHE G 35 19.56 5.01 -14.80
N LEU G 36 18.98 3.81 -14.68
CA LEU G 36 19.62 2.61 -15.22
C LEU G 36 19.85 2.73 -16.72
N VAL G 37 18.81 3.11 -17.46
CA VAL G 37 18.92 3.15 -18.91
C VAL G 37 19.82 4.28 -19.36
N VAL G 38 19.79 5.42 -18.67
CA VAL G 38 20.71 6.50 -18.98
C VAL G 38 22.15 6.08 -18.74
N MET G 39 22.40 5.34 -17.65
CA MET G 39 23.74 4.83 -17.42
C MET G 39 24.16 3.87 -18.53
N VAL G 40 23.27 2.97 -18.95
CA VAL G 40 23.60 2.03 -20.01
C VAL G 40 23.94 2.77 -21.29
N ALA G 41 23.10 3.74 -21.67
CA ALA G 41 23.32 4.51 -22.88
C ALA G 41 24.63 5.31 -22.81
N SER G 42 24.88 5.96 -21.67
CA SER G 42 26.07 6.79 -21.53
C SER G 42 27.34 5.93 -21.57
N LEU G 43 27.33 4.79 -20.88
CA LEU G 43 28.49 3.90 -20.90
C LEU G 43 28.73 3.33 -22.28
N SER G 44 27.66 2.96 -22.98
CA SER G 44 27.79 2.49 -24.36
C SER G 44 28.36 3.56 -25.28
N SER G 45 27.97 4.82 -25.07
CA SER G 45 28.46 5.88 -25.93
C SER G 45 29.91 6.25 -25.62
N VAL G 46 30.29 6.32 -24.34
CA VAL G 46 31.65 6.75 -24.02
C VAL G 46 32.66 5.67 -24.38
N THR G 47 32.23 4.41 -24.45
CA THR G 47 33.10 3.31 -24.78
C THR G 47 32.86 2.74 -26.18
N GLN G 48 32.09 3.44 -27.02
CA GLN G 48 31.78 2.91 -28.34
C GLN G 48 33.04 2.81 -29.21
N ARG G 49 33.93 3.79 -29.13
CA ARG G 49 35.20 3.69 -29.85
C ARG G 49 36.02 2.52 -29.32
N ILE G 50 36.08 2.36 -28.00
CA ILE G 50 36.77 1.22 -27.41
C ILE G 50 36.11 -0.09 -27.83
N GLN G 51 34.78 -0.13 -27.85
CA GLN G 51 34.09 -1.35 -28.26
C GLN G 51 34.37 -1.70 -29.72
N ARG G 52 34.37 -0.70 -30.60
CA ARG G 52 34.68 -0.96 -32.00
C ARG G 52 36.11 -1.43 -32.17
N ALA G 53 37.06 -0.81 -31.46
CA ALA G 53 38.45 -1.24 -31.53
C ALA G 53 38.61 -2.67 -31.02
N GLU G 54 37.93 -3.00 -29.93
CA GLU G 54 38.02 -4.35 -29.38
C GLU G 54 37.37 -5.37 -30.30
N GLN G 55 36.26 -5.01 -30.95
CA GLN G 55 35.64 -5.90 -31.91
C GLN G 55 36.55 -6.13 -33.11
N GLY G 56 37.22 -5.07 -33.58
CA GLY G 56 38.18 -5.24 -34.67
C GLY G 56 39.35 -6.12 -34.27
N GLU G 57 39.86 -5.94 -33.04
CA GLU G 57 40.94 -6.78 -32.55
C GLU G 57 40.51 -8.24 -32.46
N LYS G 58 39.29 -8.48 -31.96
CA LYS G 58 38.77 -9.85 -31.89
C LYS G 58 38.61 -10.46 -33.27
N ALA G 59 38.11 -9.69 -34.23
CA ALA G 59 37.95 -10.19 -35.59
C ALA G 59 39.30 -10.50 -36.22
N ARG G 60 40.29 -9.63 -36.02
CA ARG G 60 41.63 -9.90 -36.55
C ARG G 60 42.23 -11.14 -35.92
N GLY G 61 42.05 -11.30 -34.60
CA GLY G 61 42.54 -12.50 -33.94
C GLY G 61 41.88 -13.76 -34.45
N GLN G 62 40.55 -13.71 -34.65
CA GLN G 62 39.85 -14.86 -35.18
C GLN G 62 40.30 -15.21 -36.59
N ASP G 63 40.49 -14.20 -37.44
CA ASP G 63 40.94 -14.46 -38.81
C ASP G 63 42.35 -15.05 -38.81
N ILE G 64 43.24 -14.50 -37.99
CA ILE G 64 44.61 -14.99 -37.91
C ILE G 64 44.62 -16.43 -37.38
N SER G 65 43.80 -16.70 -36.36
CA SER G 65 43.74 -18.05 -35.82
C SER G 65 43.17 -19.04 -36.84
N ARG G 66 42.18 -18.62 -37.62
CA ARG G 66 41.65 -19.48 -38.67
C ARG G 66 42.72 -19.78 -39.72
N LEU G 67 43.49 -18.76 -40.12
CA LEU G 67 44.58 -18.98 -41.06
C LEU G 67 45.60 -19.95 -40.49
N CYS G 68 45.97 -19.78 -39.22
CA CYS G 68 46.95 -20.66 -38.60
C CYS G 68 46.43 -22.09 -38.49
N GLU G 69 45.14 -22.25 -38.15
CA GLU G 69 44.55 -23.58 -38.08
C GLU G 69 44.54 -24.25 -39.44
N ARG G 70 44.18 -23.50 -40.49
CA ARG G 70 44.23 -24.07 -41.83
C ARG G 70 45.65 -24.49 -42.21
N LEU G 71 46.63 -23.65 -41.90
CA LEU G 71 48.02 -23.97 -42.23
C LEU G 71 48.49 -25.21 -41.47
N GLU G 72 48.17 -25.31 -40.17
CA GLU G 72 48.62 -26.46 -39.41
C GLU G 72 47.88 -27.73 -39.81
N LEU G 73 46.61 -27.63 -40.18
CA LEU G 73 45.90 -28.79 -40.70
C LEU G 73 46.51 -29.27 -42.01
N HIS G 74 46.87 -28.33 -42.89
CA HIS G 74 47.54 -28.70 -44.13
C HIS G 74 48.88 -29.36 -43.84
N ALA G 75 49.64 -28.83 -42.89
CA ALA G 75 50.92 -29.43 -42.53
C ALA G 75 50.74 -30.85 -42.00
N ARG G 76 49.76 -31.04 -41.11
CA ARG G 76 49.49 -32.37 -40.58
C ARG G 76 49.09 -33.34 -41.69
N ASN G 77 48.27 -32.87 -42.64
CA ASN G 77 47.85 -33.74 -43.74
C ASN G 77 49.03 -34.09 -44.65
N VAL G 78 49.95 -33.16 -44.85
CA VAL G 78 51.01 -33.36 -45.84
C VAL G 78 52.25 -34.00 -45.21
N ASN G 79 52.87 -33.32 -44.24
CA ASN G 79 54.12 -33.78 -43.66
C ASN G 79 54.06 -33.64 -42.14
N LYS G 80 54.25 -34.76 -41.44
CA LYS G 80 54.23 -34.75 -39.98
C LYS G 80 55.37 -33.92 -39.38
N ASN G 81 56.49 -33.79 -40.10
CA ASN G 81 57.64 -33.07 -39.56
C ASN G 81 57.33 -31.59 -39.34
N ILE G 82 56.35 -31.04 -40.05
CA ILE G 82 55.98 -29.64 -39.92
C ILE G 82 55.02 -29.50 -38.74
N VAL G 83 55.44 -28.77 -37.71
CA VAL G 83 54.60 -28.44 -36.57
C VAL G 83 54.45 -26.93 -36.50
N VAL G 84 53.21 -26.47 -36.34
CA VAL G 84 52.89 -25.04 -36.34
C VAL G 84 52.39 -24.66 -34.95
N ASP G 85 52.98 -23.62 -34.38
CA ASP G 85 52.60 -23.11 -33.06
C ASP G 85 51.67 -21.92 -33.29
N CYS G 86 50.37 -22.15 -33.11
CA CYS G 86 49.39 -21.10 -33.34
C CYS G 86 49.30 -20.11 -32.18
N HIS G 87 49.89 -20.45 -31.03
CA HIS G 87 49.84 -19.54 -29.89
C HIS G 87 50.59 -18.25 -30.17
N ASP G 88 51.78 -18.35 -30.79
CA ASP G 88 52.63 -17.20 -31.03
C ASP G 88 53.09 -17.10 -32.47
N ASN G 89 52.35 -17.71 -33.41
CA ASN G 89 52.65 -17.64 -34.84
C ASN G 89 54.09 -18.10 -35.12
N ARG G 90 54.35 -19.36 -34.82
CA ARG G 90 55.67 -19.95 -34.96
C ARG G 90 55.58 -21.28 -35.70
N ILE G 91 56.49 -21.47 -36.66
CA ILE G 91 56.66 -22.74 -37.36
C ILE G 91 57.97 -23.35 -36.93
N SER G 92 57.92 -24.55 -36.37
CA SER G 92 59.08 -25.20 -35.79
C SER G 92 59.40 -26.49 -36.53
N PHE G 93 60.68 -26.84 -36.54
CA PHE G 93 61.20 -28.07 -37.12
C PHE G 93 62.21 -28.71 -36.18
N GLY G 94 61.81 -28.85 -34.91
CA GLY G 94 62.68 -29.28 -33.83
C GLY G 94 63.61 -30.45 -34.14
N GLU G 95 63.04 -31.62 -34.43
CA GLU G 95 63.88 -32.77 -34.76
C GLU G 95 64.65 -32.55 -36.06
N ALA G 96 64.00 -31.96 -37.07
CA ALA G 96 64.63 -31.73 -38.35
C ALA G 96 65.61 -30.56 -38.34
N GLY G 97 65.44 -29.59 -37.45
CA GLY G 97 66.24 -28.38 -37.45
C GLY G 97 67.40 -28.35 -36.46
N ARG G 98 67.82 -29.49 -35.93
CA ARG G 98 68.96 -29.50 -35.02
C ARG G 98 70.25 -29.17 -35.77
N PHE G 99 71.02 -28.24 -35.21
CA PHE G 99 72.28 -27.82 -35.78
C PHE G 99 73.43 -28.31 -34.90
N ALA G 100 74.38 -29.02 -35.51
CA ALA G 100 75.58 -29.41 -34.80
C ALA G 100 76.51 -28.21 -34.63
N HIS G 101 77.56 -28.39 -33.84
CA HIS G 101 78.47 -27.29 -33.54
C HIS G 101 79.24 -26.86 -34.78
N ASN G 102 79.28 -25.54 -35.00
CA ASN G 102 80.07 -24.93 -36.07
C ASN G 102 79.69 -25.45 -37.45
N GLN G 103 78.41 -25.78 -37.66
CA GLN G 103 77.92 -26.18 -38.96
C GLN G 103 76.60 -25.47 -39.23
N PHE G 104 76.40 -25.09 -40.48
CA PHE G 104 75.21 -24.35 -40.89
C PHE G 104 74.34 -25.11 -41.87
N PHE G 105 74.49 -26.43 -41.95
CA PHE G 105 73.67 -27.27 -42.83
C PHE G 105 72.60 -27.97 -42.01
N LEU G 106 71.76 -28.74 -42.70
CA LEU G 106 70.71 -29.52 -42.06
C LEU G 106 70.57 -30.85 -42.79
N ASN G 107 69.96 -31.82 -42.10
CA ASN G 107 69.79 -33.15 -42.66
C ASN G 107 68.73 -33.15 -43.75
N ALA G 108 68.49 -34.33 -44.32
CA ALA G 108 67.56 -34.45 -45.44
C ALA G 108 66.13 -34.11 -45.01
N GLU G 109 65.72 -34.56 -43.82
CA GLU G 109 64.35 -34.30 -43.38
C GLU G 109 64.11 -32.81 -43.18
N GLY G 110 65.13 -32.06 -42.75
CA GLY G 110 64.97 -30.63 -42.62
C GLY G 110 64.72 -29.95 -43.95
N GLN G 111 65.50 -30.34 -44.97
CA GLN G 111 65.31 -29.79 -46.31
C GLN G 111 63.94 -30.15 -46.85
N LYS G 112 63.51 -31.41 -46.66
CA LYS G 112 62.20 -31.82 -47.13
C LYS G 112 61.11 -31.04 -46.44
N ALA G 113 61.22 -30.85 -45.12
CA ALA G 113 60.22 -30.10 -44.37
C ALA G 113 60.15 -28.65 -44.84
N LEU G 114 61.31 -28.04 -45.08
CA LEU G 114 61.33 -26.64 -45.53
C LEU G 114 60.71 -26.50 -46.91
N GLN G 115 61.14 -27.32 -47.87
CA GLN G 115 60.61 -27.24 -49.23
C GLN G 115 59.18 -27.76 -49.33
N ASP G 116 58.66 -28.41 -48.29
CA ASP G 116 57.27 -28.81 -48.25
C ASP G 116 56.40 -27.76 -47.58
N VAL G 117 56.94 -27.05 -46.59
CA VAL G 117 56.15 -26.04 -45.89
C VAL G 117 56.10 -24.73 -46.68
N VAL G 118 57.14 -24.43 -47.47
CA VAL G 118 57.13 -23.16 -48.22
C VAL G 118 55.94 -23.03 -49.15
N PRO G 119 55.63 -24.02 -50.02
CA PRO G 119 54.42 -23.88 -50.85
C PRO G 119 53.13 -23.81 -50.04
N LEU G 120 53.06 -24.51 -48.91
CA LEU G 120 51.85 -24.47 -48.09
C LEU G 120 51.64 -23.08 -47.50
N VAL G 121 52.70 -22.47 -46.97
CA VAL G 121 52.58 -21.10 -46.45
C VAL G 121 52.27 -20.14 -47.58
N LEU G 122 52.83 -20.38 -48.78
CA LEU G 122 52.54 -19.52 -49.92
C LEU G 122 51.06 -19.57 -50.28
N GLU G 123 50.48 -20.77 -50.34
CA GLU G 123 49.07 -20.88 -50.72
C GLU G 123 48.16 -20.40 -49.61
N ALA G 124 48.60 -20.52 -48.36
CA ALA G 124 47.83 -19.93 -47.26
C ALA G 124 47.82 -18.42 -47.35
N SER G 125 48.97 -17.81 -47.67
CA SER G 125 49.03 -16.36 -47.82
C SER G 125 48.32 -15.89 -49.08
N ASN G 126 48.17 -16.77 -50.08
CA ASN G 126 47.48 -16.40 -51.31
C ASN G 126 45.97 -16.27 -51.11
N SER G 127 45.43 -16.80 -50.02
CA SER G 127 44.01 -16.71 -49.75
C SER G 127 43.63 -15.29 -49.33
N GLU G 128 42.32 -15.04 -49.26
CA GLU G 128 41.83 -13.72 -48.90
C GLU G 128 42.30 -13.31 -47.50
N GLU G 129 42.31 -14.26 -46.57
CA GLU G 129 42.86 -13.97 -45.24
C GLU G 129 44.34 -13.62 -45.34
N GLY G 130 45.10 -14.37 -46.14
CA GLY G 130 46.49 -14.02 -46.37
C GLY G 130 46.66 -12.71 -47.13
N LYS G 131 45.83 -12.49 -48.15
CA LYS G 131 45.89 -11.26 -48.91
C LYS G 131 45.42 -10.05 -48.11
N LYS G 132 44.83 -10.27 -46.93
CA LYS G 132 44.36 -9.18 -46.09
C LYS G 132 45.18 -8.96 -44.82
N TRP G 133 45.84 -9.99 -44.30
CA TRP G 133 46.53 -9.86 -43.01
C TRP G 133 47.93 -10.46 -42.97
N PHE G 134 48.42 -11.04 -44.05
CA PHE G 134 49.71 -11.73 -44.04
C PHE G 134 50.80 -10.82 -44.60
N LYS G 135 51.83 -10.56 -43.79
CA LYS G 135 52.99 -9.80 -44.22
C LYS G 135 54.12 -10.77 -44.59
N GLN G 136 55.32 -10.21 -44.79
CA GLN G 136 56.48 -11.02 -45.14
C GLN G 136 56.90 -11.89 -43.96
N ILE G 137 57.63 -12.96 -44.28
CA ILE G 137 58.04 -13.97 -43.31
C ILE G 137 59.44 -13.66 -42.83
N VAL G 138 59.62 -13.61 -41.51
CA VAL G 138 60.90 -13.29 -40.90
C VAL G 138 61.56 -14.59 -40.44
N ILE G 139 62.84 -14.75 -40.78
CA ILE G 139 63.60 -15.93 -40.39
C ILE G 139 64.24 -15.68 -39.04
N GLU G 140 64.07 -16.62 -38.12
CA GLU G 140 64.50 -16.46 -36.74
C GLU G 140 65.88 -17.08 -36.54
N GLY G 141 66.76 -16.34 -35.89
CA GLY G 141 68.08 -16.83 -35.53
C GLY G 141 68.27 -16.78 -34.03
N PHE G 142 68.97 -17.79 -33.50
CA PHE G 142 69.20 -17.91 -32.06
C PHE G 142 70.68 -18.13 -31.80
N THR G 143 71.20 -17.45 -30.77
CA THR G 143 72.60 -17.57 -30.38
C THR G 143 72.71 -17.55 -28.87
N ASP G 144 73.79 -18.12 -28.37
CA ASP G 144 74.06 -18.18 -26.94
C ASP G 144 74.95 -17.02 -26.51
N THR G 145 75.03 -16.82 -25.20
CA THR G 145 75.83 -15.75 -24.62
C THR G 145 77.25 -16.19 -24.26
N ASP G 146 77.61 -17.43 -24.54
CA ASP G 146 78.91 -17.97 -24.17
C ASP G 146 79.91 -17.86 -25.31
N GLY G 147 81.19 -17.88 -24.95
CA GLY G 147 82.25 -17.80 -25.93
C GLY G 147 82.33 -16.44 -26.60
N SER G 148 82.98 -16.45 -27.76
CA SER G 148 83.11 -15.22 -28.55
C SER G 148 81.77 -14.85 -29.17
N TYR G 149 81.39 -13.58 -29.02
CA TYR G 149 80.11 -13.10 -29.53
C TYR G 149 80.06 -13.18 -31.06
N LEU G 150 81.12 -12.73 -31.72
CA LEU G 150 81.08 -12.61 -33.17
C LEU G 150 81.07 -13.98 -33.85
N TYR G 151 81.66 -15.00 -33.21
CA TYR G 151 81.60 -16.33 -33.79
C TYR G 151 80.17 -16.85 -33.83
N ASN G 152 79.42 -16.66 -32.73
CA ASN G 152 78.01 -17.05 -32.73
C ASN G 152 77.21 -16.22 -33.71
N LEU G 153 77.51 -14.93 -33.81
CA LEU G 153 76.83 -14.08 -34.79
C LEU G 153 77.05 -14.59 -36.20
N HIS G 154 78.30 -14.92 -36.54
CA HIS G 154 78.61 -15.43 -37.87
C HIS G 154 77.95 -16.78 -38.12
N LEU G 155 77.90 -17.63 -37.09
CA LEU G 155 77.24 -18.93 -37.25
C LEU G 155 75.76 -18.75 -37.56
N SER G 156 75.08 -17.86 -36.83
CA SER G 156 73.67 -17.61 -37.08
C SER G 156 73.46 -16.98 -38.46
N LEU G 157 74.33 -16.05 -38.84
CA LEU G 157 74.20 -15.41 -40.14
C LEU G 157 74.40 -16.41 -41.28
N GLN G 158 75.37 -17.31 -41.14
CA GLN G 158 75.58 -18.36 -42.12
C GLN G 158 74.39 -19.32 -42.15
N ARG G 159 73.79 -19.59 -40.99
CA ARG G 159 72.59 -20.43 -40.96
C ARG G 159 71.46 -19.80 -41.75
N SER G 160 71.22 -18.50 -41.55
CA SER G 160 70.16 -17.82 -42.28
C SER G 160 70.46 -17.78 -43.77
N GLU G 161 71.71 -17.50 -44.13
CA GLU G 161 72.10 -17.50 -45.54
C GLU G 161 71.90 -18.87 -46.17
N TRP G 162 72.27 -19.93 -45.46
CA TRP G 162 72.09 -21.29 -45.97
C TRP G 162 70.61 -21.62 -46.10
N VAL G 163 69.79 -21.14 -45.16
CA VAL G 163 68.36 -21.39 -45.24
C VAL G 163 67.78 -20.77 -46.52
N MET G 164 68.06 -19.49 -46.75
CA MET G 164 67.50 -18.87 -47.95
C MET G 164 68.14 -19.43 -49.21
N CYS G 165 69.39 -19.88 -49.12
CA CYS G 165 70.01 -20.59 -50.23
C CYS G 165 69.21 -21.84 -50.58
N SER G 166 68.92 -22.67 -49.57
CA SER G 166 68.14 -23.88 -49.79
C SER G 166 66.77 -23.56 -50.39
N LEU G 167 66.16 -22.46 -49.94
CA LEU G 167 64.89 -22.05 -50.55
C LEU G 167 65.06 -21.65 -52.01
N LEU G 168 66.15 -20.98 -52.36
CA LEU G 168 66.27 -20.32 -53.66
C LEU G 168 67.63 -20.63 -54.31
N ASP G 169 68.00 -21.90 -54.35
CA ASP G 169 69.20 -22.33 -55.06
C ASP G 169 68.82 -23.18 -56.27
N SER G 170 69.62 -23.08 -57.32
CA SER G 170 69.43 -23.91 -58.50
C SER G 170 69.65 -25.37 -58.15
N ARG G 171 69.00 -26.26 -58.92
CA ARG G 171 69.04 -27.71 -58.77
C ARG G 171 68.30 -28.19 -57.53
N SER G 172 67.79 -27.28 -56.69
CA SER G 172 67.04 -27.68 -55.51
C SER G 172 65.75 -28.38 -55.93
N PRO G 173 65.30 -29.37 -55.16
CA PRO G 173 64.03 -30.04 -55.50
C PRO G 173 62.85 -29.10 -55.54
N LEU G 174 62.90 -28.00 -54.77
CA LEU G 174 61.80 -27.02 -54.80
C LEU G 174 61.70 -26.35 -56.16
N GLN G 175 62.85 -26.06 -56.79
CA GLN G 175 62.83 -25.40 -58.09
C GLN G 175 62.18 -26.25 -59.17
N LYS G 176 62.21 -27.58 -59.02
CA LYS G 176 61.62 -28.46 -60.01
C LYS G 176 60.10 -28.52 -59.89
N ASN G 177 59.55 -28.14 -58.73
CA ASN G 177 58.10 -28.16 -58.49
C ASN G 177 57.55 -26.76 -58.30
N ILE G 178 58.10 -25.77 -59.00
CA ILE G 178 57.74 -24.37 -58.81
C ILE G 178 57.46 -23.74 -60.17
N SER G 179 56.72 -22.63 -60.14
CA SER G 179 56.52 -21.77 -61.29
C SER G 179 57.18 -20.42 -61.06
N ALA G 180 57.23 -19.61 -62.11
CA ALA G 180 57.86 -18.29 -62.02
C ALA G 180 57.13 -17.40 -61.03
N GLU G 181 55.80 -17.42 -61.04
CA GLU G 181 55.02 -16.59 -60.12
C GLU G 181 55.27 -17.01 -58.68
N GLN G 182 55.33 -18.32 -58.41
CA GLN G 182 55.60 -18.78 -57.07
C GLN G 182 57.02 -18.40 -56.62
N GLN G 183 57.99 -18.44 -57.53
CA GLN G 183 59.33 -18.00 -57.21
C GLN G 183 59.36 -16.51 -56.88
N LEU G 184 58.62 -15.70 -57.64
CA LEU G 184 58.54 -14.27 -57.34
C LEU G 184 57.88 -14.04 -55.98
N GLN G 185 56.83 -14.80 -55.68
CA GLN G 185 56.18 -14.68 -54.37
C GLN G 185 57.13 -15.05 -53.24
N ILE G 186 57.94 -16.09 -53.43
CA ILE G 186 58.93 -16.47 -52.42
C ILE G 186 59.95 -15.35 -52.24
N ARG G 187 60.40 -14.75 -53.34
CA ARG G 187 61.34 -13.64 -53.24
C ARG G 187 60.74 -12.46 -52.48
N LYS G 188 59.45 -12.19 -52.72
CA LYS G 188 58.81 -11.05 -52.05
C LYS G 188 58.58 -11.31 -50.57
N LEU G 189 58.10 -12.50 -50.22
CA LEU G 189 57.60 -12.78 -48.88
C LEU G 189 58.69 -13.23 -47.91
N PHE G 190 59.92 -13.44 -48.38
CA PHE G 190 60.98 -13.97 -47.54
C PHE G 190 62.15 -13.00 -47.48
N LEU G 191 62.60 -12.69 -46.27
CA LEU G 191 63.85 -11.96 -46.05
C LEU G 191 64.65 -12.70 -44.98
N ALA G 192 65.97 -12.74 -45.15
CA ALA G 192 66.86 -13.44 -44.23
C ALA G 192 67.60 -12.43 -43.38
N GLY G 193 67.54 -12.60 -42.07
CA GLY G 193 68.23 -11.70 -41.16
C GLY G 193 67.55 -11.57 -39.81
N GLY G 194 68.34 -11.57 -38.75
CA GLY G 194 67.81 -11.45 -37.41
C GLY G 194 68.42 -12.42 -36.43
N VAL G 195 68.91 -11.91 -35.30
CA VAL G 195 69.53 -12.72 -34.26
C VAL G 195 68.91 -12.34 -32.92
N SER G 196 68.94 -13.27 -31.98
CA SER G 196 68.31 -13.06 -30.69
C SER G 196 68.99 -13.91 -29.64
N PHE G 197 68.81 -13.52 -28.38
CA PHE G 197 69.31 -14.25 -27.23
C PHE G 197 68.16 -14.47 -26.25
N ASN G 198 67.99 -15.71 -25.81
CA ASN G 198 66.91 -16.04 -24.89
C ASN G 198 67.39 -17.11 -23.93
N ASN G 199 66.75 -17.15 -22.76
CA ASN G 199 67.07 -18.12 -21.72
C ASN G 199 65.80 -18.77 -21.17
N ALA G 200 64.80 -18.95 -22.03
CA ALA G 200 63.56 -19.62 -21.66
C ALA G 200 63.63 -21.14 -21.83
N LYS G 201 64.78 -21.67 -22.26
CA LYS G 201 64.94 -23.09 -22.51
C LYS G 201 66.12 -23.62 -21.69
N GLU G 202 66.00 -24.89 -21.28
CA GLU G 202 66.94 -25.49 -20.34
C GLU G 202 68.21 -26.00 -20.99
N SER G 203 68.26 -26.15 -22.31
CA SER G 203 69.41 -26.72 -22.99
C SER G 203 69.96 -25.75 -24.03
N LYS G 204 71.29 -25.68 -24.10
CA LYS G 204 71.94 -24.88 -25.13
C LYS G 204 71.76 -25.46 -26.51
N GLU G 205 71.47 -26.77 -26.61
CA GLU G 205 71.24 -27.41 -27.90
C GLU G 205 70.00 -26.87 -28.60
N ALA G 206 68.98 -26.46 -27.85
CA ALA G 206 67.77 -25.92 -28.47
C ALA G 206 68.06 -24.59 -29.17
N SER G 207 69.10 -23.88 -28.74
CA SER G 207 69.49 -22.65 -29.41
C SER G 207 70.02 -22.89 -30.82
N ARG G 208 70.46 -24.12 -31.11
CA ARG G 208 70.95 -24.47 -32.45
C ARG G 208 69.78 -24.99 -33.29
N ARG G 209 68.93 -24.05 -33.71
CA ARG G 209 67.77 -24.40 -34.51
C ARG G 209 67.39 -23.22 -35.39
N VAL G 210 66.61 -23.50 -36.44
CA VAL G 210 66.06 -22.49 -37.32
C VAL G 210 64.54 -22.52 -37.14
N GLU G 211 63.92 -21.35 -37.25
CA GLU G 211 62.49 -21.24 -37.00
C GLU G 211 61.91 -20.17 -37.91
N LEU G 212 60.69 -20.43 -38.38
CA LEU G 212 59.94 -19.49 -39.20
C LEU G 212 58.88 -18.83 -38.33
N ARG G 213 58.81 -17.50 -38.40
CA ARG G 213 57.86 -16.71 -37.62
C ARG G 213 57.24 -15.66 -38.53
N MET G 214 55.98 -15.87 -38.91
CA MET G 214 55.24 -14.89 -39.69
C MET G 214 54.64 -13.84 -38.76
N GLN G 215 54.51 -12.62 -39.27
CA GLN G 215 53.90 -11.52 -38.53
C GLN G 215 52.94 -10.78 -39.43
N PHE G 216 51.96 -10.13 -38.81
CA PHE G 216 50.78 -9.62 -39.50
C PHE G 216 50.72 -8.10 -39.40
N PHE G 217 49.87 -7.50 -40.23
CA PHE G 217 49.65 -6.07 -40.20
C PHE G 217 48.99 -5.66 -38.89
N GLY G 218 49.21 -4.40 -38.50
CA GLY G 218 48.48 -3.82 -37.40
C GLY G 218 47.07 -3.42 -37.81
N LEU G 219 46.25 -3.13 -36.80
CA LEU G 219 44.87 -2.76 -37.07
C LEU G 219 44.79 -1.43 -37.83
N LYS G 220 45.75 -0.55 -37.61
CA LYS G 220 45.82 0.73 -38.32
C LYS G 220 46.73 0.69 -39.54
N ASP G 221 47.35 -0.46 -39.85
CA ASP G 221 48.19 -0.55 -41.03
C ASP G 221 47.36 -0.69 -42.29
N LYS G 222 46.59 -1.77 -42.39
CA LYS G 222 45.65 -2.00 -43.50
C LYS G 222 46.38 -2.01 -44.84
N ARG G 223 47.55 -2.62 -44.87
CA ARG G 223 48.28 -2.94 -46.11
C ARG G 223 48.55 -1.68 -46.94
N ASP G 224 49.42 -0.82 -46.39
CA ASP G 224 49.88 0.34 -47.14
C ASP G 224 50.50 -0.10 -48.46
N LYS G 225 50.02 0.49 -49.56
CA LYS G 225 50.45 0.06 -50.88
C LYS G 225 51.85 0.55 -51.22
N ALA G 226 52.26 1.69 -50.66
CA ALA G 226 53.57 2.25 -50.97
C ALA G 226 54.71 1.39 -50.46
N ASP G 227 54.49 0.62 -49.38
CA ASP G 227 55.56 -0.21 -48.84
C ASP G 227 55.93 -1.34 -49.81
N GLU G 228 54.98 -1.82 -50.60
CA GLU G 228 55.27 -2.88 -51.56
C GLU G 228 56.16 -2.36 -52.68
N VAL G 229 57.13 -3.19 -53.07
CA VAL G 229 58.03 -2.88 -54.17
C VAL G 229 57.92 -3.97 -55.22
N ASP G 230 58.70 -3.87 -56.29
CA ASP G 230 58.66 -4.84 -57.37
C ASP G 230 60.07 -5.33 -57.69
N PHE G 231 60.13 -6.54 -58.26
CA PHE G 231 61.37 -7.17 -58.66
C PHE G 231 61.31 -7.56 -60.13
N PRO G 232 62.44 -7.55 -60.83
CA PRO G 232 62.45 -7.93 -62.25
C PRO G 232 62.29 -9.43 -62.40
N PRO G 233 61.85 -9.90 -63.57
CA PRO G 233 61.74 -11.35 -63.80
C PRO G 233 63.11 -12.02 -63.77
N VAL G 234 63.09 -13.30 -63.42
CA VAL G 234 64.33 -14.07 -63.32
C VAL G 234 64.92 -14.25 -64.71
N VAL G 235 66.21 -13.93 -64.85
CA VAL G 235 66.91 -14.07 -66.12
C VAL G 235 67.91 -15.22 -66.01
N ASN G 236 68.40 -15.47 -64.80
CA ASN G 236 69.34 -16.56 -64.57
C ASN G 236 69.04 -17.21 -63.23
N LYS G 237 69.32 -18.50 -63.14
CA LYS G 237 69.09 -19.23 -61.91
C LYS G 237 70.03 -18.76 -60.80
N GLU G 238 69.49 -18.62 -59.60
CA GLU G 238 70.28 -18.20 -58.46
C GLU G 238 71.25 -19.30 -58.04
N VAL G 239 72.45 -18.87 -57.63
CA VAL G 239 73.50 -19.78 -57.17
C VAL G 239 73.94 -19.33 -55.79
N CYS G 240 73.92 -20.26 -54.84
CA CYS G 240 74.34 -19.95 -53.48
C CYS G 240 75.85 -19.68 -53.43
N GLN G 241 76.23 -18.70 -52.61
CA GLN G 241 77.63 -18.31 -52.49
C GLN G 241 78.30 -18.90 -51.24
N LEU G 242 77.57 -19.66 -50.43
CA LEU G 242 78.18 -20.31 -49.29
C LEU G 242 78.99 -21.51 -49.73
N VAL G 243 79.99 -21.86 -48.92
CA VAL G 243 80.89 -22.96 -49.23
C VAL G 243 80.21 -24.27 -48.83
N MET G 244 79.60 -24.93 -49.80
CA MET G 244 78.96 -26.22 -49.53
C MET G 244 79.96 -27.29 -49.09
N PRO G 245 81.08 -27.54 -49.79
CA PRO G 245 82.02 -28.56 -49.29
C PRO G 245 82.64 -28.20 -47.95
N LEU G 246 82.78 -26.91 -47.64
CA LEU G 246 83.35 -26.46 -46.38
C LEU G 246 84.76 -27.02 -46.17
#